data_1KNX
#
_entry.id   1KNX
#
_cell.length_a   117.734
_cell.length_b   127.845
_cell.length_c   170.772
_cell.angle_alpha   90.00
_cell.angle_beta   90.00
_cell.angle_gamma   90.00
#
_symmetry.space_group_name_H-M   'P 21 21 21'
#
loop_
_entity.id
_entity.type
_entity.pdbx_description
1 polymer 'Probable HPr(Ser) kinase/phosphatase'
2 water water
#
_entity_poly.entity_id   1
_entity_poly.type   'polypeptide(L)'
_entity_poly.pdbx_seq_one_letter_code
;MKKLLVKELIEQFQDCVNLIDGHTNTSNVIRVPGLKRVVFEMLGLFSSQIGSVAILGKREFGFLSQKTLVEQQQILHNLL
KLNPPAIILTKSFTDPTVLLQVNQTYQVPILKTDFFSTELSFTVETYINEQFATVAQIHGVLLEVFGVGVLLTGRSGIGK
SECALDLINKNHLFVGDDAIEIYRLGNRLFGRAQEVAKKFMEIRGLGIINVERFYGLQITKQRTEIQLMVNLLSLEKQTT
VTFERLGTELKKQRLLGVDLSFYEIPISPGRKTSEIIESAVIDFKLKHSGYNSALDFIENQKAILKRKKDES
;
_entity_poly.pdbx_strand_id   A,B,C,D,E,F
#
# COMPACT_ATOMS: atom_id res chain seq x y z
N MET A 1 -26.09 -28.88 -21.02
CA MET A 1 -25.08 -29.40 -20.05
C MET A 1 -24.00 -30.22 -20.75
N LYS A 2 -22.75 -29.85 -20.51
CA LYS A 2 -21.61 -30.55 -21.11
C LYS A 2 -21.68 -32.03 -20.74
N LYS A 3 -22.03 -32.86 -21.71
CA LYS A 3 -22.14 -34.30 -21.47
C LYS A 3 -20.92 -34.80 -20.72
N LEU A 4 -21.16 -35.69 -19.75
CA LEU A 4 -20.07 -36.24 -18.95
C LEU A 4 -19.73 -37.64 -19.44
N LEU A 5 -18.78 -37.72 -20.35
CA LEU A 5 -18.33 -38.98 -20.92
C LEU A 5 -17.48 -39.76 -19.92
N VAL A 6 -17.58 -41.08 -19.99
CA VAL A 6 -16.82 -41.95 -19.10
C VAL A 6 -15.33 -41.62 -19.19
N LYS A 7 -14.90 -41.23 -20.39
CA LYS A 7 -13.49 -40.90 -20.60
C LYS A 7 -13.04 -39.74 -19.71
N GLU A 8 -13.87 -38.71 -19.60
CA GLU A 8 -13.54 -37.55 -18.78
C GLU A 8 -13.20 -37.98 -17.36
N LEU A 9 -13.84 -39.06 -16.91
CA LEU A 9 -13.60 -39.59 -15.57
C LEU A 9 -12.27 -40.32 -15.55
N ILE A 10 -11.98 -41.06 -16.62
CA ILE A 10 -10.74 -41.81 -16.73
C ILE A 10 -9.56 -40.87 -16.53
N GLU A 11 -9.60 -39.74 -17.22
CA GLU A 11 -8.53 -38.74 -17.13
C GLU A 11 -8.77 -37.79 -15.96
N GLN A 12 -9.66 -38.17 -15.06
CA GLN A 12 -9.97 -37.33 -13.90
C GLN A 12 -9.43 -37.99 -12.64
N PHE A 13 -9.36 -39.31 -12.65
CA PHE A 13 -8.85 -40.06 -11.51
C PHE A 13 -8.02 -41.25 -11.99
N GLN A 14 -7.23 -41.01 -13.03
CA GLN A 14 -6.37 -42.04 -13.60
C GLN A 14 -5.32 -42.48 -12.58
N ASP A 15 -5.21 -41.73 -11.49
CA ASP A 15 -4.24 -42.06 -10.44
C ASP A 15 -4.89 -43.01 -9.44
N CYS A 16 -6.08 -43.51 -9.77
CA CYS A 16 -6.79 -44.41 -8.89
C CYS A 16 -7.57 -45.46 -9.67
N VAL A 17 -7.81 -45.21 -10.95
CA VAL A 17 -8.55 -46.15 -11.79
C VAL A 17 -7.65 -46.83 -12.81
N ASN A 18 -8.21 -47.77 -13.55
CA ASN A 18 -7.45 -48.50 -14.56
C ASN A 18 -8.39 -49.18 -15.56
N LEU A 19 -8.66 -48.49 -16.66
CA LEU A 19 -9.55 -49.01 -17.68
C LEU A 19 -9.11 -50.37 -18.24
N ILE A 20 -9.98 -51.37 -18.09
CA ILE A 20 -9.71 -52.72 -18.57
C ILE A 20 -11.00 -53.32 -19.11
N ASP A 21 -10.93 -53.91 -20.30
CA ASP A 21 -12.12 -54.51 -20.93
C ASP A 21 -13.13 -53.42 -21.30
N GLY A 22 -13.67 -53.50 -22.50
CA GLY A 22 -14.65 -52.51 -22.94
C GLY A 22 -14.09 -51.11 -23.10
N HIS A 23 -13.24 -50.92 -24.10
CA HIS A 23 -12.65 -49.61 -24.36
C HIS A 23 -13.37 -48.98 -25.54
N THR A 24 -14.43 -49.64 -25.98
CA THR A 24 -15.23 -49.19 -27.11
C THR A 24 -16.36 -48.26 -26.68
N ASN A 25 -16.87 -48.46 -25.48
CA ASN A 25 -17.97 -47.65 -24.98
C ASN A 25 -17.54 -46.53 -24.03
N THR A 26 -16.26 -46.15 -24.09
CA THR A 26 -15.74 -45.08 -23.24
C THR A 26 -16.31 -43.75 -23.70
N SER A 27 -16.76 -43.73 -24.95
CA SER A 27 -17.35 -42.53 -25.52
C SER A 27 -18.81 -42.43 -25.10
N ASN A 28 -19.18 -43.20 -24.08
CA ASN A 28 -20.56 -43.18 -23.58
C ASN A 28 -20.76 -42.05 -22.59
N VAL A 29 -21.98 -41.55 -22.51
CA VAL A 29 -22.29 -40.45 -21.61
C VAL A 29 -22.86 -40.91 -20.27
N ILE A 30 -22.82 -40.01 -19.30
CA ILE A 30 -23.35 -40.29 -17.97
C ILE A 30 -24.63 -39.47 -17.84
N ARG A 31 -25.77 -40.15 -17.90
CA ARG A 31 -27.08 -39.50 -17.83
C ARG A 31 -27.59 -39.32 -16.40
N VAL A 32 -26.99 -40.04 -15.45
CA VAL A 32 -27.41 -39.95 -14.07
C VAL A 32 -26.25 -39.80 -13.09
N PRO A 33 -26.38 -38.87 -12.13
CA PRO A 33 -25.33 -38.63 -11.13
C PRO A 33 -25.29 -39.71 -10.06
N GLY A 34 -24.21 -39.75 -9.29
CA GLY A 34 -24.06 -40.73 -8.23
C GLY A 34 -23.48 -42.07 -8.63
N LEU A 35 -23.15 -42.88 -7.63
CA LEU A 35 -22.60 -44.21 -7.85
C LEU A 35 -23.62 -45.25 -7.41
N LYS A 36 -24.61 -45.49 -8.28
CA LYS A 36 -25.70 -46.43 -7.99
C LYS A 36 -25.32 -47.90 -7.77
N ARG A 37 -25.99 -48.52 -6.80
CA ARG A 37 -25.81 -49.94 -6.49
C ARG A 37 -26.85 -50.63 -7.36
N VAL A 38 -26.50 -51.75 -7.96
CA VAL A 38 -27.43 -52.44 -8.84
C VAL A 38 -27.88 -53.81 -8.36
N VAL A 39 -28.11 -53.95 -7.06
CA VAL A 39 -28.55 -55.21 -6.51
C VAL A 39 -29.94 -55.57 -7.06
N PHE A 40 -30.78 -54.56 -7.34
CA PHE A 40 -32.11 -54.82 -7.89
C PHE A 40 -31.97 -55.30 -9.33
N GLU A 41 -31.14 -54.59 -10.08
CA GLU A 41 -30.87 -54.89 -11.47
C GLU A 41 -30.34 -56.31 -11.64
N MET A 42 -29.36 -56.65 -10.81
CA MET A 42 -28.74 -57.98 -10.85
C MET A 42 -29.74 -59.13 -10.69
N LEU A 43 -30.59 -59.05 -9.68
CA LEU A 43 -31.58 -60.10 -9.41
C LEU A 43 -32.74 -60.04 -10.39
N GLY A 44 -32.73 -59.06 -11.27
CA GLY A 44 -33.80 -58.94 -12.25
C GLY A 44 -35.03 -58.22 -11.74
N LEU A 45 -35.02 -57.87 -10.46
CA LEU A 45 -36.15 -57.17 -9.85
C LEU A 45 -36.43 -55.88 -10.59
N PHE A 46 -35.35 -55.16 -10.91
CA PHE A 46 -35.45 -53.90 -11.63
C PHE A 46 -35.05 -54.10 -13.08
N SER A 47 -35.92 -53.65 -13.99
CA SER A 47 -35.66 -53.79 -15.41
C SER A 47 -35.68 -52.47 -16.15
N SER A 48 -34.81 -51.54 -15.76
CA SER A 48 -34.71 -50.24 -16.41
C SER A 48 -33.27 -49.91 -16.78
N GLN A 49 -33.10 -49.20 -17.88
CA GLN A 49 -31.78 -48.82 -18.36
C GLN A 49 -31.01 -48.04 -17.30
N ILE A 50 -29.77 -48.44 -17.05
CA ILE A 50 -28.93 -47.78 -16.07
C ILE A 50 -28.37 -46.51 -16.71
N GLY A 51 -28.58 -45.36 -16.06
CA GLY A 51 -28.09 -44.12 -16.61
C GLY A 51 -26.87 -43.57 -15.87
N SER A 52 -26.47 -44.22 -14.80
CA SER A 52 -25.33 -43.76 -14.01
C SER A 52 -24.27 -44.84 -13.81
N VAL A 53 -23.08 -44.40 -13.40
CA VAL A 53 -21.97 -45.31 -13.15
C VAL A 53 -22.31 -46.31 -12.07
N ALA A 54 -22.43 -47.58 -12.43
CA ALA A 54 -22.75 -48.61 -11.46
C ALA A 54 -21.52 -48.94 -10.63
N ILE A 55 -21.66 -49.84 -9.67
CA ILE A 55 -20.53 -50.23 -8.83
C ILE A 55 -20.71 -51.60 -8.18
N LEU A 56 -19.70 -52.44 -8.32
CA LEU A 56 -19.70 -53.78 -7.75
C LEU A 56 -18.64 -53.81 -6.66
N GLY A 57 -19.09 -53.83 -5.41
CA GLY A 57 -18.16 -53.85 -4.30
C GLY A 57 -17.99 -55.20 -3.64
N LYS A 58 -17.46 -55.17 -2.42
CA LYS A 58 -17.22 -56.37 -1.64
C LYS A 58 -18.51 -57.17 -1.49
N ARG A 59 -19.58 -56.48 -1.10
CA ARG A 59 -20.87 -57.12 -0.91
C ARG A 59 -21.32 -57.91 -2.13
N GLU A 60 -21.48 -57.23 -3.26
CA GLU A 60 -21.93 -57.91 -4.48
C GLU A 60 -20.95 -58.95 -5.00
N PHE A 61 -19.73 -58.97 -4.47
CA PHE A 61 -18.75 -59.95 -4.91
C PHE A 61 -18.96 -61.27 -4.20
N GLY A 62 -18.90 -61.24 -2.87
CA GLY A 62 -19.09 -62.45 -2.09
C GLY A 62 -20.45 -63.08 -2.35
N PHE A 63 -21.37 -62.30 -2.92
CA PHE A 63 -22.71 -62.79 -3.22
C PHE A 63 -22.67 -63.72 -4.43
N LEU A 64 -21.75 -63.43 -5.35
CA LEU A 64 -21.57 -64.22 -6.56
C LEU A 64 -20.48 -65.26 -6.30
N SER A 65 -19.66 -64.99 -5.30
CA SER A 65 -18.57 -65.89 -4.91
C SER A 65 -19.13 -67.00 -4.04
N GLN A 66 -20.32 -67.47 -4.41
CA GLN A 66 -21.01 -68.55 -3.69
C GLN A 66 -22.12 -69.05 -4.59
N LYS A 67 -22.46 -68.27 -5.60
CA LYS A 67 -23.51 -68.63 -6.56
C LYS A 67 -22.90 -69.53 -7.63
N THR A 68 -23.72 -70.41 -8.20
CA THR A 68 -23.23 -71.31 -9.24
C THR A 68 -22.75 -70.50 -10.43
N LEU A 69 -21.97 -71.14 -11.29
CA LEU A 69 -21.42 -70.49 -12.47
C LEU A 69 -22.52 -70.21 -13.49
N VAL A 70 -23.62 -70.96 -13.37
CA VAL A 70 -24.77 -70.81 -14.25
C VAL A 70 -25.64 -69.65 -13.77
N GLU A 71 -25.48 -69.31 -12.50
CA GLU A 71 -26.22 -68.22 -11.89
C GLU A 71 -25.44 -66.90 -12.03
N GLN A 72 -24.13 -66.96 -11.86
CA GLN A 72 -23.30 -65.75 -11.99
C GLN A 72 -23.49 -65.11 -13.34
N GLN A 73 -23.68 -65.94 -14.36
CA GLN A 73 -23.90 -65.46 -15.72
C GLN A 73 -25.38 -65.12 -15.88
N GLN A 74 -26.19 -65.60 -14.94
CA GLN A 74 -27.63 -65.36 -14.96
C GLN A 74 -27.97 -64.10 -14.15
N ILE A 75 -26.93 -63.41 -13.68
CA ILE A 75 -27.08 -62.19 -12.91
C ILE A 75 -26.29 -61.06 -13.58
N LEU A 76 -25.04 -61.36 -13.91
CA LEU A 76 -24.17 -60.38 -14.57
C LEU A 76 -24.75 -60.00 -15.92
N HIS A 77 -25.65 -60.83 -16.43
CA HIS A 77 -26.28 -60.59 -17.71
C HIS A 77 -27.45 -59.62 -17.56
N ASN A 78 -28.19 -59.78 -16.47
CA ASN A 78 -29.35 -58.91 -16.20
C ASN A 78 -28.91 -57.48 -15.91
N LEU A 79 -27.62 -57.31 -15.62
CA LEU A 79 -27.06 -55.99 -15.32
C LEU A 79 -26.52 -55.31 -16.57
N LEU A 80 -25.51 -55.91 -17.19
CA LEU A 80 -24.88 -55.37 -18.37
C LEU A 80 -25.86 -55.20 -19.54
N LYS A 81 -26.98 -55.91 -19.46
CA LYS A 81 -28.00 -55.82 -20.50
C LYS A 81 -28.65 -54.45 -20.53
N LEU A 82 -28.89 -53.89 -19.36
CA LEU A 82 -29.51 -52.57 -19.23
C LEU A 82 -28.60 -51.45 -19.76
N ASN A 83 -27.42 -51.83 -20.21
CA ASN A 83 -26.46 -50.90 -20.77
C ASN A 83 -25.97 -49.80 -19.82
N PRO A 84 -25.34 -50.20 -18.70
CA PRO A 84 -24.84 -49.20 -17.75
C PRO A 84 -23.61 -48.52 -18.35
N PRO A 85 -23.44 -47.21 -18.11
CA PRO A 85 -22.29 -46.47 -18.64
C PRO A 85 -20.93 -47.05 -18.24
N ALA A 86 -20.74 -47.24 -16.95
CA ALA A 86 -19.47 -47.79 -16.46
C ALA A 86 -19.71 -48.70 -15.26
N ILE A 87 -18.72 -49.53 -14.94
CA ILE A 87 -18.82 -50.44 -13.81
C ILE A 87 -17.53 -50.39 -13.00
N ILE A 88 -17.45 -49.47 -12.06
CA ILE A 88 -16.27 -49.33 -11.22
C ILE A 88 -16.18 -50.49 -10.22
N LEU A 89 -14.99 -51.07 -10.11
CA LEU A 89 -14.76 -52.20 -9.20
C LEU A 89 -13.83 -51.79 -8.06
N THR A 90 -14.21 -52.14 -6.83
CA THR A 90 -13.39 -51.81 -5.67
C THR A 90 -12.35 -52.90 -5.46
N LYS A 91 -11.35 -52.61 -4.62
CA LYS A 91 -10.31 -53.59 -4.35
C LYS A 91 -10.90 -54.86 -3.74
N SER A 92 -11.90 -54.68 -2.88
CA SER A 92 -12.56 -55.80 -2.22
C SER A 92 -13.44 -56.59 -3.19
N PHE A 93 -13.08 -56.59 -4.47
CA PHE A 93 -13.83 -57.30 -5.48
C PHE A 93 -12.92 -58.33 -6.18
N THR A 94 -12.03 -57.83 -7.02
CA THR A 94 -11.07 -58.64 -7.77
C THR A 94 -11.68 -59.86 -8.48
N ASP A 95 -10.83 -60.55 -9.23
CA ASP A 95 -11.24 -61.74 -9.99
C ASP A 95 -12.47 -61.47 -10.86
N PRO A 96 -12.36 -60.53 -11.82
CA PRO A 96 -13.46 -60.20 -12.72
C PRO A 96 -13.70 -61.28 -13.76
N THR A 97 -13.49 -62.52 -13.35
CA THR A 97 -13.68 -63.68 -14.20
C THR A 97 -14.94 -63.65 -15.05
N VAL A 98 -16.05 -64.12 -14.48
CA VAL A 98 -17.34 -64.16 -15.17
C VAL A 98 -17.76 -62.76 -15.64
N LEU A 99 -17.23 -61.74 -14.98
CA LEU A 99 -17.54 -60.35 -15.33
C LEU A 99 -17.08 -60.04 -16.73
N LEU A 100 -15.78 -60.20 -16.97
CA LEU A 100 -15.19 -59.92 -18.28
C LEU A 100 -15.72 -60.91 -19.31
N GLN A 101 -16.27 -62.03 -18.82
CA GLN A 101 -16.83 -63.06 -19.69
C GLN A 101 -18.10 -62.60 -20.40
N VAL A 102 -19.18 -62.47 -19.64
CA VAL A 102 -20.47 -62.04 -20.18
C VAL A 102 -20.40 -60.66 -20.82
N ASN A 103 -19.37 -59.90 -20.47
CA ASN A 103 -19.19 -58.55 -21.00
C ASN A 103 -18.57 -58.58 -22.38
N GLN A 104 -18.30 -59.79 -22.89
CA GLN A 104 -17.72 -59.95 -24.21
C GLN A 104 -18.75 -59.64 -25.30
N THR A 105 -20.02 -59.62 -24.91
CA THR A 105 -21.10 -59.34 -25.85
C THR A 105 -21.73 -57.98 -25.56
N TYR A 106 -21.15 -57.24 -24.62
CA TYR A 106 -21.63 -55.91 -24.24
C TYR A 106 -20.50 -54.90 -24.34
N GLN A 107 -19.29 -55.36 -24.05
CA GLN A 107 -18.09 -54.54 -24.11
C GLN A 107 -18.25 -53.24 -23.33
N VAL A 108 -18.98 -53.29 -22.23
CA VAL A 108 -19.18 -52.12 -21.39
C VAL A 108 -17.92 -51.84 -20.58
N PRO A 109 -17.49 -50.58 -20.54
CA PRO A 109 -16.28 -50.19 -19.80
C PRO A 109 -16.33 -50.52 -18.32
N ILE A 110 -15.23 -51.05 -17.80
CA ILE A 110 -15.12 -51.42 -16.40
C ILE A 110 -13.81 -50.88 -15.85
N LEU A 111 -13.79 -50.51 -14.58
CA LEU A 111 -12.57 -49.98 -13.98
C LEU A 111 -12.22 -50.63 -12.64
N LYS A 112 -11.01 -50.39 -12.17
CA LYS A 112 -10.54 -50.90 -10.89
C LYS A 112 -10.05 -49.72 -10.06
N THR A 113 -10.45 -49.67 -8.80
CA THR A 113 -10.07 -48.56 -7.93
C THR A 113 -9.36 -49.05 -6.68
N ASP A 114 -8.24 -48.41 -6.36
CA ASP A 114 -7.48 -48.76 -5.17
C ASP A 114 -8.24 -48.31 -3.94
N PHE A 115 -9.30 -47.54 -4.15
CA PHE A 115 -10.13 -47.03 -3.07
C PHE A 115 -11.18 -48.08 -2.69
N PHE A 116 -11.89 -47.85 -1.60
CA PHE A 116 -12.93 -48.76 -1.17
C PHE A 116 -14.27 -48.03 -1.13
N SER A 117 -15.34 -48.80 -0.99
CA SER A 117 -16.69 -48.24 -0.95
C SER A 117 -16.78 -46.95 -0.15
N THR A 118 -16.08 -46.90 0.97
CA THR A 118 -16.12 -45.73 1.84
C THR A 118 -15.37 -44.51 1.30
N GLU A 119 -14.33 -44.76 0.52
CA GLU A 119 -13.51 -43.68 -0.02
C GLU A 119 -14.05 -43.12 -1.34
N LEU A 120 -15.28 -43.47 -1.67
CA LEU A 120 -15.91 -42.99 -2.90
C LEU A 120 -16.97 -41.93 -2.66
N SER A 121 -17.31 -41.67 -1.39
CA SER A 121 -18.31 -40.66 -1.06
C SER A 121 -17.76 -39.26 -1.29
N PHE A 122 -16.52 -39.03 -0.85
CA PHE A 122 -15.87 -37.73 -1.00
C PHE A 122 -14.89 -37.67 -2.16
N THR A 123 -15.11 -38.48 -3.19
CA THR A 123 -14.25 -38.48 -4.36
C THR A 123 -15.05 -38.57 -5.65
N VAL A 124 -15.22 -39.79 -6.15
CA VAL A 124 -15.95 -40.01 -7.39
C VAL A 124 -17.40 -39.50 -7.30
N GLU A 125 -18.08 -39.90 -6.24
CA GLU A 125 -19.48 -39.53 -5.99
C GLU A 125 -19.71 -38.02 -6.10
N THR A 126 -19.04 -37.27 -5.22
CA THR A 126 -19.17 -35.81 -5.18
C THR A 126 -18.90 -35.14 -6.53
N TYR A 127 -17.75 -35.45 -7.13
CA TYR A 127 -17.39 -34.86 -8.42
C TYR A 127 -18.52 -35.01 -9.44
N ILE A 128 -19.00 -36.25 -9.60
CA ILE A 128 -20.06 -36.55 -10.56
C ILE A 128 -21.34 -35.72 -10.30
N ASN A 129 -21.76 -35.67 -9.05
CA ASN A 129 -22.97 -34.94 -8.70
C ASN A 129 -22.95 -33.45 -8.97
N GLU A 130 -21.78 -32.83 -8.90
CA GLU A 130 -21.70 -31.40 -9.15
C GLU A 130 -21.99 -31.11 -10.63
N GLN A 131 -21.58 -32.02 -11.51
CA GLN A 131 -21.83 -31.85 -12.95
C GLN A 131 -23.32 -31.74 -13.24
N PHE A 132 -24.12 -32.48 -12.49
CA PHE A 132 -25.56 -32.49 -12.70
C PHE A 132 -26.30 -31.41 -11.91
N ALA A 133 -25.58 -30.58 -11.18
CA ALA A 133 -26.22 -29.53 -10.41
C ALA A 133 -27.08 -28.67 -11.32
N THR A 134 -28.17 -28.15 -10.79
CA THR A 134 -29.08 -27.31 -11.56
C THR A 134 -28.60 -25.87 -11.50
N VAL A 135 -27.86 -25.47 -12.52
CA VAL A 135 -27.32 -24.12 -12.57
C VAL A 135 -28.31 -23.11 -13.13
N ALA A 136 -28.33 -21.93 -12.52
CA ALA A 136 -29.19 -20.84 -12.93
C ALA A 136 -28.33 -19.64 -13.29
N GLN A 137 -28.58 -19.06 -14.47
CA GLN A 137 -27.84 -17.90 -14.95
C GLN A 137 -28.42 -16.60 -14.39
N ILE A 138 -27.56 -15.73 -13.86
CA ILE A 138 -28.01 -14.45 -13.31
C ILE A 138 -27.02 -13.36 -13.69
N HIS A 139 -27.29 -12.13 -13.26
CA HIS A 139 -26.42 -11.01 -13.55
C HIS A 139 -25.88 -10.43 -12.25
N GLY A 140 -24.56 -10.31 -12.18
CA GLY A 140 -23.95 -9.75 -11.00
C GLY A 140 -22.47 -10.02 -11.01
N VAL A 141 -21.80 -9.70 -9.90
CA VAL A 141 -20.38 -9.89 -9.78
C VAL A 141 -20.08 -10.87 -8.68
N LEU A 142 -19.20 -11.83 -8.95
CA LEU A 142 -18.84 -12.80 -7.93
C LEU A 142 -17.42 -12.59 -7.45
N LEU A 143 -17.24 -12.50 -6.14
CA LEU A 143 -15.93 -12.29 -5.55
C LEU A 143 -15.84 -13.04 -4.23
N GLU A 144 -14.62 -13.24 -3.75
CA GLU A 144 -14.45 -13.87 -2.48
C GLU A 144 -13.66 -12.83 -1.68
N VAL A 145 -14.29 -12.27 -0.66
CA VAL A 145 -13.65 -11.26 0.18
C VAL A 145 -13.48 -11.78 1.60
N PHE A 146 -12.23 -11.71 2.09
CA PHE A 146 -11.91 -12.19 3.44
C PHE A 146 -12.49 -13.60 3.62
N GLY A 147 -12.34 -14.45 2.60
CA GLY A 147 -12.83 -15.81 2.67
C GLY A 147 -14.32 -16.00 2.51
N VAL A 148 -15.07 -14.92 2.30
CA VAL A 148 -16.51 -15.02 2.15
C VAL A 148 -17.03 -14.76 0.72
N GLY A 149 -17.76 -15.72 0.16
CA GLY A 149 -18.30 -15.56 -1.18
C GLY A 149 -19.30 -14.44 -1.19
N VAL A 150 -19.10 -13.47 -2.08
CA VAL A 150 -19.99 -12.31 -2.16
C VAL A 150 -20.58 -12.15 -3.59
N LEU A 151 -21.89 -11.87 -3.65
CA LEU A 151 -22.59 -11.65 -4.91
C LEU A 151 -23.00 -10.19 -4.95
N LEU A 152 -22.45 -9.48 -5.94
CA LEU A 152 -22.72 -8.06 -6.12
C LEU A 152 -23.81 -7.89 -7.16
N THR A 153 -24.95 -7.35 -6.73
CA THR A 153 -26.04 -7.14 -7.67
C THR A 153 -26.27 -5.66 -7.90
N GLY A 154 -27.04 -5.32 -8.93
CA GLY A 154 -27.31 -3.94 -9.25
C GLY A 154 -27.53 -3.70 -10.71
N ARG A 155 -27.98 -2.49 -11.07
CA ARG A 155 -28.22 -2.19 -12.48
C ARG A 155 -26.94 -2.18 -13.29
N SER A 156 -27.06 -2.56 -14.56
CA SER A 156 -25.93 -2.63 -15.47
C SER A 156 -25.14 -1.32 -15.54
N GLY A 157 -23.82 -1.45 -15.54
CA GLY A 157 -22.95 -0.29 -15.62
C GLY A 157 -23.21 0.80 -14.59
N ILE A 158 -22.77 0.58 -13.35
CA ILE A 158 -22.93 1.57 -12.29
C ILE A 158 -21.70 1.56 -11.36
N GLY A 159 -20.72 0.73 -11.70
CA GLY A 159 -19.51 0.66 -10.89
C GLY A 159 -19.13 -0.74 -10.41
N LYS A 160 -20.10 -1.64 -10.41
CA LYS A 160 -19.88 -3.01 -9.94
C LYS A 160 -18.56 -3.61 -10.43
N SER A 161 -18.35 -3.59 -11.74
CA SER A 161 -17.12 -4.16 -12.29
C SER A 161 -15.87 -3.44 -11.80
N GLU A 162 -15.91 -2.13 -11.70
CA GLU A 162 -14.75 -1.39 -11.24
C GLU A 162 -14.49 -1.69 -9.76
N CYS A 163 -15.57 -1.82 -9.00
CA CYS A 163 -15.51 -2.11 -7.59
C CYS A 163 -14.71 -3.41 -7.35
N ALA A 164 -15.00 -4.43 -8.15
CA ALA A 164 -14.29 -5.70 -8.05
C ALA A 164 -12.80 -5.48 -8.33
N LEU A 165 -12.49 -4.60 -9.26
CA LEU A 165 -11.10 -4.32 -9.57
C LEU A 165 -10.37 -3.83 -8.33
N ASP A 166 -10.95 -2.85 -7.62
CA ASP A 166 -10.36 -2.34 -6.40
C ASP A 166 -10.17 -3.47 -5.38
N LEU A 167 -11.21 -4.28 -5.20
CA LEU A 167 -11.16 -5.39 -4.27
C LEU A 167 -9.97 -6.28 -4.62
N ILE A 168 -9.88 -6.62 -5.89
CA ILE A 168 -8.78 -7.45 -6.38
C ILE A 168 -7.42 -6.84 -6.02
N ASN A 169 -7.30 -5.52 -6.06
CA ASN A 169 -6.04 -4.90 -5.69
C ASN A 169 -5.81 -4.92 -4.20
N LYS A 170 -6.77 -5.40 -3.41
CA LYS A 170 -6.55 -5.51 -1.96
C LYS A 170 -6.39 -6.99 -1.66
N ASN A 171 -6.08 -7.74 -2.73
CA ASN A 171 -5.87 -9.18 -2.69
C ASN A 171 -7.11 -10.06 -2.52
N HIS A 172 -8.30 -9.54 -2.80
CA HIS A 172 -9.49 -10.38 -2.73
C HIS A 172 -9.58 -11.07 -4.08
N LEU A 173 -10.37 -12.15 -4.15
CA LEU A 173 -10.50 -12.95 -5.35
C LEU A 173 -11.71 -12.65 -6.25
N PHE A 174 -11.48 -12.77 -7.56
CA PHE A 174 -12.49 -12.53 -8.60
C PHE A 174 -12.96 -13.84 -9.24
N VAL A 175 -14.27 -14.07 -9.21
CA VAL A 175 -14.86 -15.27 -9.79
C VAL A 175 -15.44 -15.00 -11.18
N GLY A 176 -16.27 -13.98 -11.28
CA GLY A 176 -16.87 -13.66 -12.55
C GLY A 176 -17.59 -12.32 -12.57
N ASP A 177 -17.83 -11.82 -13.77
CA ASP A 177 -18.49 -10.54 -13.93
C ASP A 177 -19.64 -10.66 -14.91
N ASP A 178 -20.79 -10.14 -14.52
CA ASP A 178 -22.01 -10.14 -15.34
C ASP A 178 -22.60 -11.50 -15.73
N ALA A 179 -22.01 -12.18 -16.70
CA ALA A 179 -22.53 -13.47 -17.14
C ALA A 179 -22.12 -14.61 -16.19
N ILE A 180 -22.72 -14.65 -15.00
CA ILE A 180 -22.39 -15.67 -14.03
C ILE A 180 -23.49 -16.70 -13.81
N GLU A 181 -23.18 -17.76 -13.08
CA GLU A 181 -24.17 -18.79 -12.81
C GLU A 181 -24.07 -19.33 -11.39
N ILE A 182 -25.20 -19.77 -10.86
CA ILE A 182 -25.22 -20.29 -9.51
C ILE A 182 -25.92 -21.64 -9.45
N TYR A 183 -25.71 -22.33 -8.35
CA TYR A 183 -26.29 -23.65 -8.14
C TYR A 183 -26.11 -24.08 -6.69
N ARG A 184 -27.08 -24.84 -6.23
CA ARG A 184 -27.09 -25.33 -4.87
C ARG A 184 -26.50 -26.74 -4.75
N LEU A 185 -25.57 -26.93 -3.81
CA LEU A 185 -24.98 -28.24 -3.54
C LEU A 185 -25.35 -28.54 -2.09
N GLY A 186 -26.41 -29.32 -1.92
CA GLY A 186 -26.86 -29.65 -0.58
C GLY A 186 -27.63 -28.52 0.07
N ASN A 187 -26.97 -27.80 0.97
CA ASN A 187 -27.57 -26.69 1.69
C ASN A 187 -26.80 -25.38 1.50
N ARG A 188 -25.81 -25.39 0.60
CA ARG A 188 -24.98 -24.21 0.32
C ARG A 188 -25.13 -23.78 -1.14
N LEU A 189 -25.03 -22.48 -1.38
CA LEU A 189 -25.11 -21.95 -2.74
C LEU A 189 -23.68 -21.63 -3.25
N PHE A 190 -23.38 -22.01 -4.48
CA PHE A 190 -22.07 -21.76 -5.06
C PHE A 190 -22.21 -20.95 -6.34
N GLY A 191 -21.15 -20.21 -6.70
CA GLY A 191 -21.18 -19.41 -7.90
C GLY A 191 -19.90 -19.49 -8.70
N ARG A 192 -20.03 -19.47 -10.03
CA ARG A 192 -18.88 -19.54 -10.91
C ARG A 192 -19.19 -18.70 -12.15
N ALA A 193 -18.17 -18.48 -12.97
CA ALA A 193 -18.36 -17.71 -14.19
C ALA A 193 -18.94 -18.59 -15.28
N GLN A 194 -19.82 -18.03 -16.11
CA GLN A 194 -20.36 -18.80 -17.23
C GLN A 194 -19.19 -19.06 -18.16
N GLU A 195 -19.20 -20.20 -18.85
CA GLU A 195 -18.11 -20.55 -19.76
C GLU A 195 -17.74 -19.40 -20.70
N VAL A 196 -18.75 -18.64 -21.11
CA VAL A 196 -18.50 -17.55 -22.02
C VAL A 196 -17.84 -16.38 -21.31
N ALA A 197 -18.21 -16.15 -20.06
CA ALA A 197 -17.63 -15.03 -19.30
C ALA A 197 -16.16 -15.26 -18.87
N LYS A 198 -15.83 -16.49 -18.45
CA LYS A 198 -14.47 -16.81 -18.00
C LYS A 198 -14.05 -15.79 -16.93
N LYS A 199 -12.95 -15.10 -17.17
CA LYS A 199 -12.49 -14.08 -16.25
C LYS A 199 -12.47 -12.76 -17.01
N PHE A 200 -13.18 -12.73 -18.14
CA PHE A 200 -13.23 -11.49 -18.92
C PHE A 200 -14.17 -10.54 -18.21
N MET A 201 -13.97 -9.25 -18.46
CA MET A 201 -14.78 -8.22 -17.85
C MET A 201 -14.84 -7.00 -18.77
N GLU A 202 -15.98 -6.32 -18.78
CA GLU A 202 -16.18 -5.15 -19.63
C GLU A 202 -16.07 -3.86 -18.82
N ILE A 203 -15.17 -2.99 -19.26
CA ILE A 203 -14.95 -1.70 -18.61
C ILE A 203 -15.29 -0.59 -19.59
N ARG A 204 -16.38 0.11 -19.33
CA ARG A 204 -16.83 1.21 -20.18
C ARG A 204 -15.70 2.19 -20.51
N GLY A 205 -15.48 2.44 -21.80
CA GLY A 205 -14.44 3.36 -22.22
C GLY A 205 -13.21 2.59 -22.63
N LEU A 206 -13.16 1.32 -22.25
CA LEU A 206 -12.03 0.48 -22.55
C LEU A 206 -12.44 -0.77 -23.31
N GLY A 207 -13.55 -1.38 -22.90
CA GLY A 207 -14.01 -2.59 -23.56
C GLY A 207 -13.81 -3.84 -22.73
N ILE A 208 -13.51 -4.94 -23.39
CA ILE A 208 -13.29 -6.20 -22.72
C ILE A 208 -11.87 -6.36 -22.19
N ILE A 209 -11.77 -6.63 -20.88
CA ILE A 209 -10.50 -6.79 -20.21
C ILE A 209 -10.38 -8.20 -19.63
N ASN A 210 -9.17 -8.75 -19.63
CA ASN A 210 -8.95 -10.09 -19.07
C ASN A 210 -8.27 -9.91 -17.69
N VAL A 211 -9.08 -9.85 -16.64
CA VAL A 211 -8.59 -9.66 -15.29
C VAL A 211 -7.39 -10.52 -14.97
N GLU A 212 -7.37 -11.74 -15.48
CA GLU A 212 -6.28 -12.67 -15.25
C GLU A 212 -4.97 -12.13 -15.82
N ARG A 213 -5.01 -11.70 -17.09
CA ARG A 213 -3.83 -11.15 -17.77
C ARG A 213 -3.52 -9.72 -17.33
N PHE A 214 -4.49 -9.07 -16.71
CA PHE A 214 -4.30 -7.71 -16.25
C PHE A 214 -3.71 -7.65 -14.85
N TYR A 215 -4.34 -8.37 -13.92
CA TYR A 215 -3.92 -8.36 -12.52
C TYR A 215 -3.47 -9.67 -11.91
N GLY A 216 -3.33 -10.72 -12.72
CA GLY A 216 -2.84 -11.98 -12.19
C GLY A 216 -3.78 -13.11 -11.86
N LEU A 217 -3.35 -14.30 -12.25
CA LEU A 217 -4.05 -15.54 -12.02
C LEU A 217 -4.35 -15.79 -10.53
N GLN A 218 -3.46 -15.29 -9.68
CA GLN A 218 -3.58 -15.46 -8.24
C GLN A 218 -4.80 -14.81 -7.64
N ILE A 219 -5.29 -13.73 -8.24
CA ILE A 219 -6.47 -13.08 -7.69
C ILE A 219 -7.78 -13.49 -8.37
N THR A 220 -7.76 -14.64 -9.05
CA THR A 220 -8.98 -15.20 -9.68
C THR A 220 -9.23 -16.56 -9.03
N LYS A 221 -10.49 -16.95 -8.96
CA LYS A 221 -10.88 -18.25 -8.36
C LYS A 221 -12.01 -18.83 -9.22
N GLN A 222 -12.01 -20.13 -9.41
CA GLN A 222 -13.02 -20.77 -10.22
C GLN A 222 -14.39 -20.86 -9.54
N ARG A 223 -14.40 -21.20 -8.28
CA ARG A 223 -15.67 -21.35 -7.56
C ARG A 223 -15.66 -20.63 -6.23
N THR A 224 -16.84 -20.30 -5.73
CA THR A 224 -16.97 -19.67 -4.42
C THR A 224 -18.34 -19.98 -3.83
N GLU A 225 -18.38 -20.09 -2.50
CA GLU A 225 -19.62 -20.38 -1.79
C GLU A 225 -20.21 -19.03 -1.47
N ILE A 226 -21.33 -18.70 -2.10
CA ILE A 226 -21.98 -17.41 -1.87
C ILE A 226 -22.67 -17.39 -0.50
N GLN A 227 -22.32 -16.44 0.35
CA GLN A 227 -22.93 -16.32 1.66
C GLN A 227 -23.49 -14.93 1.88
N LEU A 228 -23.11 -14.00 1.02
CA LEU A 228 -23.54 -12.64 1.22
C LEU A 228 -23.95 -12.01 -0.10
N MET A 229 -24.96 -11.16 -0.06
CA MET A 229 -25.45 -10.47 -1.24
C MET A 229 -25.44 -8.95 -0.98
N VAL A 230 -24.86 -8.17 -1.90
CA VAL A 230 -24.83 -6.73 -1.75
C VAL A 230 -25.40 -6.07 -2.98
N ASN A 231 -26.55 -5.43 -2.83
CA ASN A 231 -27.16 -4.74 -3.96
C ASN A 231 -26.67 -3.29 -3.99
N LEU A 232 -26.02 -2.92 -5.09
CA LEU A 232 -25.51 -1.54 -5.23
C LEU A 232 -26.56 -0.66 -5.89
N LEU A 233 -26.97 0.39 -5.19
CA LEU A 233 -27.98 1.31 -5.70
C LEU A 233 -27.41 2.56 -6.38
N SER A 234 -27.91 2.80 -7.58
CA SER A 234 -27.50 3.95 -8.37
C SER A 234 -27.91 5.24 -7.65
N LEU A 235 -27.43 6.37 -8.14
CA LEU A 235 -27.74 7.67 -7.53
C LEU A 235 -29.25 7.95 -7.54
N THR A 242 -34.85 4.92 1.07
CA THR A 242 -33.82 5.28 2.07
C THR A 242 -33.14 4.06 2.68
N PHE A 243 -32.28 4.29 3.67
CA PHE A 243 -31.55 3.20 4.33
C PHE A 243 -31.75 3.20 5.83
N GLU A 244 -31.54 2.04 6.45
CA GLU A 244 -31.68 1.89 7.90
C GLU A 244 -30.54 2.56 8.63
N ARG A 245 -30.85 3.14 9.77
CA ARG A 245 -29.87 3.83 10.60
C ARG A 245 -29.32 2.89 11.66
N LEU A 246 -29.95 1.72 11.77
CA LEU A 246 -29.54 0.71 12.74
C LEU A 246 -29.23 -0.60 12.05
N GLY A 247 -28.57 -1.51 12.77
CA GLY A 247 -28.23 -2.80 12.20
C GLY A 247 -28.63 -3.96 13.10
N THR A 248 -29.66 -3.73 13.92
CA THR A 248 -30.16 -4.76 14.83
C THR A 248 -30.83 -5.88 14.04
N GLU A 249 -31.67 -5.50 13.10
CA GLU A 249 -32.38 -6.46 12.27
C GLU A 249 -31.54 -6.84 11.07
N LEU A 250 -31.01 -8.07 11.08
CA LEU A 250 -30.19 -8.54 9.98
C LEU A 250 -31.05 -9.09 8.85
N LYS A 251 -31.02 -8.41 7.71
CA LYS A 251 -31.80 -8.80 6.55
C LYS A 251 -31.26 -10.04 5.85
N LYS A 252 -32.14 -10.73 5.13
CA LYS A 252 -31.81 -11.93 4.38
C LYS A 252 -32.56 -11.90 3.06
N GLN A 253 -32.19 -12.76 2.13
CA GLN A 253 -32.84 -12.82 0.83
C GLN A 253 -32.62 -14.16 0.17
N ARG A 254 -33.69 -14.95 0.14
CA ARG A 254 -33.68 -16.28 -0.45
C ARG A 254 -33.19 -16.27 -1.89
N LEU A 255 -32.50 -17.34 -2.29
CA LEU A 255 -31.99 -17.47 -3.65
C LEU A 255 -31.67 -18.94 -3.88
N LEU A 256 -32.40 -19.57 -4.79
CA LEU A 256 -32.19 -20.98 -5.08
C LEU A 256 -32.34 -21.85 -3.84
N GLY A 257 -33.25 -21.47 -2.96
CA GLY A 257 -33.46 -22.25 -1.76
C GLY A 257 -32.50 -21.94 -0.62
N VAL A 258 -31.54 -21.06 -0.86
CA VAL A 258 -30.54 -20.67 0.14
C VAL A 258 -30.75 -19.23 0.59
N ASP A 259 -30.92 -19.03 1.90
CA ASP A 259 -31.09 -17.66 2.43
C ASP A 259 -29.72 -17.06 2.64
N LEU A 260 -29.46 -15.90 2.03
CA LEU A 260 -28.16 -15.25 2.16
C LEU A 260 -28.34 -13.96 2.97
N SER A 261 -27.26 -13.51 3.61
CA SER A 261 -27.32 -12.27 4.37
C SER A 261 -27.46 -11.17 3.32
N PHE A 262 -28.36 -10.23 3.56
CA PHE A 262 -28.59 -9.17 2.59
C PHE A 262 -28.20 -7.79 3.04
N TYR A 263 -27.53 -7.08 2.14
CA TYR A 263 -27.11 -5.72 2.38
C TYR A 263 -27.50 -4.92 1.17
N GLU A 264 -27.70 -3.64 1.37
CA GLU A 264 -28.03 -2.76 0.26
C GLU A 264 -27.40 -1.41 0.56
N ILE A 265 -26.41 -1.03 -0.24
CA ILE A 265 -25.71 0.24 -0.02
C ILE A 265 -25.65 1.16 -1.24
N PRO A 266 -25.66 2.47 -1.01
CA PRO A 266 -25.61 3.46 -2.08
C PRO A 266 -24.22 3.69 -2.66
N ILE A 267 -24.17 4.01 -3.95
CA ILE A 267 -22.91 4.30 -4.61
C ILE A 267 -22.81 5.82 -4.56
N SER A 268 -21.86 6.35 -3.79
CA SER A 268 -21.74 7.81 -3.70
C SER A 268 -20.40 8.37 -4.18
N PRO A 269 -20.44 9.43 -4.99
CA PRO A 269 -19.22 10.05 -5.53
C PRO A 269 -18.18 10.40 -4.49
N GLY A 270 -16.91 10.24 -4.88
CA GLY A 270 -15.82 10.54 -3.98
C GLY A 270 -15.49 9.37 -3.05
N ARG A 271 -16.51 8.61 -2.67
CA ARG A 271 -16.39 7.48 -1.78
C ARG A 271 -15.94 6.24 -2.55
N LYS A 272 -15.14 5.41 -1.89
CA LYS A 272 -14.62 4.19 -2.49
C LYS A 272 -15.58 3.04 -2.21
N THR A 273 -16.36 2.68 -3.22
CA THR A 273 -17.36 1.62 -3.12
C THR A 273 -16.81 0.32 -2.54
N SER A 274 -15.65 -0.10 -3.04
CA SER A 274 -14.97 -1.32 -2.60
C SER A 274 -14.84 -1.48 -1.10
N GLU A 275 -14.58 -0.38 -0.41
CA GLU A 275 -14.40 -0.41 1.03
C GLU A 275 -15.68 -0.62 1.82
N ILE A 276 -16.82 -0.27 1.22
CA ILE A 276 -18.10 -0.46 1.86
C ILE A 276 -18.46 -1.94 1.73
N ILE A 277 -18.04 -2.57 0.64
CA ILE A 277 -18.26 -3.99 0.39
C ILE A 277 -17.50 -4.78 1.45
N GLU A 278 -16.25 -4.36 1.71
CA GLU A 278 -15.42 -5.04 2.72
C GLU A 278 -16.08 -4.87 4.07
N SER A 279 -16.54 -3.65 4.34
CA SER A 279 -17.15 -3.31 5.60
C SER A 279 -18.36 -4.19 5.87
N ALA A 280 -19.15 -4.49 4.84
CA ALA A 280 -20.31 -5.35 5.00
C ALA A 280 -19.84 -6.76 5.38
N VAL A 281 -18.73 -7.21 4.80
CA VAL A 281 -18.21 -8.54 5.11
C VAL A 281 -17.77 -8.61 6.56
N ILE A 282 -17.08 -7.57 7.00
CA ILE A 282 -16.59 -7.51 8.37
C ILE A 282 -17.81 -7.55 9.27
N ASP A 283 -18.76 -6.67 9.01
CA ASP A 283 -20.00 -6.63 9.76
C ASP A 283 -20.62 -8.03 9.76
N PHE A 284 -20.65 -8.65 8.57
CA PHE A 284 -21.19 -9.99 8.43
C PHE A 284 -20.48 -10.98 9.36
N LYS A 285 -19.15 -11.04 9.26
CA LYS A 285 -18.39 -11.95 10.09
C LYS A 285 -18.54 -11.60 11.56
N LEU A 286 -18.64 -10.31 11.84
CA LEU A 286 -18.77 -9.86 13.22
C LEU A 286 -20.08 -10.32 13.84
N LYS A 287 -21.18 -10.09 13.15
CA LYS A 287 -22.49 -10.50 13.62
C LYS A 287 -22.58 -12.02 13.85
N HIS A 288 -22.00 -12.80 12.96
CA HIS A 288 -22.05 -14.24 13.11
C HIS A 288 -21.20 -14.74 14.24
N SER A 289 -20.26 -13.93 14.71
CA SER A 289 -19.40 -14.34 15.81
C SER A 289 -20.05 -13.95 17.14
N GLY A 290 -21.07 -13.12 17.06
CA GLY A 290 -21.77 -12.70 18.27
C GLY A 290 -21.70 -11.22 18.62
N TYR A 291 -21.24 -10.38 17.70
CA TYR A 291 -21.17 -8.95 17.96
C TYR A 291 -22.05 -8.14 17.03
N ASN A 292 -22.91 -7.33 17.63
CA ASN A 292 -23.83 -6.50 16.87
C ASN A 292 -23.65 -5.04 17.28
N SER A 293 -23.02 -4.26 16.41
CA SER A 293 -22.77 -2.85 16.67
C SER A 293 -24.03 -2.10 17.10
N ALA A 294 -25.15 -2.37 16.43
CA ALA A 294 -26.39 -1.69 16.80
C ALA A 294 -26.82 -2.00 18.24
N LEU A 295 -26.91 -3.29 18.57
CA LEU A 295 -27.30 -3.68 19.91
C LEU A 295 -26.37 -3.10 20.98
N ASP A 296 -25.08 -3.05 20.68
CA ASP A 296 -24.10 -2.51 21.63
C ASP A 296 -24.32 -1.01 21.83
N PHE A 297 -24.58 -0.32 20.73
CA PHE A 297 -24.81 1.13 20.74
C PHE A 297 -26.02 1.47 21.62
N ILE A 298 -27.02 0.61 21.60
CA ILE A 298 -28.23 0.81 22.39
C ILE A 298 -27.93 0.57 23.88
N GLU A 299 -27.34 -0.59 24.19
CA GLU A 299 -26.99 -0.92 25.57
C GLU A 299 -26.10 0.16 26.17
N ASN A 300 -25.38 0.89 25.32
CA ASN A 300 -24.50 1.95 25.78
C ASN A 300 -25.33 3.15 26.21
N GLN A 301 -26.31 3.53 25.39
CA GLN A 301 -27.17 4.67 25.71
C GLN A 301 -27.97 4.40 26.98
N LYS A 302 -28.46 3.18 27.12
CA LYS A 302 -29.23 2.79 28.28
C LYS A 302 -28.35 2.84 29.53
N ALA A 303 -27.15 2.27 29.42
CA ALA A 303 -26.21 2.27 30.53
C ALA A 303 -25.89 3.69 30.97
N ILE A 304 -25.82 4.59 30.00
CA ILE A 304 -25.53 5.99 30.30
C ILE A 304 -26.78 6.66 30.85
N LEU A 305 -27.95 6.22 30.39
CA LEU A 305 -29.22 6.76 30.87
C LEU A 305 -29.42 6.46 32.35
N LYS A 306 -28.43 5.81 32.94
CA LYS A 306 -28.47 5.47 34.36
C LYS A 306 -27.96 6.66 35.15
N ARG A 307 -28.08 7.84 34.55
CA ARG A 307 -27.63 9.07 35.19
C ARG A 307 -28.73 9.60 36.11
N LYS A 308 -29.82 8.87 36.23
CA LYS A 308 -30.92 9.29 37.09
C LYS A 308 -30.52 9.12 38.55
N LYS A 309 -29.33 8.56 38.79
CA LYS A 309 -28.86 8.34 40.15
C LYS A 309 -27.88 9.44 40.57
N MET B 1 -11.18 -42.11 17.80
CA MET B 1 -12.39 -41.25 17.58
C MET B 1 -13.15 -41.02 18.89
N LYS B 2 -13.81 -39.87 18.95
CA LYS B 2 -14.57 -39.46 20.12
C LYS B 2 -15.92 -40.18 20.24
N LYS B 3 -16.17 -41.14 19.35
CA LYS B 3 -17.42 -41.91 19.33
C LYS B 3 -18.56 -41.04 18.80
N LEU B 4 -19.10 -41.43 17.65
CA LEU B 4 -20.18 -40.66 17.03
C LEU B 4 -21.57 -41.24 17.33
N LEU B 5 -22.43 -40.40 17.89
CA LEU B 5 -23.78 -40.81 18.23
C LEU B 5 -24.79 -40.18 17.28
N VAL B 6 -25.89 -40.89 17.06
CA VAL B 6 -26.94 -40.43 16.17
C VAL B 6 -27.49 -39.05 16.53
N LYS B 7 -27.62 -38.76 17.82
CA LYS B 7 -28.13 -37.45 18.21
C LYS B 7 -27.20 -36.32 17.77
N GLU B 8 -25.90 -36.62 17.62
CA GLU B 8 -24.94 -35.61 17.19
C GLU B 8 -25.09 -35.35 15.70
N LEU B 9 -25.54 -36.35 14.96
CA LEU B 9 -25.73 -36.21 13.52
C LEU B 9 -27.03 -35.42 13.34
N ILE B 10 -27.99 -35.66 14.23
CA ILE B 10 -29.27 -34.97 14.17
C ILE B 10 -29.12 -33.49 14.47
N GLU B 11 -28.31 -33.20 15.48
CA GLU B 11 -28.04 -31.83 15.90
C GLU B 11 -27.35 -31.04 14.78
N GLN B 12 -26.47 -31.72 14.06
CA GLN B 12 -25.73 -31.12 12.96
C GLN B 12 -26.55 -30.69 11.76
N PHE B 13 -27.73 -31.28 11.59
CA PHE B 13 -28.58 -30.92 10.44
C PHE B 13 -30.01 -30.72 10.89
N GLN B 14 -30.20 -29.95 11.95
CA GLN B 14 -31.53 -29.68 12.49
C GLN B 14 -32.49 -29.11 11.46
N ASP B 15 -31.96 -28.42 10.45
CA ASP B 15 -32.81 -27.82 9.42
C ASP B 15 -33.35 -28.77 8.38
N CYS B 16 -32.48 -29.57 7.77
CA CYS B 16 -32.93 -30.47 6.73
C CYS B 16 -33.17 -31.91 7.18
N VAL B 17 -33.09 -32.19 8.48
CA VAL B 17 -33.32 -33.56 9.01
C VAL B 17 -34.24 -33.57 10.24
N ASN B 18 -35.30 -34.37 10.18
CA ASN B 18 -36.25 -34.49 11.29
C ASN B 18 -36.35 -35.92 11.79
N LEU B 19 -36.30 -36.09 13.11
CA LEU B 19 -36.41 -37.43 13.73
C LEU B 19 -37.89 -37.73 13.86
N ILE B 20 -38.34 -38.86 13.29
CA ILE B 20 -39.75 -39.20 13.40
C ILE B 20 -40.05 -40.53 14.07
N ASP B 21 -39.03 -41.15 14.63
CA ASP B 21 -39.21 -42.42 15.31
C ASP B 21 -37.90 -42.82 15.93
N GLY B 22 -37.98 -43.75 16.90
CA GLY B 22 -36.78 -44.20 17.59
C GLY B 22 -36.11 -43.09 18.39
N HIS B 23 -36.89 -42.18 18.97
CA HIS B 23 -36.31 -41.08 19.72
C HIS B 23 -35.59 -41.44 21.04
N THR B 24 -35.81 -42.62 21.60
CA THR B 24 -35.12 -42.97 22.84
C THR B 24 -33.81 -43.67 22.60
N ASN B 25 -33.53 -44.03 21.35
CA ASN B 25 -32.27 -44.70 21.05
C ASN B 25 -31.35 -43.77 20.25
N THR B 26 -31.56 -42.48 20.45
CA THR B 26 -30.77 -41.48 19.76
C THR B 26 -29.33 -41.54 20.25
N SER B 27 -29.07 -42.47 21.15
CA SER B 27 -27.72 -42.63 21.69
C SER B 27 -26.98 -43.76 20.98
N ASN B 28 -27.60 -44.26 19.91
CA ASN B 28 -27.00 -45.32 19.10
C ASN B 28 -25.64 -44.82 18.63
N VAL B 29 -24.69 -45.73 18.64
CA VAL B 29 -23.35 -45.41 18.21
C VAL B 29 -23.16 -45.82 16.76
N ILE B 30 -22.67 -44.89 15.96
CA ILE B 30 -22.41 -45.15 14.55
C ILE B 30 -20.99 -45.71 14.52
N ARG B 31 -20.91 -47.02 14.35
CA ARG B 31 -19.65 -47.75 14.34
C ARG B 31 -18.97 -47.78 12.98
N VAL B 32 -19.73 -47.47 11.93
CA VAL B 32 -19.23 -47.49 10.56
C VAL B 32 -19.66 -46.29 9.73
N PRO B 33 -18.72 -45.66 9.02
CA PRO B 33 -18.97 -44.49 8.18
C PRO B 33 -19.68 -44.79 6.87
N GLY B 34 -20.07 -43.72 6.19
CA GLY B 34 -20.74 -43.85 4.92
C GLY B 34 -22.19 -44.24 5.09
N LEU B 35 -23.05 -43.80 4.17
CA LEU B 35 -24.47 -44.14 4.23
C LEU B 35 -24.67 -45.48 3.51
N LYS B 36 -24.85 -46.55 4.29
CA LYS B 36 -25.02 -47.90 3.75
C LYS B 36 -26.27 -48.17 2.94
N ARG B 37 -26.09 -48.84 1.81
CA ARG B 37 -27.19 -49.22 0.96
C ARG B 37 -27.54 -50.63 1.50
N VAL B 38 -28.83 -50.95 1.57
CA VAL B 38 -29.24 -52.24 2.15
C VAL B 38 -30.23 -53.09 1.36
N VAL B 39 -30.24 -52.96 0.03
CA VAL B 39 -31.16 -53.74 -0.79
C VAL B 39 -31.02 -55.25 -0.52
N PHE B 40 -29.80 -55.74 -0.36
CA PHE B 40 -29.59 -57.15 -0.08
C PHE B 40 -30.35 -57.58 1.16
N GLU B 41 -30.03 -56.93 2.28
CA GLU B 41 -30.67 -57.23 3.56
C GLU B 41 -32.20 -57.10 3.52
N MET B 42 -32.71 -56.12 2.79
CA MET B 42 -34.14 -55.93 2.67
C MET B 42 -34.76 -57.21 2.09
N LEU B 43 -34.03 -57.83 1.18
CA LEU B 43 -34.52 -59.05 0.54
C LEU B 43 -34.14 -60.31 1.31
N GLY B 44 -33.59 -60.12 2.51
CA GLY B 44 -33.23 -61.25 3.34
C GLY B 44 -32.07 -62.11 2.89
N LEU B 45 -31.28 -61.62 1.94
CA LEU B 45 -30.13 -62.39 1.47
C LEU B 45 -28.97 -62.18 2.43
N PHE B 46 -28.96 -61.06 3.12
CA PHE B 46 -27.90 -60.78 4.09
C PHE B 46 -28.49 -60.74 5.49
N SER B 47 -27.70 -61.15 6.48
CA SER B 47 -28.21 -61.17 7.84
C SER B 47 -27.20 -60.74 8.91
N SER B 48 -26.24 -59.91 8.53
CA SER B 48 -25.26 -59.45 9.49
C SER B 48 -25.70 -58.10 10.03
N GLN B 49 -25.38 -57.82 11.28
CA GLN B 49 -25.74 -56.56 11.92
C GLN B 49 -25.17 -55.36 11.15
N ILE B 50 -25.95 -54.28 11.09
CA ILE B 50 -25.53 -53.06 10.38
C ILE B 50 -24.93 -52.07 11.37
N GLY B 51 -23.67 -51.69 11.15
CA GLY B 51 -23.02 -50.74 12.05
C GLY B 51 -22.93 -49.32 11.52
N SER B 52 -23.48 -49.08 10.33
CA SER B 52 -23.47 -47.74 9.75
C SER B 52 -24.90 -47.26 9.49
N VAL B 53 -25.06 -45.97 9.28
CA VAL B 53 -26.37 -45.42 9.00
C VAL B 53 -26.84 -45.91 7.65
N ALA B 54 -28.00 -46.57 7.62
CA ALA B 54 -28.54 -47.08 6.37
C ALA B 54 -29.34 -46.01 5.67
N ILE B 55 -29.59 -46.21 4.38
CA ILE B 55 -30.37 -45.25 3.62
C ILE B 55 -31.43 -45.87 2.71
N LEU B 56 -32.56 -45.17 2.60
CA LEU B 56 -33.68 -45.59 1.77
C LEU B 56 -34.01 -44.42 0.83
N GLY B 57 -33.83 -44.64 -0.46
CA GLY B 57 -34.10 -43.57 -1.41
C GLY B 57 -35.27 -43.82 -2.34
N LYS B 58 -35.21 -43.21 -3.52
CA LYS B 58 -36.28 -43.34 -4.52
C LYS B 58 -36.44 -44.80 -4.95
N ARG B 59 -35.32 -45.49 -5.08
CA ARG B 59 -35.32 -46.88 -5.50
C ARG B 59 -36.02 -47.79 -4.47
N GLU B 60 -35.58 -47.70 -3.22
CA GLU B 60 -36.15 -48.51 -2.15
C GLU B 60 -37.66 -48.24 -1.98
N PHE B 61 -38.05 -46.97 -1.96
CA PHE B 61 -39.45 -46.62 -1.82
C PHE B 61 -40.24 -47.08 -3.03
N GLY B 62 -39.68 -46.88 -4.22
CA GLY B 62 -40.35 -47.30 -5.44
C GLY B 62 -40.56 -48.81 -5.48
N PHE B 63 -39.64 -49.56 -4.89
CA PHE B 63 -39.74 -51.01 -4.86
C PHE B 63 -40.86 -51.42 -3.92
N LEU B 64 -40.91 -50.78 -2.76
CA LEU B 64 -41.93 -51.10 -1.76
C LEU B 64 -43.34 -50.78 -2.24
N SER B 65 -43.49 -49.68 -2.97
CA SER B 65 -44.81 -49.29 -3.47
C SER B 65 -45.46 -50.32 -4.40
N GLN B 66 -44.66 -51.14 -5.07
CA GLN B 66 -45.22 -52.15 -5.97
C GLN B 66 -45.56 -53.45 -5.25
N LYS B 67 -44.91 -53.71 -4.11
CA LYS B 67 -45.17 -54.93 -3.34
C LYS B 67 -46.43 -54.77 -2.49
N THR B 68 -46.98 -55.89 -2.01
CA THR B 68 -48.17 -55.85 -1.18
C THR B 68 -47.81 -55.47 0.25
N LEU B 69 -48.80 -54.97 0.99
CA LEU B 69 -48.61 -54.55 2.37
C LEU B 69 -47.95 -55.62 3.23
N VAL B 70 -48.42 -56.86 3.10
CA VAL B 70 -47.85 -57.95 3.88
C VAL B 70 -46.38 -58.16 3.49
N GLU B 71 -46.07 -57.95 2.21
CA GLU B 71 -44.70 -58.11 1.74
C GLU B 71 -43.78 -56.98 2.19
N GLN B 72 -44.31 -55.75 2.21
CA GLN B 72 -43.53 -54.59 2.65
C GLN B 72 -43.07 -54.75 4.08
N GLN B 73 -43.99 -55.20 4.94
CA GLN B 73 -43.66 -55.38 6.34
C GLN B 73 -42.60 -56.45 6.49
N GLN B 74 -42.73 -57.54 5.72
CA GLN B 74 -41.76 -58.63 5.79
C GLN B 74 -40.37 -58.09 5.43
N ILE B 75 -40.30 -57.34 4.33
CA ILE B 75 -39.07 -56.73 3.84
C ILE B 75 -38.47 -55.80 4.90
N LEU B 76 -39.31 -54.99 5.53
CA LEU B 76 -38.86 -54.06 6.56
C LEU B 76 -38.43 -54.75 7.85
N HIS B 77 -39.09 -55.86 8.17
CA HIS B 77 -38.72 -56.61 9.36
C HIS B 77 -37.29 -57.13 9.17
N ASN B 78 -36.97 -57.55 7.95
CA ASN B 78 -35.63 -58.07 7.65
C ASN B 78 -34.56 -57.01 7.88
N LEU B 79 -34.86 -55.78 7.45
CA LEU B 79 -33.94 -54.68 7.59
C LEU B 79 -33.76 -54.32 9.05
N LEU B 80 -34.88 -54.03 9.70
CA LEU B 80 -34.91 -53.60 11.10
C LEU B 80 -34.31 -54.54 12.15
N LYS B 81 -34.37 -55.85 11.92
CA LYS B 81 -33.82 -56.79 12.88
C LYS B 81 -32.29 -56.86 12.86
N LEU B 82 -31.64 -56.11 11.98
CA LEU B 82 -30.18 -56.11 11.91
C LEU B 82 -29.58 -54.97 12.75
N ASN B 83 -30.46 -54.25 13.44
CA ASN B 83 -30.12 -53.14 14.32
C ASN B 83 -29.16 -52.07 13.79
N PRO B 84 -29.48 -51.45 12.65
CA PRO B 84 -28.59 -50.43 12.13
C PRO B 84 -28.67 -49.27 13.12
N PRO B 85 -27.58 -48.49 13.28
CA PRO B 85 -27.62 -47.38 14.24
C PRO B 85 -28.74 -46.41 13.93
N ALA B 86 -29.07 -46.29 12.65
CA ALA B 86 -30.14 -45.40 12.23
C ALA B 86 -30.44 -45.59 10.76
N ILE B 87 -31.56 -45.05 10.33
CA ILE B 87 -31.99 -45.11 8.94
C ILE B 87 -32.37 -43.71 8.47
N ILE B 88 -31.87 -43.29 7.33
CA ILE B 88 -32.21 -41.97 6.82
C ILE B 88 -33.09 -42.12 5.60
N LEU B 89 -34.18 -41.36 5.57
CA LEU B 89 -35.12 -41.41 4.46
C LEU B 89 -34.93 -40.21 3.57
N THR B 90 -34.77 -40.45 2.27
CA THR B 90 -34.60 -39.38 1.31
C THR B 90 -35.94 -38.69 1.02
N LYS B 91 -35.88 -37.62 0.25
CA LYS B 91 -37.05 -36.84 -0.10
C LYS B 91 -38.02 -37.69 -0.92
N SER B 92 -37.49 -38.70 -1.61
CA SER B 92 -38.29 -39.59 -2.44
C SER B 92 -39.10 -40.60 -1.63
N PHE B 93 -38.64 -40.89 -0.41
CA PHE B 93 -39.33 -41.82 0.47
C PHE B 93 -40.42 -41.01 1.16
N THR B 94 -41.49 -40.75 0.42
CA THR B 94 -42.61 -39.95 0.87
C THR B 94 -43.60 -40.54 1.88
N ASP B 95 -43.56 -41.84 2.14
CA ASP B 95 -44.53 -42.47 3.06
C ASP B 95 -43.92 -43.50 4.01
N PRO B 96 -43.55 -43.07 5.23
CA PRO B 96 -42.96 -43.94 6.26
C PRO B 96 -43.98 -44.67 7.13
N THR B 97 -45.24 -44.66 6.72
CA THR B 97 -46.29 -45.30 7.49
C THR B 97 -46.00 -46.76 7.80
N VAL B 98 -45.80 -47.57 6.76
CA VAL B 98 -45.51 -48.97 6.98
C VAL B 98 -44.23 -49.20 7.78
N LEU B 99 -43.17 -48.46 7.46
CA LEU B 99 -41.89 -48.58 8.18
C LEU B 99 -42.07 -48.33 9.68
N LEU B 100 -42.84 -47.30 10.02
CA LEU B 100 -43.09 -46.96 11.42
C LEU B 100 -43.86 -48.04 12.15
N GLN B 101 -44.83 -48.64 11.45
CA GLN B 101 -45.63 -49.71 12.04
C GLN B 101 -44.71 -50.85 12.45
N VAL B 102 -43.83 -51.23 11.53
CA VAL B 102 -42.88 -52.31 11.79
C VAL B 102 -41.83 -51.88 12.80
N ASN B 103 -41.40 -50.63 12.73
CA ASN B 103 -40.40 -50.11 13.67
C ASN B 103 -40.98 -49.79 15.04
N GLN B 104 -42.25 -50.16 15.22
CA GLN B 104 -42.95 -49.94 16.48
C GLN B 104 -42.26 -50.70 17.61
N THR B 105 -41.62 -51.83 17.30
CA THR B 105 -40.91 -52.61 18.32
C THR B 105 -39.41 -52.36 18.34
N TYR B 106 -38.76 -52.50 17.19
CA TYR B 106 -37.31 -52.30 17.11
C TYR B 106 -36.95 -50.87 17.52
N GLN B 107 -37.83 -49.93 17.18
CA GLN B 107 -37.64 -48.52 17.51
C GLN B 107 -36.24 -48.02 17.12
N VAL B 108 -35.86 -48.30 15.87
CA VAL B 108 -34.57 -47.85 15.34
C VAL B 108 -34.72 -46.40 14.95
N PRO B 109 -33.75 -45.55 15.33
CA PRO B 109 -33.82 -44.12 14.99
C PRO B 109 -34.12 -43.91 13.49
N ILE B 110 -35.20 -43.21 13.18
CA ILE B 110 -35.56 -42.94 11.79
C ILE B 110 -35.47 -41.47 11.50
N LEU B 111 -34.71 -41.12 10.45
CA LEU B 111 -34.53 -39.72 10.11
C LEU B 111 -35.11 -39.36 8.76
N LYS B 112 -36.16 -38.55 8.77
CA LYS B 112 -36.79 -38.08 7.53
C LYS B 112 -35.97 -36.86 7.09
N THR B 113 -35.62 -36.79 5.81
CA THR B 113 -34.83 -35.69 5.31
C THR B 113 -35.47 -35.07 4.10
N ASP B 114 -35.05 -33.86 3.75
CA ASP B 114 -35.61 -33.20 2.58
C ASP B 114 -34.59 -33.31 1.45
N PHE B 115 -33.46 -33.93 1.76
CA PHE B 115 -32.39 -34.14 0.81
C PHE B 115 -32.64 -35.35 -0.08
N PHE B 116 -32.08 -35.31 -1.29
CA PHE B 116 -32.15 -36.41 -2.23
C PHE B 116 -30.87 -37.21 -2.05
N SER B 117 -30.86 -38.44 -2.54
CA SER B 117 -29.68 -39.29 -2.44
C SER B 117 -28.42 -38.55 -2.85
N THR B 118 -28.47 -37.89 -4.01
CA THR B 118 -27.33 -37.17 -4.53
C THR B 118 -26.88 -36.03 -3.63
N GLU B 119 -27.81 -35.44 -2.90
CA GLU B 119 -27.46 -34.34 -2.01
C GLU B 119 -26.79 -34.84 -0.74
N LEU B 120 -27.23 -35.98 -0.24
CA LEU B 120 -26.67 -36.52 0.99
C LEU B 120 -25.14 -36.73 0.97
N SER B 121 -24.59 -37.03 -0.20
CA SER B 121 -23.15 -37.25 -0.35
C SER B 121 -22.34 -36.02 0.07
N PHE B 122 -22.88 -34.83 -0.19
CA PHE B 122 -22.19 -33.60 0.17
C PHE B 122 -22.44 -33.24 1.63
N THR B 123 -23.64 -33.53 2.11
CA THR B 123 -24.00 -33.16 3.47
C THR B 123 -23.69 -34.17 4.58
N VAL B 124 -24.61 -35.09 4.81
CA VAL B 124 -24.48 -36.10 5.86
C VAL B 124 -23.26 -37.03 5.74
N GLU B 125 -23.02 -37.59 4.56
CA GLU B 125 -21.89 -38.49 4.37
C GLU B 125 -20.58 -37.79 4.70
N THR B 126 -20.40 -36.59 4.17
CA THR B 126 -19.19 -35.83 4.41
C THR B 126 -18.97 -35.65 5.90
N TYR B 127 -20.02 -35.25 6.62
CA TYR B 127 -19.91 -35.04 8.05
C TYR B 127 -19.46 -36.34 8.73
N ILE B 128 -20.22 -37.41 8.51
CA ILE B 128 -19.91 -38.70 9.11
C ILE B 128 -18.45 -39.05 8.87
N ASN B 129 -18.04 -39.05 7.61
CA ASN B 129 -16.65 -39.36 7.28
C ASN B 129 -15.67 -38.41 7.99
N GLU B 130 -16.02 -37.13 8.07
CA GLU B 130 -15.14 -36.18 8.75
C GLU B 130 -14.97 -36.59 10.20
N GLN B 131 -16.07 -37.02 10.82
CA GLN B 131 -16.01 -37.45 12.21
C GLN B 131 -15.15 -38.71 12.39
N PHE B 132 -15.00 -39.49 11.33
CA PHE B 132 -14.19 -40.71 11.39
C PHE B 132 -12.74 -40.51 10.95
N ALA B 133 -12.42 -39.33 10.43
CA ALA B 133 -11.06 -39.07 9.97
C ALA B 133 -10.07 -38.98 11.11
N THR B 134 -8.85 -39.43 10.83
CA THR B 134 -7.80 -39.39 11.83
C THR B 134 -7.22 -37.97 11.92
N VAL B 135 -7.17 -37.44 13.13
CA VAL B 135 -6.67 -36.11 13.39
C VAL B 135 -5.29 -36.13 14.02
N ALA B 136 -4.30 -35.60 13.29
CA ALA B 136 -2.93 -35.56 13.80
C ALA B 136 -2.52 -34.16 14.17
N GLN B 137 -1.86 -34.03 15.32
CA GLN B 137 -1.38 -32.74 15.81
C GLN B 137 0.02 -32.56 15.26
N ILE B 138 0.35 -31.34 14.84
CA ILE B 138 1.69 -31.05 14.30
C ILE B 138 2.05 -29.61 14.52
N HIS B 139 3.31 -29.27 14.24
CA HIS B 139 3.76 -27.90 14.39
C HIS B 139 3.70 -27.19 13.03
N GLY B 140 3.76 -25.86 13.06
CA GLY B 140 3.71 -25.11 11.82
C GLY B 140 2.74 -23.95 11.87
N VAL B 141 2.59 -23.27 10.74
CA VAL B 141 1.69 -22.12 10.64
C VAL B 141 0.75 -22.37 9.47
N LEU B 142 -0.56 -22.23 9.68
CA LEU B 142 -1.55 -22.42 8.61
C LEU B 142 -2.14 -21.10 8.15
N LEU B 143 -2.08 -20.87 6.85
CA LEU B 143 -2.61 -19.65 6.25
C LEU B 143 -3.30 -19.99 4.93
N GLU B 144 -4.22 -19.14 4.51
CA GLU B 144 -4.85 -19.35 3.21
C GLU B 144 -4.42 -18.07 2.46
N VAL B 145 -3.62 -18.26 1.41
CA VAL B 145 -3.06 -17.17 0.62
C VAL B 145 -3.54 -17.22 -0.84
N PHE B 146 -4.21 -16.15 -1.29
CA PHE B 146 -4.75 -16.16 -2.66
C PHE B 146 -5.60 -17.40 -2.77
N GLY B 147 -6.32 -17.70 -1.69
CA GLY B 147 -7.19 -18.85 -1.69
C GLY B 147 -6.56 -20.24 -1.64
N VAL B 148 -5.26 -20.32 -1.36
CA VAL B 148 -4.59 -21.61 -1.28
C VAL B 148 -4.11 -21.85 0.15
N GLY B 149 -4.41 -23.04 0.67
CA GLY B 149 -4.02 -23.40 2.01
C GLY B 149 -2.53 -23.69 2.02
N VAL B 150 -1.83 -23.01 2.90
CA VAL B 150 -0.39 -23.12 3.00
C VAL B 150 0.10 -23.52 4.40
N LEU B 151 0.94 -24.54 4.45
CA LEU B 151 1.50 -25.00 5.71
C LEU B 151 2.97 -24.57 5.75
N LEU B 152 3.30 -23.68 6.68
CA LEU B 152 4.66 -23.19 6.88
C LEU B 152 5.31 -24.03 7.98
N THR B 153 6.38 -24.72 7.66
CA THR B 153 7.08 -25.51 8.68
C THR B 153 8.48 -24.93 8.88
N GLY B 154 9.22 -25.48 9.84
CA GLY B 154 10.57 -24.99 10.08
C GLY B 154 10.91 -25.00 11.56
N ARG B 155 12.14 -24.61 11.90
CA ARG B 155 12.55 -24.57 13.30
C ARG B 155 11.84 -23.41 13.98
N SER B 156 11.65 -23.50 15.28
CA SER B 156 10.98 -22.45 16.03
C SER B 156 11.89 -21.24 16.25
N GLY B 157 11.32 -20.05 16.15
CA GLY B 157 12.11 -18.85 16.36
C GLY B 157 12.72 -18.23 15.11
N ILE B 158 12.60 -18.89 13.97
CA ILE B 158 13.18 -18.34 12.76
C ILE B 158 12.32 -17.20 12.19
N GLY B 159 11.03 -17.18 12.54
CA GLY B 159 10.17 -16.11 12.07
C GLY B 159 8.89 -16.54 11.39
N LYS B 160 8.53 -17.82 11.51
CA LYS B 160 7.31 -18.33 10.90
C LYS B 160 6.09 -17.50 11.32
N SER B 161 5.96 -17.26 12.61
CA SER B 161 4.83 -16.50 13.13
C SER B 161 4.75 -15.07 12.61
N GLU B 162 5.86 -14.34 12.70
CA GLU B 162 5.89 -12.95 12.26
C GLU B 162 5.49 -12.86 10.79
N CYS B 163 5.85 -13.90 10.04
CA CYS B 163 5.53 -13.94 8.62
C CYS B 163 4.00 -13.92 8.43
N ALA B 164 3.29 -14.69 9.25
CA ALA B 164 1.84 -14.74 9.15
C ALA B 164 1.27 -13.34 9.31
N LEU B 165 1.91 -12.54 10.16
CA LEU B 165 1.46 -11.18 10.40
C LEU B 165 1.57 -10.26 9.20
N ASP B 166 2.67 -10.36 8.46
CA ASP B 166 2.82 -9.53 7.27
C ASP B 166 1.81 -10.01 6.21
N LEU B 167 1.59 -11.32 6.14
CA LEU B 167 0.66 -11.86 5.17
C LEU B 167 -0.75 -11.35 5.48
N ILE B 168 -1.13 -11.46 6.74
CA ILE B 168 -2.42 -11.02 7.22
C ILE B 168 -2.70 -9.57 6.82
N ASN B 169 -1.68 -8.72 6.93
CA ASN B 169 -1.87 -7.33 6.55
C ASN B 169 -1.93 -7.13 5.03
N LYS B 170 -1.68 -8.20 4.28
CA LYS B 170 -1.80 -8.16 2.83
C LYS B 170 -3.22 -8.65 2.53
N ASN B 171 -3.96 -9.00 3.57
CA ASN B 171 -5.33 -9.49 3.50
C ASN B 171 -5.51 -10.97 3.28
N HIS B 172 -4.45 -11.74 3.56
CA HIS B 172 -4.54 -13.19 3.44
C HIS B 172 -5.12 -13.67 4.76
N LEU B 173 -5.40 -14.97 4.87
CA LEU B 173 -6.01 -15.50 6.07
C LEU B 173 -5.14 -16.36 6.98
N PHE B 174 -5.26 -16.12 8.28
CA PHE B 174 -4.55 -16.83 9.31
C PHE B 174 -5.47 -17.90 9.91
N VAL B 175 -4.98 -19.13 9.99
CA VAL B 175 -5.75 -20.24 10.53
C VAL B 175 -5.24 -20.69 11.89
N GLY B 176 -3.93 -20.77 12.06
CA GLY B 176 -3.40 -21.21 13.33
C GLY B 176 -1.89 -21.18 13.38
N ASP B 177 -1.37 -21.08 14.61
CA ASP B 177 0.05 -21.02 14.83
C ASP B 177 0.56 -21.99 15.89
N ASP B 178 1.58 -22.76 15.51
CA ASP B 178 2.25 -23.74 16.37
C ASP B 178 1.45 -25.00 16.69
N ALA B 179 0.42 -24.84 17.51
CA ALA B 179 -0.42 -25.96 17.90
C ALA B 179 -1.54 -26.17 16.89
N ILE B 180 -1.20 -26.81 15.80
CA ILE B 180 -2.19 -27.05 14.78
C ILE B 180 -2.46 -28.53 14.64
N GLU B 181 -3.50 -28.87 13.88
CA GLU B 181 -3.81 -30.27 13.67
C GLU B 181 -4.37 -30.45 12.26
N ILE B 182 -4.07 -31.59 11.67
CA ILE B 182 -4.52 -31.86 10.33
C ILE B 182 -5.28 -33.18 10.26
N TYR B 183 -5.97 -33.38 9.14
CA TYR B 183 -6.72 -34.60 8.91
C TYR B 183 -6.99 -34.78 7.40
N ARG B 184 -6.96 -36.03 6.93
CA ARG B 184 -7.19 -36.34 5.53
C ARG B 184 -8.64 -36.73 5.23
N LEU B 185 -9.07 -36.39 4.01
CA LEU B 185 -10.39 -36.69 3.52
C LEU B 185 -10.19 -37.06 2.06
N GLY B 186 -10.19 -38.36 1.78
CA GLY B 186 -9.96 -38.81 0.42
C GLY B 186 -8.53 -38.52 0.03
N ASN B 187 -8.34 -37.70 -0.99
CA ASN B 187 -7.01 -37.35 -1.46
C ASN B 187 -6.68 -35.90 -1.11
N ARG B 188 -7.49 -35.28 -0.28
CA ARG B 188 -7.28 -33.90 0.12
C ARG B 188 -6.91 -33.79 1.61
N LEU B 189 -6.10 -32.79 1.95
CA LEU B 189 -5.67 -32.59 3.35
C LEU B 189 -6.25 -31.30 3.95
N PHE B 190 -6.61 -31.36 5.22
CA PHE B 190 -7.18 -30.23 5.92
C PHE B 190 -6.46 -29.94 7.21
N GLY B 191 -6.48 -28.67 7.64
CA GLY B 191 -5.80 -28.27 8.86
C GLY B 191 -6.56 -27.15 9.53
N ARG B 192 -6.32 -26.97 10.83
CA ARG B 192 -7.00 -25.92 11.59
C ARG B 192 -6.22 -25.73 12.89
N ALA B 193 -6.54 -24.69 13.64
CA ALA B 193 -5.84 -24.50 14.89
C ALA B 193 -6.42 -25.46 15.90
N GLN B 194 -5.59 -25.93 16.83
CA GLN B 194 -6.07 -26.80 17.90
C GLN B 194 -6.89 -25.89 18.80
N GLU B 195 -7.90 -26.45 19.46
CA GLU B 195 -8.76 -25.68 20.35
C GLU B 195 -7.99 -24.89 21.41
N VAL B 196 -6.86 -25.44 21.88
CA VAL B 196 -6.07 -24.75 22.89
C VAL B 196 -5.32 -23.58 22.30
N ALA B 197 -5.17 -23.57 20.99
CA ALA B 197 -4.45 -22.50 20.32
C ALA B 197 -5.34 -21.44 19.69
N LYS B 198 -6.45 -21.87 19.09
CA LYS B 198 -7.38 -20.96 18.41
C LYS B 198 -6.62 -19.89 17.62
N LYS B 199 -6.94 -18.62 17.83
CA LYS B 199 -6.23 -17.61 17.07
C LYS B 199 -5.15 -16.89 17.86
N PHE B 200 -4.67 -17.54 18.92
CA PHE B 200 -3.60 -16.98 19.73
C PHE B 200 -2.25 -17.27 19.06
N MET B 201 -1.30 -16.37 19.25
CA MET B 201 0.02 -16.51 18.67
C MET B 201 1.04 -15.91 19.63
N GLU B 202 2.19 -16.56 19.75
CA GLU B 202 3.26 -16.07 20.62
C GLU B 202 4.32 -15.38 19.78
N ILE B 203 4.69 -14.17 20.21
CA ILE B 203 5.69 -13.36 19.54
C ILE B 203 6.79 -13.08 20.56
N ARG B 204 8.00 -13.57 20.30
CA ARG B 204 9.10 -13.36 21.24
C ARG B 204 9.27 -11.90 21.64
N GLY B 205 9.50 -11.67 22.93
CA GLY B 205 9.69 -10.31 23.43
C GLY B 205 8.38 -9.56 23.63
N LEU B 206 7.27 -10.20 23.27
CA LEU B 206 5.97 -9.58 23.40
C LEU B 206 5.06 -10.51 24.21
N GLY B 207 5.08 -11.79 23.89
CA GLY B 207 4.25 -12.75 24.60
C GLY B 207 3.11 -13.27 23.74
N ILE B 208 1.98 -13.59 24.38
CA ILE B 208 0.82 -14.09 23.67
C ILE B 208 -0.04 -12.96 23.12
N ILE B 209 -0.40 -13.03 21.84
CA ILE B 209 -1.30 -12.03 21.27
C ILE B 209 -2.45 -12.81 20.64
N ASN B 210 -3.54 -12.11 20.37
CA ASN B 210 -4.73 -12.71 19.78
C ASN B 210 -4.89 -12.01 18.42
N VAL B 211 -4.63 -12.75 17.34
CA VAL B 211 -4.71 -12.21 16.00
C VAL B 211 -6.06 -11.54 15.70
N GLU B 212 -7.16 -12.18 16.12
CA GLU B 212 -8.49 -11.62 15.91
C GLU B 212 -8.61 -10.22 16.55
N ARG B 213 -8.25 -10.11 17.82
CA ARG B 213 -8.34 -8.81 18.47
C ARG B 213 -7.28 -7.79 18.05
N PHE B 214 -6.16 -8.26 17.52
CA PHE B 214 -5.08 -7.37 17.09
C PHE B 214 -5.29 -6.87 15.67
N TYR B 215 -5.57 -7.78 14.75
CA TYR B 215 -5.74 -7.39 13.36
C TYR B 215 -7.08 -7.68 12.72
N GLY B 216 -8.09 -8.00 13.51
CA GLY B 216 -9.40 -8.24 12.95
C GLY B 216 -9.83 -9.65 12.60
N LEU B 217 -11.07 -9.95 12.98
CA LEU B 217 -11.71 -11.23 12.74
C LEU B 217 -11.69 -11.57 11.24
N GLN B 218 -11.87 -10.56 10.39
CA GLN B 218 -11.90 -10.76 8.95
C GLN B 218 -10.71 -11.56 8.40
N ILE B 219 -9.50 -11.25 8.84
CA ILE B 219 -8.33 -11.96 8.33
C ILE B 219 -7.97 -13.28 9.00
N THR B 220 -8.94 -13.90 9.68
CA THR B 220 -8.75 -15.20 10.32
C THR B 220 -9.78 -16.17 9.75
N LYS B 221 -9.44 -17.45 9.67
CA LYS B 221 -10.34 -18.48 9.14
C LYS B 221 -10.20 -19.75 9.99
N GLN B 222 -11.27 -20.52 10.09
CA GLN B 222 -11.28 -21.72 10.92
C GLN B 222 -10.55 -22.94 10.35
N ARG B 223 -10.87 -23.27 9.12
CA ARG B 223 -10.28 -24.42 8.47
C ARG B 223 -9.79 -24.01 7.10
N THR B 224 -8.88 -24.80 6.55
CA THR B 224 -8.38 -24.51 5.21
C THR B 224 -7.89 -25.82 4.63
N GLU B 225 -7.92 -25.90 3.30
CA GLU B 225 -7.43 -27.09 2.62
C GLU B 225 -5.97 -26.80 2.27
N ILE B 226 -5.08 -27.57 2.87
CA ILE B 226 -3.65 -27.43 2.68
C ILE B 226 -3.30 -28.01 1.31
N GLN B 227 -2.64 -27.23 0.46
CA GLN B 227 -2.28 -27.71 -0.87
C GLN B 227 -0.77 -27.62 -1.09
N LEU B 228 -0.12 -26.69 -0.41
CA LEU B 228 1.33 -26.60 -0.56
C LEU B 228 1.97 -26.45 0.79
N MET B 229 3.19 -26.96 0.88
CA MET B 229 3.97 -26.92 2.10
C MET B 229 5.24 -26.13 1.82
N VAL B 230 5.57 -25.25 2.77
CA VAL B 230 6.76 -24.42 2.69
C VAL B 230 7.58 -24.52 3.97
N ASN B 231 8.82 -24.99 3.83
CA ASN B 231 9.72 -25.12 4.96
C ASN B 231 10.77 -23.99 4.85
N LEU B 232 10.74 -23.07 5.81
CA LEU B 232 11.64 -21.94 5.85
C LEU B 232 12.91 -22.34 6.61
N LEU B 233 14.06 -21.90 6.10
CA LEU B 233 15.34 -22.24 6.73
C LEU B 233 16.20 -21.04 7.07
N SER B 234 17.06 -21.21 8.07
CA SER B 234 18.00 -20.15 8.44
C SER B 234 19.37 -20.62 7.96
N LEU B 235 20.13 -19.73 7.36
CA LEU B 235 21.45 -20.07 6.87
C LEU B 235 22.52 -19.38 7.74
N GLU B 236 23.78 -19.55 7.36
CA GLU B 236 24.88 -18.95 8.10
C GLU B 236 25.79 -18.14 7.17
N VAL B 241 25.42 -21.72 0.01
CA VAL B 241 24.35 -22.73 -0.20
C VAL B 241 23.62 -22.48 -1.53
N THR B 242 23.81 -23.41 -2.47
CA THR B 242 23.23 -23.30 -3.80
C THR B 242 21.88 -23.97 -3.98
N PHE B 243 20.92 -23.20 -4.49
CA PHE B 243 19.57 -23.69 -4.72
C PHE B 243 19.37 -24.03 -6.20
N GLU B 244 18.36 -24.85 -6.48
CA GLU B 244 18.04 -25.27 -7.83
C GLU B 244 17.68 -24.09 -8.71
N ARG B 245 18.45 -23.89 -9.77
CA ARG B 245 18.21 -22.80 -10.71
C ARG B 245 17.04 -23.12 -11.63
N LEU B 246 16.89 -24.38 -12.02
CA LEU B 246 15.82 -24.74 -12.94
C LEU B 246 14.52 -25.16 -12.27
N GLY B 247 14.44 -26.38 -11.78
CA GLY B 247 13.21 -26.81 -11.15
C GLY B 247 12.15 -26.92 -12.22
N THR B 248 12.37 -27.87 -13.13
CA THR B 248 11.46 -28.12 -14.23
C THR B 248 10.18 -28.80 -13.77
N GLU B 249 10.19 -29.31 -12.54
CA GLU B 249 9.02 -29.98 -11.99
C GLU B 249 8.66 -29.49 -10.60
N LEU B 250 7.39 -29.67 -10.26
CA LEU B 250 6.87 -29.26 -8.96
C LEU B 250 7.16 -30.38 -7.95
N LYS B 251 8.10 -30.13 -7.03
CA LYS B 251 8.45 -31.14 -6.03
C LYS B 251 7.27 -31.41 -5.12
N LYS B 252 7.28 -32.57 -4.46
CA LYS B 252 6.20 -32.93 -3.57
C LYS B 252 6.66 -33.61 -2.29
N GLN B 253 5.79 -33.60 -1.29
CA GLN B 253 6.10 -34.26 -0.03
C GLN B 253 4.82 -34.84 0.56
N ARG B 254 4.92 -36.06 1.08
CA ARG B 254 3.79 -36.75 1.66
C ARG B 254 3.56 -36.34 3.10
N LEU B 255 2.31 -35.96 3.40
CA LEU B 255 1.91 -35.58 4.75
C LEU B 255 0.60 -36.31 5.02
N LEU B 256 0.58 -37.10 6.09
CA LEU B 256 -0.61 -37.87 6.48
C LEU B 256 -1.24 -38.56 5.25
N GLY B 257 -0.39 -39.08 4.38
CA GLY B 257 -0.85 -39.77 3.19
C GLY B 257 -1.27 -38.91 2.01
N VAL B 258 -0.94 -37.63 2.04
CA VAL B 258 -1.31 -36.74 0.94
C VAL B 258 -0.10 -35.99 0.41
N ASP B 259 0.16 -36.14 -0.89
CA ASP B 259 1.30 -35.47 -1.53
C ASP B 259 1.02 -34.00 -1.76
N LEU B 260 1.79 -33.14 -1.10
CA LEU B 260 1.64 -31.70 -1.23
C LEU B 260 2.77 -31.11 -2.07
N SER B 261 2.50 -29.99 -2.74
CA SER B 261 3.54 -29.36 -3.51
C SER B 261 4.48 -28.81 -2.43
N PHE B 262 5.77 -29.04 -2.59
CA PHE B 262 6.76 -28.64 -1.59
C PHE B 262 7.72 -27.55 -2.05
N TYR B 263 7.89 -26.54 -1.21
CA TYR B 263 8.84 -25.47 -1.48
C TYR B 263 9.78 -25.39 -0.28
N GLU B 264 11.06 -25.12 -0.55
CA GLU B 264 12.07 -25.00 0.50
C GLU B 264 12.68 -23.62 0.33
N ILE B 265 12.35 -22.71 1.23
CA ILE B 265 12.82 -21.34 1.10
C ILE B 265 13.65 -20.81 2.26
N PRO B 266 14.66 -19.98 1.95
CA PRO B 266 15.52 -19.41 2.98
C PRO B 266 14.97 -18.12 3.56
N ILE B 267 15.30 -17.85 4.81
CA ILE B 267 14.87 -16.62 5.42
C ILE B 267 16.06 -15.70 5.28
N SER B 268 16.06 -14.91 4.21
CA SER B 268 17.16 -13.98 3.92
C SER B 268 16.98 -12.64 4.62
N PRO B 269 18.05 -12.13 5.25
CA PRO B 269 17.98 -10.84 5.94
C PRO B 269 17.68 -9.67 5.03
N GLY B 270 16.85 -8.75 5.51
CA GLY B 270 16.49 -7.56 4.73
C GLY B 270 15.34 -7.75 3.75
N ARG B 271 15.07 -9.01 3.41
CA ARG B 271 14.01 -9.35 2.47
C ARG B 271 12.76 -9.77 3.23
N LYS B 272 11.59 -9.46 2.68
CA LYS B 272 10.34 -9.82 3.34
C LYS B 272 9.94 -11.23 2.98
N THR B 273 10.00 -12.10 3.98
CA THR B 273 9.66 -13.51 3.83
C THR B 273 8.25 -13.69 3.32
N SER B 274 7.34 -12.88 3.83
CA SER B 274 5.94 -12.98 3.42
C SER B 274 5.82 -12.93 1.90
N GLU B 275 6.59 -12.05 1.26
CA GLU B 275 6.48 -11.94 -0.18
C GLU B 275 7.05 -13.14 -0.93
N ILE B 276 7.99 -13.85 -0.32
CA ILE B 276 8.54 -15.03 -0.97
C ILE B 276 7.50 -16.16 -0.90
N ILE B 277 6.67 -16.10 0.14
CA ILE B 277 5.61 -17.07 0.34
C ILE B 277 4.54 -16.81 -0.73
N GLU B 278 4.28 -15.54 -1.01
CA GLU B 278 3.29 -15.19 -2.02
C GLU B 278 3.76 -15.64 -3.40
N SER B 279 5.07 -15.59 -3.65
CA SER B 279 5.60 -16.01 -4.95
C SER B 279 5.36 -17.50 -5.19
N ALA B 280 5.55 -18.30 -4.14
CA ALA B 280 5.38 -19.75 -4.21
C ALA B 280 3.94 -20.11 -4.57
N VAL B 281 2.99 -19.40 -3.97
CA VAL B 281 1.58 -19.63 -4.24
C VAL B 281 1.35 -19.25 -5.70
N ILE B 282 1.81 -18.06 -6.09
CA ILE B 282 1.64 -17.62 -7.48
C ILE B 282 2.27 -18.63 -8.43
N ASP B 283 3.45 -19.14 -8.06
CA ASP B 283 4.19 -20.12 -8.85
C ASP B 283 3.38 -21.42 -8.94
N PHE B 284 2.82 -21.79 -7.79
CA PHE B 284 2.01 -22.97 -7.67
C PHE B 284 0.78 -22.88 -8.57
N LYS B 285 0.05 -21.77 -8.47
CA LYS B 285 -1.15 -21.60 -9.28
C LYS B 285 -0.85 -21.57 -10.77
N LEU B 286 0.27 -20.96 -11.12
CA LEU B 286 0.70 -20.84 -12.50
C LEU B 286 1.00 -22.21 -13.09
N LYS B 287 1.86 -22.97 -12.42
CA LYS B 287 2.19 -24.29 -12.91
C LYS B 287 0.92 -25.15 -13.04
N HIS B 288 0.00 -25.07 -12.10
CA HIS B 288 -1.22 -25.86 -12.22
C HIS B 288 -2.04 -25.46 -13.44
N SER B 289 -1.86 -24.24 -13.92
CA SER B 289 -2.58 -23.78 -15.11
C SER B 289 -1.81 -24.12 -16.39
N GLY B 290 -0.69 -24.82 -16.22
CA GLY B 290 0.11 -25.21 -17.37
C GLY B 290 1.29 -24.33 -17.74
N TYR B 291 1.69 -23.40 -16.87
CA TYR B 291 2.83 -22.54 -17.16
C TYR B 291 4.01 -22.72 -16.21
N ASN B 292 5.15 -23.12 -16.77
CA ASN B 292 6.37 -23.31 -15.99
C ASN B 292 7.50 -22.38 -16.48
N SER B 293 7.85 -21.39 -15.65
CA SER B 293 8.89 -20.41 -15.95
C SER B 293 10.23 -21.00 -16.42
N ALA B 294 10.77 -21.96 -15.67
CA ALA B 294 12.04 -22.59 -16.05
C ALA B 294 11.93 -23.17 -17.46
N LEU B 295 10.94 -24.04 -17.68
CA LEU B 295 10.73 -24.63 -18.99
C LEU B 295 10.63 -23.59 -20.11
N ASP B 296 9.96 -22.49 -19.83
CA ASP B 296 9.82 -21.41 -20.80
C ASP B 296 11.19 -20.77 -21.02
N PHE B 297 12.00 -20.73 -19.96
CA PHE B 297 13.33 -20.16 -20.04
C PHE B 297 14.21 -21.05 -20.90
N ILE B 298 14.12 -22.34 -20.65
CA ILE B 298 14.88 -23.36 -21.39
C ILE B 298 14.61 -23.26 -22.89
N GLU B 299 13.34 -23.23 -23.26
CA GLU B 299 12.98 -23.14 -24.66
C GLU B 299 13.45 -21.83 -25.26
N ASN B 300 13.34 -20.75 -24.50
CA ASN B 300 13.76 -19.45 -25.01
C ASN B 300 15.25 -19.47 -25.36
N GLN B 301 16.05 -20.10 -24.51
CA GLN B 301 17.49 -20.20 -24.69
C GLN B 301 17.85 -21.06 -25.91
N LYS B 302 17.10 -22.14 -26.12
CA LYS B 302 17.32 -23.04 -27.25
C LYS B 302 17.07 -22.29 -28.55
N ALA B 303 15.92 -21.65 -28.64
CA ALA B 303 15.53 -20.89 -29.81
C ALA B 303 16.64 -19.92 -30.20
N ILE B 304 17.19 -19.22 -29.21
CA ILE B 304 18.26 -18.25 -29.47
C ILE B 304 19.43 -18.98 -30.12
N LEU B 305 19.87 -20.07 -29.49
CA LEU B 305 20.98 -20.87 -30.02
C LEU B 305 20.66 -21.42 -31.41
N LYS B 306 19.37 -21.71 -31.64
CA LYS B 306 18.92 -22.26 -32.92
C LYS B 306 19.01 -21.20 -34.03
N ARG B 307 18.93 -19.94 -33.66
CA ARG B 307 19.00 -18.85 -34.62
C ARG B 307 20.46 -18.59 -35.02
N LYS B 308 21.26 -19.65 -35.01
CA LYS B 308 22.67 -19.55 -35.39
C LYS B 308 22.80 -19.84 -36.88
N MET C 1 15.38 29.84 -26.83
CA MET C 1 16.21 28.63 -26.57
C MET C 1 17.49 28.97 -25.80
N LYS C 2 17.92 28.05 -24.95
CA LYS C 2 19.13 28.26 -24.14
C LYS C 2 20.45 27.99 -24.89
N LYS C 3 21.32 28.99 -24.85
CA LYS C 3 22.65 28.99 -25.45
C LYS C 3 23.45 27.69 -25.35
N LEU C 4 23.92 27.16 -26.47
CA LEU C 4 24.76 25.96 -26.44
C LEU C 4 26.17 26.48 -26.67
N LEU C 5 27.06 26.24 -25.70
CA LEU C 5 28.43 26.72 -25.80
C LEU C 5 29.46 25.61 -25.92
N VAL C 6 30.62 25.95 -26.48
CA VAL C 6 31.71 25.00 -26.67
C VAL C 6 32.13 24.41 -25.33
N LYS C 7 32.08 25.22 -24.28
CA LYS C 7 32.44 24.73 -22.94
C LYS C 7 31.44 23.65 -22.51
N GLU C 8 30.16 23.88 -22.76
CA GLU C 8 29.12 22.92 -22.39
C GLU C 8 29.47 21.56 -23.00
N LEU C 9 29.80 21.55 -24.29
CA LEU C 9 30.17 20.34 -24.99
C LEU C 9 31.35 19.64 -24.35
N ILE C 10 32.41 20.40 -24.09
CA ILE C 10 33.60 19.85 -23.48
C ILE C 10 33.24 19.25 -22.12
N GLU C 11 32.69 20.08 -21.25
CA GLU C 11 32.29 19.65 -19.91
C GLU C 11 31.41 18.40 -20.01
N GLN C 12 30.61 18.32 -21.06
CA GLN C 12 29.71 17.19 -21.24
C GLN C 12 30.32 15.92 -21.85
N PHE C 13 31.51 16.05 -22.42
CA PHE C 13 32.18 14.91 -23.03
C PHE C 13 33.65 14.83 -22.65
N GLN C 14 33.91 15.04 -21.36
CA GLN C 14 35.27 14.99 -20.82
C GLN C 14 35.93 13.63 -20.99
N ASP C 15 35.10 12.59 -21.00
CA ASP C 15 35.58 11.22 -21.10
C ASP C 15 36.23 10.86 -22.44
N CYS C 16 35.91 11.61 -23.49
CA CYS C 16 36.41 11.26 -24.81
C CYS C 16 36.79 12.44 -25.69
N VAL C 17 36.81 13.63 -25.10
CA VAL C 17 37.17 14.81 -25.86
C VAL C 17 38.08 15.72 -25.06
N ASN C 18 39.12 16.23 -25.74
CA ASN C 18 40.08 17.11 -25.13
C ASN C 18 40.33 18.35 -25.98
N LEU C 19 40.39 19.50 -25.32
CA LEU C 19 40.64 20.78 -25.98
C LEU C 19 42.15 20.97 -26.13
N ILE C 20 42.61 21.14 -27.36
CA ILE C 20 44.04 21.32 -27.61
C ILE C 20 44.38 22.68 -28.18
N ASP C 21 43.37 23.51 -28.39
CA ASP C 21 43.62 24.83 -28.95
C ASP C 21 42.36 25.69 -28.89
N GLY C 22 42.54 26.99 -29.05
CA GLY C 22 41.41 27.90 -29.00
C GLY C 22 40.90 28.04 -27.59
N HIS C 23 41.76 27.71 -26.63
CA HIS C 23 41.44 27.75 -25.22
C HIS C 23 40.64 28.96 -24.73
N THR C 24 40.89 30.11 -25.32
CA THR C 24 40.20 31.33 -24.91
C THR C 24 38.89 31.59 -25.63
N ASN C 25 38.47 30.65 -26.49
CA ASN C 25 37.22 30.83 -27.23
C ASN C 25 36.20 29.72 -26.99
N THR C 26 36.27 29.07 -25.84
CA THR C 26 35.33 28.01 -25.51
C THR C 26 33.97 28.64 -25.23
N SER C 27 33.93 29.97 -25.28
CA SER C 27 32.70 30.71 -25.05
C SER C 27 31.88 30.89 -26.33
N ASN C 28 32.33 30.27 -27.42
CA ASN C 28 31.64 30.34 -28.70
C ASN C 28 30.31 29.59 -28.65
N VAL C 29 29.30 30.17 -29.29
CA VAL C 29 27.98 29.56 -29.34
C VAL C 29 27.83 28.70 -30.60
N ILE C 30 27.07 27.63 -30.46
CA ILE C 30 26.80 26.70 -31.55
C ILE C 30 25.39 27.09 -32.01
N ARG C 31 25.27 27.49 -33.26
CA ARG C 31 23.97 27.90 -33.79
C ARG C 31 23.33 26.87 -34.71
N VAL C 32 24.12 25.90 -35.15
CA VAL C 32 23.63 24.86 -36.04
C VAL C 32 24.03 23.48 -35.53
N PRO C 33 23.09 22.51 -35.61
CA PRO C 33 23.34 21.14 -35.15
C PRO C 33 24.29 20.35 -36.05
N GLY C 34 24.49 19.09 -35.67
CA GLY C 34 25.33 18.17 -36.42
C GLY C 34 26.81 18.52 -36.49
N LEU C 35 27.63 17.50 -36.71
CA LEU C 35 29.05 17.69 -36.88
C LEU C 35 29.10 18.04 -38.38
N LYS C 36 29.20 19.34 -38.67
CA LYS C 36 29.22 19.81 -40.04
C LYS C 36 30.40 19.30 -40.84
N ARG C 37 30.14 18.99 -42.11
CA ARG C 37 31.20 18.50 -42.98
C ARG C 37 31.54 19.71 -43.86
N VAL C 38 32.83 20.02 -43.97
CA VAL C 38 33.27 21.18 -44.73
C VAL C 38 34.15 20.92 -45.96
N VAL C 39 33.71 20.05 -46.85
CA VAL C 39 34.47 19.76 -48.05
C VAL C 39 34.26 20.88 -49.06
N PHE C 40 33.04 21.42 -49.10
CA PHE C 40 32.73 22.52 -50.01
C PHE C 40 33.61 23.74 -49.76
N GLU C 41 33.65 24.22 -48.52
CA GLU C 41 34.46 25.39 -48.18
C GLU C 41 35.96 25.12 -48.16
N MET C 42 36.35 23.90 -47.80
CA MET C 42 37.77 23.56 -47.78
C MET C 42 38.39 23.84 -49.13
N LEU C 43 37.79 23.29 -50.19
CA LEU C 43 38.27 23.49 -51.56
C LEU C 43 38.00 24.91 -52.02
N GLY C 44 37.28 25.67 -51.19
CA GLY C 44 36.98 27.05 -51.51
C GLY C 44 35.86 27.29 -52.49
N LEU C 45 34.65 26.88 -52.14
CA LEU C 45 33.48 27.08 -53.00
C LEU C 45 32.42 27.90 -52.26
N PHE C 46 32.24 27.61 -50.98
CA PHE C 46 31.29 28.34 -50.15
C PHE C 46 32.08 29.30 -49.27
N SER C 47 31.54 30.50 -49.04
CA SER C 47 32.21 31.50 -48.23
C SER C 47 31.33 32.06 -47.12
N SER C 48 30.29 31.32 -46.76
CA SER C 48 29.39 31.77 -45.71
C SER C 48 29.88 31.27 -44.36
N GLN C 49 29.72 32.12 -43.34
CA GLN C 49 30.13 31.80 -41.97
C GLN C 49 29.53 30.47 -41.49
N ILE C 50 30.35 29.66 -40.82
CA ILE C 50 29.91 28.38 -40.29
C ILE C 50 29.35 28.51 -38.87
N GLY C 51 28.10 28.12 -38.67
CA GLY C 51 27.48 28.24 -37.37
C GLY C 51 27.41 26.95 -36.56
N SER C 52 28.08 25.91 -37.05
CA SER C 52 28.08 24.62 -36.38
C SER C 52 29.50 24.07 -36.23
N VAL C 53 29.65 23.09 -35.35
CA VAL C 53 30.94 22.47 -35.11
C VAL C 53 31.37 21.66 -36.33
N ALA C 54 32.51 22.03 -36.91
CA ALA C 54 33.00 21.31 -38.07
C ALA C 54 33.82 20.12 -37.62
N ILE C 55 33.76 19.06 -38.41
CA ILE C 55 34.48 17.82 -38.15
C ILE C 55 35.45 17.51 -39.30
N LEU C 56 36.61 16.97 -38.93
CA LEU C 56 37.64 16.59 -39.88
C LEU C 56 38.07 15.20 -39.42
N GLY C 57 37.95 14.22 -40.32
CA GLY C 57 38.30 12.86 -39.95
C GLY C 57 39.20 12.22 -40.98
N LYS C 58 38.94 10.94 -41.26
CA LYS C 58 39.72 10.18 -42.21
C LYS C 58 39.66 10.74 -43.62
N ARG C 59 38.44 10.97 -44.13
CA ARG C 59 38.26 11.50 -45.47
C ARG C 59 39.00 12.82 -45.70
N GLU C 60 39.23 13.57 -44.63
CA GLU C 60 39.91 14.86 -44.76
C GLU C 60 41.41 14.83 -44.48
N PHE C 61 41.85 13.93 -43.60
CA PHE C 61 43.26 13.85 -43.28
C PHE C 61 44.06 13.26 -44.42
N GLY C 62 43.48 12.27 -45.10
CA GLY C 62 44.15 11.65 -46.23
C GLY C 62 44.22 12.62 -47.40
N PHE C 63 43.12 13.35 -47.62
CA PHE C 63 43.04 14.31 -48.70
C PHE C 63 44.15 15.35 -48.62
N LEU C 64 44.29 15.97 -47.45
CA LEU C 64 45.32 16.98 -47.23
C LEU C 64 46.73 16.43 -47.24
N SER C 65 46.87 15.15 -46.90
CA SER C 65 48.17 14.49 -46.86
C SER C 65 48.87 14.51 -48.22
N GLN C 66 48.09 14.31 -49.28
CA GLN C 66 48.62 14.29 -50.63
C GLN C 66 48.65 15.69 -51.22
N LYS C 67 48.69 16.70 -50.35
CA LYS C 67 48.74 18.08 -50.79
C LYS C 67 49.99 18.77 -50.27
N THR C 68 50.46 19.76 -51.02
CA THR C 68 51.64 20.52 -50.65
C THR C 68 51.35 21.24 -49.34
N LEU C 69 52.40 21.56 -48.59
CA LEU C 69 52.23 22.26 -47.32
C LEU C 69 51.66 23.66 -47.57
N VAL C 70 51.82 24.13 -48.81
CA VAL C 70 51.31 25.44 -49.19
C VAL C 70 49.84 25.34 -49.53
N GLU C 71 49.49 24.24 -50.18
CA GLU C 71 48.11 23.96 -50.58
C GLU C 71 47.33 23.59 -49.32
N GLN C 72 47.97 22.81 -48.46
CA GLN C 72 47.39 22.36 -47.19
C GLN C 72 47.03 23.56 -46.33
N GLN C 73 47.84 24.60 -46.41
CA GLN C 73 47.64 25.82 -45.64
C GLN C 73 46.53 26.67 -46.23
N GLN C 74 46.46 26.72 -47.55
CA GLN C 74 45.45 27.50 -48.23
C GLN C 74 44.07 26.96 -47.87
N ILE C 75 43.95 25.62 -47.91
CA ILE C 75 42.70 24.93 -47.59
C ILE C 75 42.25 25.23 -46.16
N LEU C 76 43.13 24.98 -45.19
CA LEU C 76 42.82 25.21 -43.79
C LEU C 76 42.51 26.68 -43.53
N HIS C 77 42.97 27.54 -44.42
CA HIS C 77 42.73 28.97 -44.29
C HIS C 77 41.31 29.33 -44.73
N ASN C 78 40.84 28.71 -45.82
CA ASN C 78 39.49 28.98 -46.31
C ASN C 78 38.45 28.60 -45.26
N LEU C 79 38.77 27.60 -44.44
CA LEU C 79 37.88 27.11 -43.41
C LEU C 79 37.90 27.98 -42.14
N LEU C 80 39.06 28.08 -41.51
CA LEU C 80 39.21 28.84 -40.29
C LEU C 80 38.75 30.29 -40.35
N LYS C 81 38.75 30.87 -41.55
CA LYS C 81 38.31 32.27 -41.71
C LYS C 81 36.79 32.40 -41.72
N LEU C 82 36.12 31.29 -42.00
CA LEU C 82 34.66 31.29 -42.05
C LEU C 82 34.08 31.45 -40.65
N ASN C 83 34.96 31.48 -39.66
CA ASN C 83 34.58 31.67 -38.26
C ASN C 83 33.69 30.57 -37.65
N PRO C 84 34.16 29.31 -37.69
CA PRO C 84 33.39 28.19 -37.12
C PRO C 84 33.45 28.18 -35.60
N PRO C 85 32.39 27.69 -34.94
CA PRO C 85 32.31 27.62 -33.47
C PRO C 85 33.42 26.75 -32.91
N ALA C 86 33.72 25.67 -33.62
CA ALA C 86 34.78 24.74 -33.21
C ALA C 86 35.00 23.68 -34.28
N ILE C 87 36.05 22.89 -34.08
CA ILE C 87 36.41 21.84 -35.01
C ILE C 87 36.89 20.64 -34.22
N ILE C 88 36.27 19.49 -34.44
CA ILE C 88 36.69 18.30 -33.72
C ILE C 88 37.54 17.46 -34.66
N LEU C 89 38.56 16.83 -34.11
CA LEU C 89 39.46 15.99 -34.90
C LEU C 89 39.33 14.57 -34.42
N THR C 90 38.90 13.72 -35.35
CA THR C 90 38.69 12.30 -35.08
C THR C 90 40.01 11.60 -34.85
N LYS C 91 39.94 10.32 -34.47
CA LYS C 91 41.12 9.52 -34.23
C LYS C 91 41.87 9.34 -35.55
N SER C 92 41.17 9.68 -36.64
CA SER C 92 41.72 9.57 -37.98
C SER C 92 42.71 10.69 -38.26
N PHE C 93 42.33 11.92 -37.90
CA PHE C 93 43.19 13.08 -38.10
C PHE C 93 44.33 12.94 -37.11
N THR C 94 45.38 12.21 -37.52
CA THR C 94 46.52 11.94 -36.65
C THR C 94 47.61 13.01 -36.57
N ASP C 95 47.48 14.08 -37.35
CA ASP C 95 48.49 15.13 -37.32
C ASP C 95 47.99 16.53 -37.57
N PRO C 96 47.67 17.27 -36.48
CA PRO C 96 47.17 18.64 -36.52
C PRO C 96 48.27 19.70 -36.67
N THR C 97 49.49 19.26 -36.91
CA THR C 97 50.63 20.15 -37.06
C THR C 97 50.34 21.38 -37.93
N VAL C 98 49.96 21.14 -39.17
CA VAL C 98 49.67 22.24 -40.08
C VAL C 98 48.46 23.02 -39.58
N LEU C 99 47.40 22.31 -39.23
CA LEU C 99 46.19 22.96 -38.72
C LEU C 99 46.48 23.93 -37.58
N LEU C 100 47.10 23.41 -36.52
CA LEU C 100 47.44 24.21 -35.35
C LEU C 100 48.25 25.45 -35.73
N GLN C 101 49.27 25.24 -36.56
CA GLN C 101 50.12 26.34 -37.01
C GLN C 101 49.30 27.42 -37.71
N VAL C 102 48.40 27.01 -38.59
CA VAL C 102 47.57 27.98 -39.31
C VAL C 102 46.53 28.61 -38.41
N ASN C 103 46.09 27.88 -37.40
CA ASN C 103 45.07 28.33 -36.47
C ASN C 103 45.54 29.28 -35.37
N GLN C 104 46.86 29.43 -35.22
CA GLN C 104 47.35 30.34 -34.18
C GLN C 104 46.96 31.79 -34.52
N THR C 105 46.24 31.96 -35.62
CA THR C 105 45.80 33.29 -36.06
C THR C 105 44.35 33.56 -35.63
N TYR C 106 43.48 32.58 -35.81
CA TYR C 106 42.07 32.72 -35.47
C TYR C 106 41.77 32.17 -34.09
N GLN C 107 42.50 31.11 -33.72
CA GLN C 107 42.34 30.44 -32.43
C GLN C 107 40.96 29.82 -32.26
N VAL C 108 40.54 29.08 -33.27
CA VAL C 108 39.25 28.41 -33.20
C VAL C 108 39.42 27.23 -32.25
N PRO C 109 38.44 27.01 -31.37
CA PRO C 109 38.52 25.90 -30.43
C PRO C 109 38.71 24.59 -31.20
N ILE C 110 39.79 23.89 -30.90
CA ILE C 110 40.08 22.63 -31.58
C ILE C 110 40.03 21.47 -30.60
N LEU C 111 39.04 20.61 -30.81
CA LEU C 111 38.83 19.45 -29.96
C LEU C 111 39.35 18.17 -30.58
N LYS C 112 40.07 17.39 -29.79
CA LYS C 112 40.62 16.11 -30.22
C LYS C 112 39.85 14.97 -29.56
N THR C 113 39.64 13.88 -30.29
CA THR C 113 38.92 12.72 -29.77
C THR C 113 39.53 11.41 -30.22
N ASP C 114 39.30 10.37 -29.42
CA ASP C 114 39.81 9.04 -29.71
C ASP C 114 38.71 8.22 -30.39
N PHE C 115 37.55 8.83 -30.58
CA PHE C 115 36.41 8.19 -31.24
C PHE C 115 36.50 8.38 -32.76
N PHE C 116 35.88 7.47 -33.50
CA PHE C 116 35.84 7.57 -34.96
C PHE C 116 34.58 8.33 -35.33
N SER C 117 34.48 8.74 -36.59
CA SER C 117 33.31 9.50 -37.03
C SER C 117 31.99 8.78 -36.72
N THR C 118 31.98 7.46 -36.86
CA THR C 118 30.79 6.68 -36.60
C THR C 118 30.45 6.62 -35.10
N GLU C 119 31.47 6.57 -34.26
CA GLU C 119 31.26 6.52 -32.83
C GLU C 119 30.83 7.87 -32.28
N LEU C 120 31.02 8.94 -33.06
CA LEU C 120 30.64 10.28 -32.62
C LEU C 120 29.20 10.61 -32.99
N SER C 121 28.65 9.87 -33.94
CA SER C 121 27.28 10.08 -34.43
C SER C 121 26.20 9.81 -33.39
N PHE C 122 26.42 8.77 -32.58
CA PHE C 122 25.46 8.42 -31.54
C PHE C 122 25.87 8.91 -30.13
N THR C 123 26.87 9.79 -30.11
CA THR C 123 27.35 10.37 -28.85
C THR C 123 27.35 11.90 -28.95
N VAL C 124 28.50 12.47 -29.28
CA VAL C 124 28.62 13.94 -29.38
C VAL C 124 27.58 14.57 -30.32
N GLU C 125 27.54 14.07 -31.56
CA GLU C 125 26.62 14.57 -32.55
C GLU C 125 25.15 14.51 -32.11
N THR C 126 24.69 13.34 -31.67
CA THR C 126 23.30 13.21 -31.21
C THR C 126 23.02 14.13 -30.02
N TYR C 127 24.04 14.37 -29.19
CA TYR C 127 23.88 15.26 -28.05
C TYR C 127 23.61 16.69 -28.53
N ILE C 128 24.36 17.12 -29.54
CA ILE C 128 24.19 18.47 -30.06
C ILE C 128 22.85 18.65 -30.73
N ASN C 129 22.45 17.71 -31.59
CA ASN C 129 21.18 17.82 -32.30
C ASN C 129 19.98 17.93 -31.37
N GLU C 130 19.92 17.07 -30.38
CA GLU C 130 18.83 17.10 -29.43
C GLU C 130 18.58 18.52 -28.93
N GLN C 131 19.65 19.30 -28.75
CA GLN C 131 19.53 20.67 -28.25
C GLN C 131 18.73 21.59 -29.14
N PHE C 132 18.72 21.31 -30.43
CA PHE C 132 18.02 22.15 -31.38
C PHE C 132 16.67 21.55 -31.76
N ALA C 133 16.32 20.44 -31.13
CA ALA C 133 15.06 19.80 -31.44
C ALA C 133 13.93 20.82 -31.37
N THR C 134 13.00 20.73 -32.32
CA THR C 134 11.87 21.63 -32.35
C THR C 134 10.91 21.29 -31.21
N VAL C 135 10.50 22.30 -30.46
CA VAL C 135 9.60 22.11 -29.33
C VAL C 135 8.29 22.89 -29.47
N ALA C 136 7.19 22.25 -29.12
CA ALA C 136 5.88 22.88 -29.23
C ALA C 136 5.10 22.82 -27.92
N GLN C 137 4.33 23.87 -27.66
CA GLN C 137 3.53 23.96 -26.44
C GLN C 137 2.13 23.40 -26.71
N ILE C 138 1.56 22.72 -25.72
CA ILE C 138 0.22 22.15 -25.85
C ILE C 138 -0.49 22.20 -24.49
N HIS C 139 -1.71 21.68 -24.43
CA HIS C 139 -2.46 21.66 -23.17
C HIS C 139 -2.74 20.24 -22.71
N GLY C 140 -2.86 20.05 -21.41
CA GLY C 140 -3.13 18.72 -20.89
C GLY C 140 -2.30 18.36 -19.67
N VAL C 141 -2.32 17.08 -19.33
CA VAL C 141 -1.57 16.61 -18.16
C VAL C 141 -0.57 15.57 -18.56
N LEU C 142 0.67 15.72 -18.08
CA LEU C 142 1.72 14.76 -18.39
C LEU C 142 2.13 13.95 -17.15
N LEU C 143 2.04 12.63 -17.27
CA LEU C 143 2.40 11.71 -16.19
C LEU C 143 3.00 10.45 -16.73
N GLU C 144 3.73 9.74 -15.89
CA GLU C 144 4.26 8.47 -16.32
C GLU C 144 3.65 7.41 -15.39
N VAL C 145 2.90 6.50 -15.99
CA VAL C 145 2.19 5.44 -15.28
C VAL C 145 2.66 4.04 -15.67
N PHE C 146 3.19 3.31 -14.69
CA PHE C 146 3.69 1.97 -14.98
C PHE C 146 4.80 2.10 -16.01
N GLY C 147 5.53 3.22 -15.94
CA GLY C 147 6.63 3.46 -16.85
C GLY C 147 6.22 3.90 -18.25
N VAL C 148 4.94 4.16 -18.45
CA VAL C 148 4.43 4.57 -19.74
C VAL C 148 4.00 6.04 -19.72
N GLY C 149 4.60 6.85 -20.59
CA GLY C 149 4.24 8.27 -20.64
C GLY C 149 2.80 8.44 -21.08
N VAL C 150 2.00 9.14 -20.27
CA VAL C 150 0.59 9.36 -20.58
C VAL C 150 0.14 10.81 -20.69
N LEU C 151 -0.34 11.19 -21.86
CA LEU C 151 -0.83 12.56 -22.08
C LEU C 151 -2.35 12.58 -21.89
N LEU C 152 -2.80 13.31 -20.89
CA LEU C 152 -4.21 13.44 -20.60
C LEU C 152 -4.74 14.72 -21.24
N THR C 153 -5.85 14.60 -21.96
CA THR C 153 -6.49 15.76 -22.61
C THR C 153 -7.96 15.82 -22.20
N GLY C 154 -8.70 16.81 -22.70
CA GLY C 154 -10.10 16.93 -22.37
C GLY C 154 -10.50 18.38 -22.20
N ARG C 155 -11.81 18.63 -22.18
CA ARG C 155 -12.33 19.99 -22.01
C ARG C 155 -12.27 20.40 -20.55
N SER C 156 -12.73 19.51 -19.67
CA SER C 156 -12.73 19.77 -18.25
C SER C 156 -11.35 19.83 -17.63
N GLY C 157 -10.98 21.00 -17.09
CA GLY C 157 -9.69 21.15 -16.47
C GLY C 157 -9.72 20.53 -15.08
N ILE C 158 -10.93 20.46 -14.51
CA ILE C 158 -11.13 19.86 -13.20
C ILE C 158 -10.98 18.35 -13.31
N GLY C 159 -11.62 17.77 -14.33
CA GLY C 159 -11.54 16.33 -14.52
C GLY C 159 -10.11 15.85 -14.63
N LYS C 160 -9.29 16.60 -15.36
CA LYS C 160 -7.89 16.25 -15.55
C LYS C 160 -7.07 16.40 -14.26
N SER C 161 -7.11 17.59 -13.66
CA SER C 161 -6.38 17.86 -12.43
C SER C 161 -6.71 16.88 -11.32
N GLU C 162 -7.98 16.54 -11.17
CA GLU C 162 -8.40 15.63 -10.12
C GLU C 162 -7.91 14.21 -10.36
N CYS C 163 -8.04 13.76 -11.61
CA CYS C 163 -7.60 12.44 -11.99
C CYS C 163 -6.08 12.35 -11.75
N ALA C 164 -5.39 13.47 -12.00
CA ALA C 164 -3.94 13.50 -11.83
C ALA C 164 -3.52 13.30 -10.37
N LEU C 165 -4.16 14.02 -9.46
CA LEU C 165 -3.85 13.91 -8.03
C LEU C 165 -4.08 12.47 -7.55
N ASP C 166 -5.20 11.89 -7.98
CA ASP C 166 -5.52 10.51 -7.64
C ASP C 166 -4.41 9.61 -8.16
N LEU C 167 -3.89 9.92 -9.35
CA LEU C 167 -2.81 9.12 -9.91
C LEU C 167 -1.53 9.33 -9.09
N ILE C 168 -1.32 10.55 -8.60
CA ILE C 168 -0.14 10.82 -7.81
C ILE C 168 -0.22 10.00 -6.52
N ASN C 169 -1.42 9.89 -5.96
CA ASN C 169 -1.59 9.11 -4.74
C ASN C 169 -1.42 7.63 -4.97
N LYS C 170 -1.37 7.26 -6.24
CA LYS C 170 -1.15 5.87 -6.64
C LYS C 170 0.34 5.70 -6.91
N ASN C 171 1.12 6.73 -6.62
CA ASN C 171 2.58 6.71 -6.80
C ASN C 171 3.07 6.72 -8.25
N HIS C 172 2.25 7.28 -9.13
CA HIS C 172 2.63 7.41 -10.52
C HIS C 172 3.41 8.70 -10.61
N LEU C 173 4.22 8.83 -11.65
CA LEU C 173 5.05 10.01 -11.82
C LEU C 173 4.36 11.22 -12.46
N PHE C 174 4.44 12.37 -11.81
CA PHE C 174 3.84 13.58 -12.34
C PHE C 174 4.88 14.44 -13.06
N VAL C 175 4.65 14.70 -14.34
CA VAL C 175 5.58 15.49 -15.12
C VAL C 175 5.19 16.96 -15.18
N GLY C 176 3.91 17.24 -15.44
CA GLY C 176 3.48 18.65 -15.51
C GLY C 176 1.99 18.76 -15.75
N ASP C 177 1.46 19.97 -15.64
CA ASP C 177 0.04 20.19 -15.82
C ASP C 177 -0.21 21.45 -16.64
N ASP C 178 -1.29 21.44 -17.41
CA ASP C 178 -1.72 22.57 -18.24
C ASP C 178 -0.67 23.12 -19.21
N ALA C 179 0.25 23.94 -18.71
CA ALA C 179 1.29 24.52 -19.54
C ALA C 179 2.42 23.53 -19.80
N ILE C 180 2.17 22.57 -20.68
CA ILE C 180 3.18 21.56 -21.00
C ILE C 180 3.72 21.75 -22.41
N GLU C 181 4.80 21.04 -22.75
CA GLU C 181 5.36 21.17 -24.06
C GLU C 181 6.00 19.87 -24.54
N ILE C 182 6.02 19.68 -25.85
CA ILE C 182 6.58 18.46 -26.42
C ILE C 182 7.59 18.71 -27.53
N TYR C 183 8.44 17.71 -27.73
CA TYR C 183 9.47 17.78 -28.74
C TYR C 183 9.75 16.37 -29.24
N ARG C 184 10.24 16.27 -30.46
CA ARG C 184 10.53 14.98 -31.07
C ARG C 184 12.03 14.67 -31.15
N LEU C 185 12.36 13.42 -30.86
CA LEU C 185 13.73 12.91 -30.90
C LEU C 185 13.67 11.57 -31.60
N GLY C 186 14.10 11.52 -32.86
CA GLY C 186 14.03 10.27 -33.60
C GLY C 186 12.57 9.92 -33.82
N ASN C 187 12.21 8.68 -33.54
CA ASN C 187 10.83 8.23 -33.71
C ASN C 187 10.08 8.28 -32.37
N ARG C 188 10.69 8.87 -31.35
CA ARG C 188 10.04 8.94 -30.05
C ARG C 188 9.54 10.36 -29.76
N LEU C 189 8.45 10.47 -28.99
CA LEU C 189 7.88 11.77 -28.64
C LEU C 189 8.09 12.01 -27.13
N PHE C 190 8.58 13.19 -26.77
CA PHE C 190 8.84 13.54 -25.38
C PHE C 190 8.02 14.72 -24.88
N GLY C 191 7.73 14.70 -23.57
CA GLY C 191 6.96 15.78 -22.96
C GLY C 191 7.57 16.26 -21.65
N ARG C 192 7.29 17.51 -21.30
CA ARG C 192 7.80 18.08 -20.07
C ARG C 192 7.01 19.34 -19.77
N ALA C 193 7.16 19.82 -18.55
CA ALA C 193 6.46 21.03 -18.13
C ALA C 193 7.16 22.27 -18.67
N GLN C 194 6.40 23.34 -18.88
CA GLN C 194 6.98 24.59 -19.34
C GLN C 194 7.64 25.19 -18.11
N GLU C 195 8.32 26.32 -18.25
CA GLU C 195 8.97 26.92 -17.10
C GLU C 195 7.96 27.51 -16.13
N VAL C 196 6.87 28.07 -16.63
CA VAL C 196 5.86 28.65 -15.75
C VAL C 196 5.06 27.58 -15.05
N ALA C 197 5.20 26.33 -15.48
CA ALA C 197 4.44 25.25 -14.87
C ALA C 197 5.20 24.46 -13.80
N LYS C 198 6.48 24.22 -14.03
CA LYS C 198 7.29 23.47 -13.08
C LYS C 198 6.54 22.20 -12.63
N LYS C 199 6.09 22.21 -11.39
CA LYS C 199 5.35 21.09 -10.83
C LYS C 199 4.14 21.61 -10.07
N PHE C 200 3.65 22.77 -10.47
CA PHE C 200 2.48 23.34 -9.83
C PHE C 200 1.20 22.81 -10.51
N MET C 201 0.11 22.80 -9.76
CA MET C 201 -1.17 22.35 -10.32
C MET C 201 -2.28 22.87 -9.43
N GLU C 202 -3.29 23.46 -10.06
CA GLU C 202 -4.42 24.01 -9.35
C GLU C 202 -5.41 22.91 -8.96
N ILE C 203 -5.99 23.05 -7.78
CA ILE C 203 -6.95 22.07 -7.29
C ILE C 203 -8.01 22.79 -6.47
N ARG C 204 -9.25 22.71 -6.92
CA ARG C 204 -10.33 23.39 -6.22
C ARG C 204 -10.25 23.24 -4.72
N GLY C 205 -10.37 24.36 -4.02
CA GLY C 205 -10.31 24.36 -2.58
C GLY C 205 -8.90 24.60 -2.06
N LEU C 206 -7.92 24.34 -2.91
CA LEU C 206 -6.52 24.52 -2.51
C LEU C 206 -5.77 25.48 -3.43
N GLY C 207 -6.30 25.68 -4.62
CA GLY C 207 -5.64 26.55 -5.56
C GLY C 207 -4.41 25.85 -6.13
N ILE C 208 -3.36 26.61 -6.39
CA ILE C 208 -2.12 26.07 -6.93
C ILE C 208 -1.28 25.42 -5.83
N ILE C 209 -0.93 24.16 -6.03
CA ILE C 209 -0.11 23.41 -5.08
C ILE C 209 1.16 22.93 -5.78
N ASN C 210 2.26 22.88 -5.05
CA ASN C 210 3.50 22.37 -5.62
C ASN C 210 3.50 20.87 -5.35
N VAL C 211 3.16 20.10 -6.39
CA VAL C 211 3.08 18.65 -6.30
C VAL C 211 4.32 18.03 -5.67
N GLU C 212 5.47 18.61 -6.01
CA GLU C 212 6.74 18.13 -5.51
C GLU C 212 6.94 18.39 -4.03
N ARG C 213 6.56 19.58 -3.54
CA ARG C 213 6.73 19.86 -2.11
C ARG C 213 5.63 19.16 -1.30
N PHE C 214 4.49 18.91 -1.94
CA PHE C 214 3.38 18.22 -1.31
C PHE C 214 3.63 16.71 -1.16
N TYR C 215 4.17 16.09 -2.21
CA TYR C 215 4.37 14.64 -2.20
C TYR C 215 5.76 14.10 -2.47
N GLY C 216 6.75 14.99 -2.61
CA GLY C 216 8.11 14.53 -2.82
C GLY C 216 8.58 14.22 -4.23
N LEU C 217 9.90 14.22 -4.35
CA LEU C 217 10.56 13.93 -5.61
C LEU C 217 10.35 12.50 -6.08
N GLN C 218 9.94 11.60 -5.18
CA GLN C 218 9.72 10.22 -5.60
C GLN C 218 8.45 10.17 -6.40
N ILE C 219 7.81 11.33 -6.51
CA ILE C 219 6.54 11.42 -7.22
C ILE C 219 6.59 12.21 -8.52
N THR C 220 7.72 12.86 -8.78
CA THR C 220 7.82 13.65 -9.99
C THR C 220 8.93 13.17 -10.90
N LYS C 221 8.90 13.66 -12.12
CA LYS C 221 9.90 13.30 -13.10
C LYS C 221 10.02 14.45 -14.10
N GLN C 222 11.26 14.76 -14.46
CA GLN C 222 11.59 15.84 -15.38
C GLN C 222 10.92 15.69 -16.76
N ARG C 223 11.04 14.53 -17.36
CA ARG C 223 10.44 14.33 -18.66
C ARG C 223 9.95 12.90 -18.82
N THR C 224 9.14 12.68 -19.85
CA THR C 224 8.63 11.36 -20.13
C THR C 224 8.37 11.17 -21.62
N GLU C 225 8.70 9.98 -22.10
CA GLU C 225 8.48 9.62 -23.50
C GLU C 225 6.99 9.35 -23.64
N ILE C 226 6.27 10.26 -24.28
CA ILE C 226 4.83 10.10 -24.48
C ILE C 226 4.58 8.96 -25.46
N GLN C 227 3.87 7.94 -25.02
CA GLN C 227 3.57 6.78 -25.87
C GLN C 227 2.08 6.59 -25.98
N LEU C 228 1.37 7.10 -24.99
CA LEU C 228 -0.07 6.94 -24.94
C LEU C 228 -0.78 8.26 -24.68
N MET C 229 -1.96 8.39 -25.27
CA MET C 229 -2.81 9.57 -25.13
C MET C 229 -4.20 9.10 -24.70
N VAL C 230 -4.75 9.73 -23.67
CA VAL C 230 -6.06 9.37 -23.15
C VAL C 230 -6.91 10.63 -23.05
N ASN C 231 -8.04 10.62 -23.74
CA ASN C 231 -8.92 11.78 -23.72
C ASN C 231 -10.04 11.54 -22.73
N LEU C 232 -10.26 12.52 -21.86
CA LEU C 232 -11.29 12.44 -20.82
C LEU C 232 -12.55 13.22 -21.17
N LEU C 233 -13.68 12.50 -21.21
CA LEU C 233 -14.98 13.09 -21.52
C LEU C 233 -15.74 13.35 -20.23
N SER C 234 -16.07 14.61 -20.00
CA SER C 234 -16.80 15.00 -18.80
C SER C 234 -18.24 14.49 -18.75
N LEU C 246 -16.59 -3.43 -27.00
CA LEU C 246 -15.38 -4.27 -27.21
C LEU C 246 -14.16 -3.36 -27.37
N GLY C 247 -13.00 -3.98 -27.53
CA GLY C 247 -11.76 -3.20 -27.70
C GLY C 247 -10.74 -3.97 -28.52
N THR C 248 -11.16 -4.50 -29.65
CA THR C 248 -10.26 -5.26 -30.51
C THR C 248 -9.24 -4.40 -31.22
N GLU C 249 -9.53 -3.11 -31.36
CA GLU C 249 -8.63 -2.21 -32.06
C GLU C 249 -7.86 -1.27 -31.13
N LEU C 250 -6.61 -1.02 -31.48
CA LEU C 250 -5.74 -0.12 -30.74
C LEU C 250 -5.75 1.21 -31.49
N LYS C 251 -6.72 2.07 -31.18
CA LYS C 251 -6.86 3.37 -31.82
C LYS C 251 -5.60 4.21 -31.65
N LYS C 252 -5.22 4.94 -32.70
CA LYS C 252 -4.04 5.78 -32.66
C LYS C 252 -4.31 7.23 -33.02
N GLN C 253 -3.32 8.07 -32.79
CA GLN C 253 -3.41 9.48 -33.11
C GLN C 253 -2.00 10.03 -33.20
N ARG C 254 -1.77 10.86 -34.21
CA ARG C 254 -0.45 11.43 -34.43
C ARG C 254 -0.33 12.80 -33.79
N LEU C 255 0.84 13.06 -33.21
CA LEU C 255 1.11 14.33 -32.52
C LEU C 255 2.53 14.75 -32.85
N LEU C 256 2.68 15.91 -33.47
CA LEU C 256 4.00 16.41 -33.85
C LEU C 256 4.79 15.35 -34.64
N GLY C 257 4.11 14.70 -35.58
CA GLY C 257 4.76 13.70 -36.41
C GLY C 257 4.88 12.29 -35.84
N VAL C 258 4.47 12.09 -34.60
CA VAL C 258 4.57 10.77 -33.96
C VAL C 258 3.22 10.11 -33.68
N ASP C 259 3.15 8.79 -33.86
CA ASP C 259 1.89 8.07 -33.61
C ASP C 259 1.78 7.55 -32.18
N LEU C 260 0.86 8.12 -31.42
CA LEU C 260 0.62 7.72 -30.03
C LEU C 260 -0.65 6.90 -29.96
N SER C 261 -0.72 5.95 -29.04
CA SER C 261 -1.94 5.17 -28.91
C SER C 261 -2.99 6.07 -28.26
N PHE C 262 -4.23 5.94 -28.71
CA PHE C 262 -5.33 6.77 -28.20
C PHE C 262 -6.47 6.00 -27.50
N TYR C 263 -6.90 6.52 -26.36
CA TYR C 263 -7.98 5.96 -25.59
C TYR C 263 -8.89 7.12 -25.24
N GLU C 264 -10.20 6.87 -25.17
CA GLU C 264 -11.16 7.92 -24.80
C GLU C 264 -12.08 7.37 -23.73
N ILE C 265 -11.98 7.89 -22.52
CA ILE C 265 -12.80 7.40 -21.44
C ILE C 265 -13.69 8.47 -20.84
N PRO C 266 -14.90 8.08 -20.43
CA PRO C 266 -15.86 9.01 -19.83
C PRO C 266 -15.71 9.05 -18.31
N ILE C 267 -15.64 10.26 -17.75
CA ILE C 267 -15.56 10.41 -16.31
C ILE C 267 -16.97 10.09 -15.83
N SER C 268 -17.10 9.12 -14.94
CA SER C 268 -18.41 8.71 -14.45
C SER C 268 -18.46 8.46 -12.95
N PRO C 269 -19.53 8.92 -12.28
CA PRO C 269 -19.65 8.69 -10.84
C PRO C 269 -19.83 7.20 -10.59
N GLY C 270 -19.27 6.71 -9.49
CA GLY C 270 -19.35 5.30 -9.22
C GLY C 270 -18.03 4.63 -9.52
N ARG C 271 -17.11 5.42 -10.10
CA ARG C 271 -15.78 4.91 -10.43
C ARG C 271 -14.73 6.03 -10.54
N LYS C 272 -13.54 5.76 -10.01
CA LYS C 272 -12.45 6.72 -10.02
C LYS C 272 -11.74 6.72 -11.37
N THR C 273 -11.51 7.91 -11.92
CA THR C 273 -10.86 8.02 -13.22
C THR C 273 -9.47 7.38 -13.25
N SER C 274 -8.71 7.53 -12.17
CA SER C 274 -7.34 7.00 -12.05
C SER C 274 -7.22 5.50 -12.31
N GLU C 275 -8.16 4.71 -11.78
CA GLU C 275 -8.10 3.27 -11.97
C GLU C 275 -8.27 2.91 -13.44
N ILE C 276 -9.09 3.68 -14.14
CA ILE C 276 -9.33 3.42 -15.55
C ILE C 276 -8.05 3.66 -16.36
N ILE C 277 -7.38 4.78 -16.08
CA ILE C 277 -6.12 5.11 -16.75
C ILE C 277 -5.15 3.93 -16.53
N GLU C 278 -5.09 3.43 -15.29
CA GLU C 278 -4.24 2.30 -14.99
C GLU C 278 -4.60 1.11 -15.88
N SER C 279 -5.90 0.81 -15.99
CA SER C 279 -6.34 -0.32 -16.84
C SER C 279 -5.98 -0.09 -18.31
N ALA C 280 -6.14 1.15 -18.79
CA ALA C 280 -5.80 1.47 -20.18
C ALA C 280 -4.34 1.14 -20.48
N VAL C 281 -3.47 1.60 -19.58
CA VAL C 281 -2.02 1.38 -19.72
C VAL C 281 -1.67 -0.11 -19.78
N ILE C 282 -2.26 -0.88 -18.88
CA ILE C 282 -1.97 -2.30 -18.88
C ILE C 282 -2.47 -2.89 -20.20
N ASP C 283 -3.65 -2.46 -20.61
CA ASP C 283 -4.21 -2.91 -21.88
C ASP C 283 -3.21 -2.59 -23.00
N PHE C 284 -2.70 -1.36 -22.98
CA PHE C 284 -1.73 -0.89 -23.97
C PHE C 284 -0.51 -1.80 -24.04
N LYS C 285 0.06 -2.13 -22.89
CA LYS C 285 1.25 -2.96 -22.85
C LYS C 285 0.93 -4.37 -23.28
N LEU C 286 -0.18 -4.89 -22.79
CA LEU C 286 -0.61 -6.23 -23.14
C LEU C 286 -0.72 -6.32 -24.67
N LYS C 287 -1.56 -5.48 -25.26
CA LYS C 287 -1.72 -5.51 -26.71
C LYS C 287 -0.38 -5.44 -27.46
N HIS C 288 0.46 -4.52 -27.04
CA HIS C 288 1.78 -4.36 -27.64
C HIS C 288 2.61 -5.65 -27.51
N SER C 289 2.25 -6.54 -26.58
CA SER C 289 2.99 -7.78 -26.41
C SER C 289 2.33 -8.90 -27.23
N GLY C 290 1.19 -8.59 -27.83
CA GLY C 290 0.50 -9.59 -28.63
C GLY C 290 -0.78 -10.14 -28.04
N TYR C 291 -1.17 -9.68 -26.85
CA TYR C 291 -2.40 -10.17 -26.24
C TYR C 291 -3.53 -9.17 -26.26
N ASN C 292 -4.58 -9.52 -27.01
CA ASN C 292 -5.75 -8.68 -27.16
C ASN C 292 -6.93 -9.32 -26.44
N SER C 293 -7.31 -8.77 -25.30
CA SER C 293 -8.42 -9.29 -24.51
C SER C 293 -9.68 -9.52 -25.33
N ALA C 294 -10.14 -8.46 -26.00
CA ALA C 294 -11.37 -8.55 -26.82
C ALA C 294 -11.31 -9.71 -27.81
N LEU C 295 -10.17 -9.91 -28.45
CA LEU C 295 -10.07 -11.00 -29.38
C LEU C 295 -10.15 -12.33 -28.65
N ASP C 296 -9.39 -12.46 -27.56
CA ASP C 296 -9.39 -13.70 -26.80
C ASP C 296 -10.84 -14.07 -26.46
N PHE C 297 -11.61 -13.06 -26.01
CA PHE C 297 -13.02 -13.22 -25.66
C PHE C 297 -13.79 -13.72 -26.87
N ILE C 298 -13.46 -13.20 -28.04
CA ILE C 298 -14.12 -13.61 -29.26
C ILE C 298 -13.79 -15.05 -29.62
N GLU C 299 -12.51 -15.40 -29.54
CA GLU C 299 -12.07 -16.76 -29.87
C GLU C 299 -12.70 -17.79 -28.93
N ASN C 300 -12.81 -17.43 -27.65
CA ASN C 300 -13.40 -18.32 -26.68
C ASN C 300 -14.87 -18.55 -27.01
N GLN C 301 -15.59 -17.46 -27.21
CA GLN C 301 -17.00 -17.52 -27.54
C GLN C 301 -17.21 -18.32 -28.82
N LYS C 302 -16.22 -18.23 -29.72
CA LYS C 302 -16.26 -18.94 -30.99
C LYS C 302 -16.06 -20.44 -30.79
N ALA C 303 -15.09 -20.81 -29.97
CA ALA C 303 -14.79 -22.20 -29.70
C ALA C 303 -15.97 -22.91 -29.02
N ILE C 304 -16.76 -22.15 -28.28
CA ILE C 304 -17.91 -22.73 -27.58
C ILE C 304 -18.98 -23.18 -28.56
N LEU C 305 -19.17 -22.40 -29.63
CA LEU C 305 -20.16 -22.75 -30.66
C LEU C 305 -19.72 -23.96 -31.48
N LYS C 306 -18.41 -24.08 -31.68
CA LYS C 306 -17.88 -25.21 -32.45
C LYS C 306 -17.88 -26.45 -31.56
N ARG C 307 -18.33 -26.28 -30.33
CA ARG C 307 -18.41 -27.39 -29.38
C ARG C 307 -19.89 -27.75 -29.25
N LYS C 308 -20.74 -26.89 -29.81
CA LYS C 308 -22.19 -27.10 -29.80
C LYS C 308 -22.55 -27.98 -30.99
N LYS C 309 -21.52 -28.40 -31.72
CA LYS C 309 -21.71 -29.26 -32.88
C LYS C 309 -21.78 -30.72 -32.45
N ASP C 310 -22.19 -30.94 -31.20
CA ASP C 310 -22.32 -32.28 -30.64
C ASP C 310 -23.69 -32.87 -30.96
N GLU C 311 -24.69 -32.00 -31.04
CA GLU C 311 -26.05 -32.40 -31.35
C GLU C 311 -26.19 -32.59 -32.86
N MET D 1 24.65 -7.22 -34.20
CA MET D 1 23.77 -6.04 -34.50
C MET D 1 22.70 -6.41 -35.53
N LYS D 2 21.56 -5.72 -35.49
CA LYS D 2 20.48 -5.99 -36.42
C LYS D 2 20.49 -4.98 -37.58
N LYS D 3 20.26 -5.50 -38.79
CA LYS D 3 20.26 -4.70 -40.01
C LYS D 3 19.18 -3.61 -40.10
N LEU D 4 19.58 -2.44 -40.60
CA LEU D 4 18.67 -1.31 -40.75
C LEU D 4 18.33 -1.10 -42.23
N LEU D 5 17.32 -1.79 -42.73
CA LEU D 5 16.92 -1.66 -44.13
C LEU D 5 16.22 -0.35 -44.44
N VAL D 6 16.40 0.13 -45.67
CA VAL D 6 15.78 1.38 -46.10
C VAL D 6 14.27 1.38 -45.87
N LYS D 7 13.63 0.24 -46.13
CA LYS D 7 12.17 0.13 -45.95
C LYS D 7 11.81 0.49 -44.50
N GLU D 8 12.54 -0.11 -43.56
CA GLU D 8 12.34 0.13 -42.14
C GLU D 8 12.40 1.62 -41.85
N LEU D 9 13.32 2.31 -42.49
CA LEU D 9 13.45 3.76 -42.29
C LEU D 9 12.22 4.49 -42.77
N ILE D 10 11.74 4.12 -43.96
CA ILE D 10 10.57 4.74 -44.58
C ILE D 10 9.32 4.53 -43.74
N GLU D 11 9.06 3.28 -43.40
CA GLU D 11 7.89 2.94 -42.61
C GLU D 11 7.92 3.62 -41.25
N GLN D 12 9.12 3.88 -40.75
CA GLN D 12 9.29 4.52 -39.47
C GLN D 12 9.12 6.04 -39.50
N PHE D 13 9.23 6.65 -40.67
CA PHE D 13 9.08 8.11 -40.78
C PHE D 13 8.11 8.48 -41.89
N GLN D 14 7.08 7.67 -42.07
CA GLN D 14 6.09 7.90 -43.10
C GLN D 14 5.35 9.23 -42.93
N ASP D 15 5.68 9.99 -41.91
CA ASP D 15 4.99 11.25 -41.69
C ASP D 15 5.71 12.42 -42.35
N CYS D 16 6.95 12.21 -42.74
CA CYS D 16 7.73 13.29 -43.36
C CYS D 16 8.69 12.78 -44.43
N VAL D 17 8.49 11.55 -44.87
CA VAL D 17 9.34 11.00 -45.91
C VAL D 17 8.43 10.53 -47.05
N ASN D 18 9.01 10.35 -48.24
CA ASN D 18 8.27 9.92 -49.42
C ASN D 18 9.19 9.27 -50.46
N LEU D 19 9.15 7.95 -50.55
CA LEU D 19 9.98 7.21 -51.49
C LEU D 19 9.55 7.51 -52.93
N ILE D 20 10.53 7.57 -53.85
CA ILE D 20 10.23 7.86 -55.25
C ILE D 20 11.15 7.16 -56.26
N ASP D 21 11.74 6.02 -55.88
CA ASP D 21 12.64 5.27 -56.77
C ASP D 21 13.18 4.03 -56.07
N GLY D 22 14.04 3.27 -56.76
CA GLY D 22 14.64 2.06 -56.22
C GLY D 22 13.75 1.16 -55.39
N HIS D 23 12.46 1.17 -55.72
CA HIS D 23 11.45 0.37 -55.04
C HIS D 23 11.83 -1.09 -54.84
N THR D 24 12.54 -1.67 -55.79
CA THR D 24 12.95 -3.07 -55.69
C THR D 24 14.01 -3.33 -54.64
N ASN D 25 14.89 -2.35 -54.41
CA ASN D 25 15.94 -2.53 -53.41
C ASN D 25 15.70 -1.86 -52.06
N THR D 26 14.43 -1.64 -51.70
CA THR D 26 14.12 -1.02 -50.40
C THR D 26 14.69 -1.94 -49.32
N SER D 27 15.12 -3.12 -49.73
CA SER D 27 15.70 -4.09 -48.81
C SER D 27 17.19 -3.80 -48.65
N ASN D 28 17.61 -2.64 -49.16
CA ASN D 28 19.00 -2.20 -49.08
C ASN D 28 19.46 -2.11 -47.63
N VAL D 29 20.39 -2.98 -47.25
CA VAL D 29 20.93 -3.02 -45.88
C VAL D 29 21.89 -1.86 -45.62
N ILE D 30 21.59 -1.07 -44.61
CA ILE D 30 22.44 0.06 -44.25
C ILE D 30 23.51 -0.43 -43.27
N ARG D 31 24.77 -0.27 -43.65
CA ARG D 31 25.88 -0.72 -42.83
C ARG D 31 26.60 0.42 -42.11
N VAL D 32 26.24 1.65 -42.42
CA VAL D 32 26.92 2.80 -41.79
C VAL D 32 25.98 3.91 -41.33
N PRO D 33 26.21 4.41 -40.11
CA PRO D 33 25.39 5.48 -39.55
C PRO D 33 25.60 6.86 -40.14
N GLY D 34 24.67 7.75 -39.81
CA GLY D 34 24.75 9.12 -40.26
C GLY D 34 24.28 9.41 -41.67
N LEU D 35 23.75 10.61 -41.85
CA LEU D 35 23.31 11.10 -43.14
C LEU D 35 24.58 11.68 -43.83
N LYS D 36 25.41 10.76 -44.34
CA LYS D 36 26.68 11.06 -45.00
C LYS D 36 26.69 12.07 -46.14
N ARG D 37 27.51 13.12 -45.98
CA ARG D 37 27.65 14.15 -46.99
C ARG D 37 28.62 13.56 -48.01
N VAL D 38 28.24 13.60 -49.27
CA VAL D 38 29.04 13.00 -50.32
C VAL D 38 29.71 13.96 -51.31
N VAL D 39 29.96 15.20 -50.88
CA VAL D 39 30.59 16.21 -51.74
C VAL D 39 31.94 15.74 -52.28
N PHE D 40 32.70 15.01 -51.47
CA PHE D 40 34.00 14.50 -51.87
C PHE D 40 33.88 13.61 -53.11
N GLU D 41 32.88 12.73 -53.11
CA GLU D 41 32.65 11.81 -54.23
C GLU D 41 32.05 12.52 -55.44
N MET D 42 31.25 13.56 -55.19
CA MET D 42 30.64 14.32 -56.27
C MET D 42 31.71 14.98 -57.14
N LEU D 43 32.96 14.84 -56.75
CA LEU D 43 34.05 15.44 -57.51
C LEU D 43 35.10 14.42 -57.89
N GLY D 44 34.74 13.15 -57.82
CA GLY D 44 35.67 12.09 -58.19
C GLY D 44 36.90 11.92 -57.33
N LEU D 45 37.15 12.88 -56.43
CA LEU D 45 38.32 12.82 -55.54
C LEU D 45 38.26 11.50 -54.77
N PHE D 46 37.10 11.23 -54.17
CA PHE D 46 36.86 10.00 -53.42
C PHE D 46 35.87 9.14 -54.19
N SER D 47 36.17 7.85 -54.29
CA SER D 47 35.31 6.91 -55.01
C SER D 47 35.35 5.52 -54.39
N SER D 48 34.77 5.40 -53.19
CA SER D 48 34.73 4.11 -52.50
C SER D 48 33.25 3.82 -52.25
N GLN D 49 32.89 2.55 -52.23
CA GLN D 49 31.51 2.14 -52.02
C GLN D 49 30.86 2.69 -50.75
N ILE D 50 29.82 3.50 -50.94
CA ILE D 50 29.08 4.11 -49.82
C ILE D 50 28.24 3.06 -49.09
N GLY D 51 28.30 3.08 -47.76
CA GLY D 51 27.53 2.13 -46.98
C GLY D 51 26.50 2.79 -46.06
N SER D 52 26.28 4.08 -46.27
CA SER D 52 25.34 4.82 -45.44
C SER D 52 24.42 5.72 -46.25
N VAL D 53 23.25 6.02 -45.71
CA VAL D 53 22.32 6.88 -46.42
C VAL D 53 23.01 8.20 -46.74
N ALA D 54 22.75 8.69 -47.95
CA ALA D 54 23.35 9.94 -48.42
C ALA D 54 22.29 11.04 -48.45
N ILE D 55 22.75 12.28 -48.25
CA ILE D 55 21.87 13.43 -48.23
C ILE D 55 22.29 14.54 -49.20
N LEU D 56 21.31 15.26 -49.71
CA LEU D 56 21.52 16.38 -50.63
C LEU D 56 20.53 17.45 -50.27
N GLY D 57 21.02 18.53 -49.66
CA GLY D 57 20.14 19.61 -49.25
C GLY D 57 20.43 20.89 -50.00
N LYS D 58 19.88 21.98 -49.50
CA LYS D 58 20.06 23.31 -50.10
C LYS D 58 21.47 23.53 -50.65
N ARG D 59 22.48 23.15 -49.86
CA ARG D 59 23.87 23.31 -50.27
C ARG D 59 24.18 22.49 -51.53
N GLU D 60 23.94 21.19 -51.47
CA GLU D 60 24.21 20.32 -52.62
C GLU D 60 23.38 20.72 -53.84
N PHE D 61 22.37 21.55 -53.61
CA PHE D 61 21.49 22.00 -54.67
C PHE D 61 22.11 23.16 -55.45
N GLY D 62 22.39 24.25 -54.74
CA GLY D 62 23.00 25.41 -55.39
C GLY D 62 24.17 25.05 -56.27
N PHE D 63 24.92 24.02 -55.86
CA PHE D 63 26.07 23.56 -56.62
C PHE D 63 25.67 23.07 -58.00
N LEU D 64 24.68 22.18 -58.03
CA LEU D 64 24.21 21.62 -59.29
C LEU D 64 23.29 22.62 -60.00
N SER D 65 22.62 23.46 -59.22
CA SER D 65 21.69 24.45 -59.72
C SER D 65 22.32 25.42 -60.74
N GLN D 66 23.63 25.58 -60.68
CA GLN D 66 24.31 26.49 -61.60
C GLN D 66 25.42 25.82 -62.43
N LYS D 67 25.36 24.50 -62.54
CA LYS D 67 26.33 23.75 -63.32
C LYS D 67 25.61 23.39 -64.62
N THR D 68 26.36 23.17 -65.70
CA THR D 68 25.70 22.82 -66.94
C THR D 68 25.19 21.39 -66.82
N LEU D 69 24.12 21.09 -67.55
CA LEU D 69 23.53 19.77 -67.50
C LEU D 69 24.49 18.59 -67.58
N VAL D 70 25.62 18.75 -68.26
CA VAL D 70 26.55 17.63 -68.34
C VAL D 70 27.43 17.57 -67.11
N GLU D 71 27.44 18.66 -66.35
CA GLU D 71 28.19 18.71 -65.11
C GLU D 71 27.37 17.84 -64.17
N GLN D 72 26.11 18.23 -64.00
CA GLN D 72 25.18 17.50 -63.15
C GLN D 72 25.23 16.00 -63.43
N GLN D 73 25.01 15.64 -64.69
CA GLN D 73 25.00 14.25 -65.13
C GLN D 73 26.27 13.49 -64.77
N GLN D 74 27.41 14.14 -64.99
CA GLN D 74 28.72 13.54 -64.72
C GLN D 74 28.99 13.45 -63.22
N ILE D 75 28.62 14.49 -62.48
CA ILE D 75 28.82 14.54 -61.04
C ILE D 75 27.91 13.52 -60.35
N LEU D 76 26.61 13.60 -60.66
CA LEU D 76 25.61 12.71 -60.09
C LEU D 76 25.91 11.22 -60.29
N HIS D 77 26.52 10.88 -61.42
CA HIS D 77 26.83 9.48 -61.70
C HIS D 77 27.93 8.91 -60.81
N ASN D 78 28.96 9.70 -60.55
CA ASN D 78 30.07 9.26 -59.69
C ASN D 78 29.56 8.86 -58.31
N LEU D 79 28.38 9.34 -57.97
CA LEU D 79 27.75 9.05 -56.68
C LEU D 79 27.10 7.66 -56.73
N LEU D 80 26.06 7.55 -57.55
CA LEU D 80 25.33 6.30 -57.70
C LEU D 80 26.28 5.17 -58.07
N LYS D 81 27.37 5.52 -58.74
CA LYS D 81 28.38 4.56 -59.16
C LYS D 81 28.92 3.76 -57.97
N LEU D 82 28.97 4.41 -56.82
CA LEU D 82 29.48 3.78 -55.60
C LEU D 82 28.43 2.88 -54.95
N ASN D 83 27.19 3.00 -55.41
CA ASN D 83 26.06 2.20 -54.91
C ASN D 83 25.67 2.55 -53.47
N PRO D 84 25.16 3.78 -53.26
CA PRO D 84 24.76 4.18 -51.91
C PRO D 84 23.44 3.50 -51.51
N PRO D 85 23.43 2.78 -50.36
CA PRO D 85 22.23 2.08 -49.90
C PRO D 85 20.93 2.88 -50.08
N ALA D 86 21.03 4.19 -50.05
CA ALA D 86 19.86 5.04 -50.22
C ALA D 86 20.31 6.49 -50.27
N ILE D 87 19.42 7.37 -50.71
CA ILE D 87 19.73 8.78 -50.84
C ILE D 87 18.53 9.65 -50.57
N ILE D 88 18.54 10.35 -49.44
CA ILE D 88 17.43 11.22 -49.07
C ILE D 88 17.67 12.61 -49.63
N LEU D 89 16.60 13.30 -49.97
CA LEU D 89 16.71 14.65 -50.52
C LEU D 89 15.89 15.61 -49.70
N THR D 90 16.57 16.58 -49.08
CA THR D 90 15.90 17.55 -48.23
C THR D 90 14.79 18.28 -48.99
N LYS D 91 14.12 19.19 -48.29
CA LYS D 91 13.04 19.97 -48.87
C LYS D 91 13.64 21.04 -49.76
N SER D 92 14.84 21.49 -49.40
CA SER D 92 15.52 22.54 -50.16
C SER D 92 16.10 22.05 -51.49
N PHE D 93 16.02 20.74 -51.74
CA PHE D 93 16.54 20.17 -52.98
C PHE D 93 15.49 20.15 -54.08
N THR D 94 14.62 21.17 -54.07
CA THR D 94 13.54 21.31 -55.04
C THR D 94 13.93 20.97 -56.48
N ASP D 95 13.04 20.28 -57.18
CA ASP D 95 13.25 19.88 -58.57
C ASP D 95 14.44 18.93 -58.77
N PRO D 96 14.22 17.62 -58.53
CA PRO D 96 15.28 16.61 -58.69
C PRO D 96 15.26 15.99 -60.08
N THR D 97 14.58 16.67 -61.01
CA THR D 97 14.45 16.21 -62.39
C THR D 97 15.74 15.63 -63.00
N VAL D 98 16.79 16.43 -62.99
CA VAL D 98 18.07 16.01 -63.54
C VAL D 98 18.58 14.77 -62.83
N LEU D 99 18.40 14.72 -61.52
CA LEU D 99 18.84 13.58 -60.71
C LEU D 99 17.98 12.35 -60.99
N LEU D 100 16.69 12.59 -61.24
CA LEU D 100 15.76 11.50 -61.52
C LEU D 100 16.16 10.72 -62.77
N GLN D 101 16.56 11.45 -63.81
CA GLN D 101 16.96 10.84 -65.07
C GLN D 101 18.23 10.00 -64.93
N VAL D 102 19.28 10.59 -64.37
CA VAL D 102 20.53 9.86 -64.19
C VAL D 102 20.34 8.61 -63.35
N ASN D 103 19.42 8.69 -62.38
CA ASN D 103 19.13 7.56 -61.52
C ASN D 103 18.12 6.63 -62.21
N GLN D 104 17.45 7.15 -63.22
CA GLN D 104 16.47 6.37 -63.98
C GLN D 104 17.15 5.14 -64.55
N THR D 105 18.47 5.10 -64.47
CA THR D 105 19.23 3.97 -64.97
C THR D 105 19.88 3.23 -63.81
N TYR D 106 19.90 3.88 -62.65
CA TYR D 106 20.49 3.30 -61.46
C TYR D 106 19.42 2.78 -60.51
N GLN D 107 19.72 1.66 -59.86
CA GLN D 107 18.80 1.02 -58.92
C GLN D 107 18.93 1.65 -57.52
N VAL D 108 19.05 2.97 -57.46
CA VAL D 108 19.21 3.69 -56.20
C VAL D 108 17.89 4.23 -55.63
N PRO D 109 17.43 3.65 -54.51
CA PRO D 109 16.18 4.06 -53.86
C PRO D 109 16.30 5.43 -53.20
N ILE D 110 15.84 6.47 -53.87
CA ILE D 110 15.94 7.80 -53.30
C ILE D 110 14.69 8.19 -52.54
N LEU D 111 14.89 8.80 -51.37
CA LEU D 111 13.81 9.25 -50.52
C LEU D 111 13.72 10.76 -50.52
N LYS D 112 12.50 11.27 -50.60
CA LYS D 112 12.31 12.71 -50.57
C LYS D 112 11.75 13.01 -49.18
N THR D 113 12.00 14.22 -48.70
CA THR D 113 11.49 14.63 -47.40
C THR D 113 11.09 16.09 -47.47
N ASP D 114 10.19 16.50 -46.58
CA ASP D 114 9.74 17.88 -46.53
C ASP D 114 10.41 18.59 -45.35
N PHE D 115 11.39 17.91 -44.78
CA PHE D 115 12.14 18.45 -43.65
C PHE D 115 13.46 19.07 -44.13
N PHE D 116 13.89 20.15 -43.49
CA PHE D 116 15.15 20.79 -43.86
C PHE D 116 16.30 20.01 -43.28
N SER D 117 17.52 20.44 -43.59
CA SER D 117 18.70 19.75 -43.08
C SER D 117 18.76 19.75 -41.56
N THR D 118 18.39 20.86 -40.94
CA THR D 118 18.41 20.99 -39.49
C THR D 118 17.44 20.04 -38.79
N GLU D 119 16.17 20.10 -39.20
CA GLU D 119 15.13 19.27 -38.62
C GLU D 119 15.38 17.76 -38.75
N LEU D 120 16.16 17.36 -39.74
CA LEU D 120 16.47 15.95 -39.93
C LEU D 120 17.53 15.45 -38.98
N SER D 121 18.37 16.36 -38.49
CA SER D 121 19.45 15.98 -37.59
C SER D 121 18.93 15.32 -36.32
N PHE D 122 17.92 15.91 -35.71
CA PHE D 122 17.34 15.38 -34.49
C PHE D 122 16.08 14.52 -34.72
N THR D 123 16.00 13.88 -35.88
CA THR D 123 14.86 13.05 -36.23
C THR D 123 15.32 11.82 -36.97
N VAL D 124 15.34 11.91 -38.30
CA VAL D 124 15.76 10.81 -39.14
C VAL D 124 17.19 10.38 -38.84
N GLU D 125 18.10 11.36 -38.73
CA GLU D 125 19.52 11.07 -38.48
C GLU D 125 19.74 10.44 -37.09
N THR D 126 19.03 10.97 -36.11
CA THR D 126 19.11 10.46 -34.74
C THR D 126 18.74 8.99 -34.70
N TYR D 127 17.65 8.66 -35.39
CA TYR D 127 17.15 7.30 -35.45
C TYR D 127 18.20 6.38 -36.06
N ILE D 128 18.76 6.79 -37.19
CA ILE D 128 19.76 5.95 -37.82
C ILE D 128 20.94 5.70 -36.90
N ASN D 129 21.52 6.79 -36.41
CA ASN D 129 22.68 6.69 -35.54
C ASN D 129 22.47 5.76 -34.35
N GLU D 130 21.38 5.98 -33.62
CA GLU D 130 21.08 5.15 -32.46
C GLU D 130 21.18 3.66 -32.79
N GLN D 131 20.74 3.28 -33.99
CA GLN D 131 20.78 1.89 -34.38
C GLN D 131 22.17 1.30 -34.34
N PHE D 132 23.17 2.13 -34.56
CA PHE D 132 24.55 1.66 -34.58
C PHE D 132 25.32 1.83 -33.27
N ALA D 133 24.71 2.46 -32.26
CA ALA D 133 25.37 2.67 -30.96
C ALA D 133 26.01 1.42 -30.40
N THR D 134 27.16 1.58 -29.77
CA THR D 134 27.89 0.45 -29.18
C THR D 134 27.14 -0.14 -27.99
N VAL D 135 27.11 -1.46 -27.91
CA VAL D 135 26.42 -2.17 -26.85
C VAL D 135 27.42 -3.00 -26.06
N ALA D 136 27.19 -3.12 -24.75
CA ALA D 136 28.09 -3.90 -23.91
C ALA D 136 27.30 -4.75 -22.93
N GLN D 137 27.65 -6.02 -22.83
CA GLN D 137 26.97 -6.91 -21.91
C GLN D 137 27.66 -6.82 -20.56
N ILE D 138 26.87 -6.74 -19.49
CA ILE D 138 27.42 -6.67 -18.15
C ILE D 138 26.51 -7.45 -17.25
N HIS D 139 26.91 -7.54 -15.98
CA HIS D 139 26.11 -8.24 -15.01
C HIS D 139 25.41 -7.20 -14.14
N GLY D 140 24.49 -7.67 -13.29
CA GLY D 140 23.77 -6.78 -12.39
C GLY D 140 22.27 -6.90 -12.59
N VAL D 141 21.51 -6.10 -11.82
CA VAL D 141 20.07 -6.11 -11.94
C VAL D 141 19.65 -4.72 -12.33
N LEU D 142 18.70 -4.62 -13.25
CA LEU D 142 18.23 -3.33 -13.72
C LEU D 142 16.79 -3.08 -13.32
N LEU D 143 16.53 -1.87 -12.83
CA LEU D 143 15.19 -1.46 -12.44
C LEU D 143 15.09 0.05 -12.57
N GLU D 144 13.87 0.55 -12.59
CA GLU D 144 13.65 1.99 -12.61
C GLU D 144 12.78 2.18 -11.36
N VAL D 145 13.26 3.07 -10.48
CA VAL D 145 12.64 3.37 -9.20
C VAL D 145 12.39 4.87 -9.12
N PHE D 146 11.15 5.29 -8.87
CA PHE D 146 10.81 6.71 -8.79
C PHE D 146 11.24 7.45 -10.06
N GLY D 147 11.13 6.75 -11.19
CA GLY D 147 11.50 7.36 -12.45
C GLY D 147 12.99 7.44 -12.70
N VAL D 148 13.79 6.77 -11.85
CA VAL D 148 15.23 6.81 -12.01
C VAL D 148 15.84 5.45 -12.29
N GLY D 149 16.56 5.35 -13.42
CA GLY D 149 17.21 4.11 -13.77
C GLY D 149 18.22 3.73 -12.70
N VAL D 150 18.15 2.47 -12.25
CA VAL D 150 19.04 1.99 -11.19
C VAL D 150 19.73 0.68 -11.53
N LEU D 151 21.05 0.65 -11.32
CA LEU D 151 21.82 -0.56 -11.59
C LEU D 151 22.32 -1.17 -10.28
N LEU D 152 21.74 -2.30 -9.89
CA LEU D 152 22.13 -2.98 -8.67
C LEU D 152 23.33 -3.87 -8.91
N THR D 153 24.37 -3.70 -8.11
CA THR D 153 25.58 -4.49 -8.23
C THR D 153 25.98 -4.94 -6.84
N GLY D 154 27.24 -5.32 -6.69
CA GLY D 154 27.71 -5.75 -5.38
C GLY D 154 28.10 -7.20 -5.27
N ARG D 155 28.08 -7.91 -6.40
CA ARG D 155 28.45 -9.32 -6.42
C ARG D 155 27.87 -10.06 -5.21
N SER D 156 26.67 -9.65 -4.81
CA SER D 156 26.00 -10.27 -3.67
C SER D 156 25.27 -11.53 -4.15
N GLY D 157 25.52 -11.92 -5.39
CA GLY D 157 24.89 -13.09 -5.96
C GLY D 157 23.40 -12.87 -6.17
N ILE D 158 22.62 -13.95 -6.06
CA ILE D 158 21.18 -13.85 -6.26
C ILE D 158 20.53 -12.92 -5.23
N GLY D 159 21.32 -12.46 -4.27
CA GLY D 159 20.81 -11.54 -3.27
C GLY D 159 20.24 -10.31 -3.95
N LYS D 160 20.90 -9.88 -5.02
CA LYS D 160 20.45 -8.73 -5.78
C LYS D 160 19.07 -9.03 -6.34
N SER D 161 18.98 -10.11 -7.10
CA SER D 161 17.72 -10.53 -7.69
C SER D 161 16.63 -10.52 -6.62
N GLU D 162 16.91 -11.14 -5.47
CA GLU D 162 15.94 -11.20 -4.38
C GLU D 162 15.52 -9.82 -3.90
N CYS D 163 16.42 -8.86 -4.00
CA CYS D 163 16.15 -7.49 -3.60
C CYS D 163 15.34 -6.78 -4.69
N ALA D 164 15.47 -7.23 -5.94
CA ALA D 164 14.73 -6.62 -7.02
C ALA D 164 13.27 -7.05 -6.86
N LEU D 165 13.07 -8.31 -6.52
CA LEU D 165 11.71 -8.80 -6.33
C LEU D 165 11.05 -7.92 -5.27
N ASP D 166 11.79 -7.57 -4.23
CA ASP D 166 11.28 -6.68 -3.17
C ASP D 166 10.81 -5.35 -3.76
N LEU D 167 11.62 -4.77 -4.66
CA LEU D 167 11.30 -3.49 -5.30
C LEU D 167 10.09 -3.59 -6.22
N ILE D 168 10.02 -4.71 -6.94
CA ILE D 168 8.92 -4.98 -7.84
C ILE D 168 7.63 -4.99 -7.02
N ASN D 169 7.68 -5.57 -5.83
CA ASN D 169 6.50 -5.61 -4.96
C ASN D 169 6.11 -4.21 -4.46
N LYS D 170 7.03 -3.26 -4.56
CA LYS D 170 6.70 -1.90 -4.16
C LYS D 170 6.25 -1.12 -5.41
N ASN D 171 6.07 -1.86 -6.51
CA ASN D 171 5.63 -1.30 -7.78
C ASN D 171 6.64 -0.57 -8.67
N HIS D 172 7.93 -0.83 -8.45
CA HIS D 172 8.95 -0.22 -9.27
C HIS D 172 9.10 -1.08 -10.54
N LEU D 173 9.62 -0.49 -11.61
CA LEU D 173 9.75 -1.22 -12.87
C LEU D 173 10.99 -2.13 -13.01
N PHE D 174 10.78 -3.38 -13.41
CA PHE D 174 11.85 -4.33 -13.61
C PHE D 174 12.28 -4.33 -15.10
N VAL D 175 13.57 -4.37 -15.34
CA VAL D 175 14.09 -4.34 -16.71
C VAL D 175 14.89 -5.58 -17.10
N GLY D 176 15.71 -6.07 -16.17
CA GLY D 176 16.49 -7.26 -16.48
C GLY D 176 17.40 -7.67 -15.34
N ASP D 177 17.70 -8.96 -15.30
CA ASP D 177 18.57 -9.52 -14.28
C ASP D 177 19.69 -10.39 -14.89
N ASP D 178 20.89 -10.23 -14.36
CA ASP D 178 22.04 -11.03 -14.80
C ASP D 178 22.55 -10.82 -16.24
N ALA D 179 21.77 -11.25 -17.22
CA ALA D 179 22.17 -11.11 -18.62
C ALA D 179 21.65 -9.80 -19.19
N ILE D 180 22.31 -8.70 -18.85
CA ILE D 180 21.87 -7.41 -19.32
C ILE D 180 22.90 -6.74 -20.21
N GLU D 181 22.50 -5.64 -20.84
CA GLU D 181 23.40 -4.91 -21.72
C GLU D 181 23.07 -3.43 -21.66
N ILE D 182 24.11 -2.62 -21.83
CA ILE D 182 24.00 -1.18 -21.79
C ILE D 182 24.54 -0.55 -23.05
N TYR D 183 24.06 0.66 -23.35
CA TYR D 183 24.50 1.39 -24.52
C TYR D 183 24.42 2.89 -24.28
N ARG D 184 25.42 3.60 -24.77
CA ARG D 184 25.48 5.05 -24.63
C ARG D 184 24.85 5.78 -25.80
N LEU D 185 23.96 6.69 -25.47
CA LEU D 185 23.27 7.49 -26.46
C LEU D 185 23.44 8.94 -26.02
N GLY D 186 24.22 9.70 -26.77
CA GLY D 186 24.48 11.09 -26.41
C GLY D 186 25.29 11.13 -25.12
N ASN D 187 24.82 11.91 -24.16
CA ASN D 187 25.49 11.98 -22.87
C ASN D 187 24.72 11.14 -21.87
N ARG D 188 23.80 10.31 -22.38
CA ARG D 188 23.01 9.44 -21.50
C ARG D 188 23.38 7.94 -21.63
N LEU D 189 23.19 7.15 -20.58
CA LEU D 189 23.45 5.73 -20.64
C LEU D 189 22.14 4.95 -20.47
N PHE D 190 21.96 3.90 -21.26
CA PHE D 190 20.75 3.07 -21.20
C PHE D 190 21.03 1.60 -20.95
N GLY D 191 20.05 0.93 -20.34
CA GLY D 191 20.17 -0.48 -20.06
C GLY D 191 18.92 -1.25 -20.43
N ARG D 192 19.09 -2.53 -20.78
CA ARG D 192 17.97 -3.37 -21.15
C ARG D 192 18.34 -4.84 -20.96
N ALA D 193 17.38 -5.74 -21.15
CA ALA D 193 17.63 -7.15 -20.99
C ALA D 193 18.11 -7.81 -22.28
N GLN D 194 19.05 -8.75 -22.16
CA GLN D 194 19.53 -9.48 -23.33
C GLN D 194 18.40 -10.45 -23.66
N GLU D 195 18.28 -10.82 -24.94
CA GLU D 195 17.20 -11.72 -25.36
C GLU D 195 17.04 -12.97 -24.51
N VAL D 196 18.14 -13.49 -23.98
CA VAL D 196 18.10 -14.71 -23.19
C VAL D 196 17.52 -14.50 -21.81
N ALA D 197 17.68 -13.29 -21.29
CA ALA D 197 17.17 -12.99 -19.95
C ALA D 197 15.75 -12.47 -19.96
N LYS D 198 15.47 -11.54 -20.87
CA LYS D 198 14.16 -10.91 -20.96
C LYS D 198 13.70 -10.53 -19.56
N LYS D 199 12.62 -11.14 -19.08
CA LYS D 199 12.14 -10.82 -17.75
C LYS D 199 12.17 -12.01 -16.80
N PHE D 200 13.11 -12.93 -17.04
CA PHE D 200 13.28 -14.09 -16.19
C PHE D 200 14.23 -13.70 -15.08
N MET D 201 14.11 -14.35 -13.93
CA MET D 201 14.97 -14.06 -12.81
C MET D 201 14.97 -15.24 -11.85
N GLU D 202 16.16 -15.58 -11.35
CA GLU D 202 16.32 -16.70 -10.44
C GLU D 202 16.11 -16.22 -9.00
N ILE D 203 15.28 -16.94 -8.26
CA ILE D 203 14.98 -16.61 -6.87
C ILE D 203 15.19 -17.89 -6.08
N ARG D 204 16.01 -17.82 -5.03
CA ARG D 204 16.27 -19.01 -4.22
C ARG D 204 15.00 -19.66 -3.74
N GLY D 205 14.88 -20.96 -4.02
CA GLY D 205 13.72 -21.73 -3.61
C GLY D 205 12.64 -21.83 -4.67
N LEU D 206 12.71 -20.98 -5.69
CA LEU D 206 11.73 -20.98 -6.77
C LEU D 206 12.43 -21.13 -8.11
N GLY D 207 13.75 -21.00 -8.08
CA GLY D 207 14.51 -21.10 -9.30
C GLY D 207 14.19 -19.92 -10.20
N ILE D 208 14.40 -20.10 -11.50
CA ILE D 208 14.11 -19.04 -12.45
C ILE D 208 12.60 -18.85 -12.56
N ILE D 209 12.12 -17.61 -12.39
CA ILE D 209 10.69 -17.32 -12.52
C ILE D 209 10.52 -16.23 -13.55
N ASN D 210 9.30 -16.10 -14.07
CA ASN D 210 8.99 -15.08 -15.06
C ASN D 210 8.26 -13.93 -14.34
N VAL D 211 8.98 -12.89 -13.93
CA VAL D 211 8.33 -11.79 -13.22
C VAL D 211 7.14 -11.20 -13.96
N GLU D 212 7.24 -11.13 -15.29
CA GLU D 212 6.17 -10.56 -16.09
C GLU D 212 4.87 -11.35 -15.98
N ARG D 213 4.98 -12.68 -15.96
CA ARG D 213 3.78 -13.51 -15.85
C ARG D 213 3.32 -13.56 -14.40
N PHE D 214 4.25 -13.36 -13.46
CA PHE D 214 3.94 -13.37 -12.04
C PHE D 214 3.19 -12.12 -11.57
N TYR D 215 3.68 -10.95 -11.98
CA TYR D 215 3.09 -9.69 -11.55
C TYR D 215 2.57 -8.75 -12.63
N GLY D 216 2.54 -9.21 -13.87
CA GLY D 216 2.02 -8.38 -14.94
C GLY D 216 2.98 -7.38 -15.56
N LEU D 217 2.60 -6.89 -16.73
CA LEU D 217 3.40 -5.94 -17.47
C LEU D 217 3.51 -4.60 -16.76
N GLN D 218 2.62 -4.34 -15.80
CA GLN D 218 2.71 -3.06 -15.10
C GLN D 218 3.98 -2.93 -14.27
N ILE D 219 4.72 -4.03 -14.06
CA ILE D 219 5.95 -3.92 -13.30
C ILE D 219 7.23 -4.20 -14.10
N THR D 220 7.15 -4.05 -15.42
CA THR D 220 8.31 -4.25 -16.29
C THR D 220 8.48 -3.06 -17.23
N LYS D 221 9.67 -2.94 -17.80
CA LYS D 221 9.97 -1.88 -18.73
C LYS D 221 11.04 -2.41 -19.67
N GLN D 222 10.97 -2.02 -20.94
CA GLN D 222 11.95 -2.50 -21.92
C GLN D 222 13.34 -1.96 -21.67
N ARG D 223 13.43 -0.68 -21.32
CA ARG D 223 14.72 -0.07 -21.07
C ARG D 223 14.61 1.08 -20.07
N THR D 224 15.77 1.46 -19.51
CA THR D 224 15.80 2.58 -18.58
C THR D 224 17.05 3.39 -18.78
N GLU D 225 16.99 4.68 -18.49
CA GLU D 225 18.18 5.50 -18.57
C GLU D 225 18.85 5.27 -17.20
N ILE D 226 20.03 4.65 -17.19
CA ILE D 226 20.73 4.40 -15.95
C ILE D 226 21.39 5.65 -15.41
N GLN D 227 21.17 5.96 -14.13
CA GLN D 227 21.77 7.17 -13.53
C GLN D 227 22.39 6.91 -12.18
N LEU D 228 21.92 5.87 -11.53
CA LEU D 228 22.41 5.55 -10.22
C LEU D 228 22.86 4.10 -10.20
N MET D 229 23.82 3.80 -9.33
CA MET D 229 24.33 2.46 -9.20
C MET D 229 24.43 2.21 -7.70
N VAL D 230 23.76 1.18 -7.23
CA VAL D 230 23.80 0.84 -5.83
C VAL D 230 24.48 -0.50 -5.66
N ASN D 231 25.49 -0.51 -4.81
CA ASN D 231 26.24 -1.73 -4.55
C ASN D 231 25.83 -2.31 -3.21
N LEU D 232 25.20 -3.49 -3.22
CA LEU D 232 24.79 -4.11 -1.98
C LEU D 232 25.94 -4.91 -1.38
N LEU D 233 26.14 -4.74 -0.08
CA LEU D 233 27.21 -5.43 0.64
C LEU D 233 26.62 -6.43 1.60
N SER D 234 27.16 -7.65 1.55
CA SER D 234 26.72 -8.73 2.42
C SER D 234 27.28 -8.50 3.82
N LEU D 235 26.77 -9.22 4.80
CA LEU D 235 27.24 -9.07 6.16
C LEU D 235 28.77 -9.16 6.28
N GLU D 236 29.40 -9.83 5.33
CA GLU D 236 30.86 -9.95 5.33
C GLU D 236 31.50 -8.61 4.92
N THR D 240 34.75 -6.33 6.63
CA THR D 240 34.17 -5.51 7.73
C THR D 240 34.47 -4.04 7.44
N VAL D 241 33.42 -3.26 7.17
CA VAL D 241 33.60 -1.84 6.85
C VAL D 241 33.07 -0.82 7.84
N THR D 242 33.38 0.45 7.53
CA THR D 242 32.98 1.60 8.32
C THR D 242 32.26 2.56 7.36
N PHE D 243 31.04 2.96 7.70
CA PHE D 243 30.27 3.85 6.85
C PHE D 243 30.39 5.32 7.24
N GLU D 244 30.24 6.21 6.26
CA GLU D 244 30.34 7.64 6.47
C GLU D 244 29.31 8.13 7.48
N ARG D 245 29.57 9.29 8.06
CA ARG D 245 28.65 9.86 9.05
C ARG D 245 27.83 11.01 8.50
N LEU D 246 28.34 11.68 7.47
CA LEU D 246 27.64 12.82 6.87
C LEU D 246 27.04 12.52 5.50
N GLY D 247 27.88 12.09 4.57
CA GLY D 247 27.41 11.77 3.23
C GLY D 247 27.13 12.99 2.38
N THR D 248 28.03 13.99 2.44
CA THR D 248 27.85 15.19 1.64
C THR D 248 28.46 14.89 0.28
N GLU D 249 29.50 14.06 0.31
CA GLU D 249 30.25 13.64 -0.87
C GLU D 249 29.43 13.40 -2.15
N LEU D 250 28.76 12.25 -2.24
CA LEU D 250 27.97 11.87 -3.42
C LEU D 250 28.90 11.51 -4.58
N LYS D 251 29.60 10.40 -4.42
CA LYS D 251 30.56 9.90 -5.41
C LYS D 251 29.96 9.41 -6.73
N LYS D 252 30.81 9.35 -7.74
CA LYS D 252 30.40 8.90 -9.07
C LYS D 252 31.21 7.68 -9.51
N GLN D 253 30.83 7.12 -10.66
CA GLN D 253 31.48 5.92 -11.17
C GLN D 253 31.22 5.88 -12.68
N ARG D 254 32.27 5.91 -13.49
CA ARG D 254 32.11 5.91 -14.94
C ARG D 254 31.84 4.53 -15.53
N LEU D 255 30.85 4.46 -16.41
CA LEU D 255 30.47 3.21 -17.05
C LEU D 255 30.24 3.49 -18.52
N LEU D 256 30.94 2.78 -19.38
CA LEU D 256 30.84 2.98 -20.82
C LEU D 256 30.84 4.48 -21.21
N GLY D 257 31.77 5.22 -20.60
CA GLY D 257 31.88 6.64 -20.87
C GLY D 257 30.97 7.56 -20.08
N VAL D 258 29.94 7.00 -19.44
CA VAL D 258 28.99 7.81 -18.67
C VAL D 258 29.20 7.78 -17.16
N ASP D 259 29.21 8.96 -16.54
CA ASP D 259 29.38 9.09 -15.10
C ASP D 259 28.06 8.85 -14.39
N LEU D 260 28.08 7.93 -13.42
CA LEU D 260 26.88 7.56 -12.66
C LEU D 260 27.11 7.66 -11.17
N SER D 261 26.12 8.16 -10.45
CA SER D 261 26.26 8.28 -9.00
C SER D 261 26.40 6.88 -8.39
N PHE D 262 27.22 6.76 -7.35
CA PHE D 262 27.47 5.49 -6.70
C PHE D 262 27.08 5.45 -5.21
N TYR D 263 26.29 4.45 -4.84
CA TYR D 263 25.86 4.24 -3.47
C TYR D 263 26.24 2.83 -2.99
N GLU D 264 26.72 2.72 -1.75
CA GLU D 264 27.06 1.42 -1.18
C GLU D 264 26.21 1.24 0.07
N ILE D 265 25.28 0.31 0.03
CA ILE D 265 24.42 0.10 1.18
C ILE D 265 24.58 -1.30 1.74
N PRO D 266 24.50 -1.41 3.07
CA PRO D 266 24.63 -2.70 3.75
C PRO D 266 23.33 -3.47 3.88
N ILE D 267 23.40 -4.79 3.77
CA ILE D 267 22.23 -5.60 3.95
C ILE D 267 22.22 -5.86 5.45
N SER D 268 21.18 -5.36 6.12
CA SER D 268 21.05 -5.50 7.57
C SER D 268 19.79 -6.23 8.01
N PRO D 269 19.90 -7.06 9.05
CA PRO D 269 18.76 -7.84 9.59
C PRO D 269 17.76 -6.97 10.36
N GLY D 270 16.49 -7.35 10.29
CA GLY D 270 15.44 -6.62 10.98
C GLY D 270 14.96 -5.38 10.25
N ARG D 271 15.58 -5.10 9.11
CA ARG D 271 15.23 -3.94 8.28
C ARG D 271 14.96 -4.40 6.84
N LYS D 272 14.22 -3.59 6.08
CA LYS D 272 13.90 -3.92 4.69
C LYS D 272 14.89 -3.24 3.76
N THR D 273 15.65 -4.06 3.02
CA THR D 273 16.65 -3.58 2.07
C THR D 273 16.04 -2.72 0.96
N SER D 274 14.84 -3.09 0.54
CA SER D 274 14.18 -2.34 -0.52
C SER D 274 14.06 -0.85 -0.19
N GLU D 275 13.76 -0.54 1.06
CA GLU D 275 13.59 0.84 1.45
C GLU D 275 14.87 1.64 1.53
N ILE D 276 16.00 0.96 1.79
CA ILE D 276 17.24 1.72 1.86
C ILE D 276 17.54 2.15 0.42
N ILE D 277 17.36 1.22 -0.51
CA ILE D 277 17.56 1.52 -1.92
C ILE D 277 16.67 2.69 -2.35
N GLU D 278 15.40 2.64 -1.96
CA GLU D 278 14.49 3.73 -2.31
C GLU D 278 15.02 5.06 -1.77
N SER D 279 15.53 5.01 -0.56
CA SER D 279 16.07 6.19 0.12
C SER D 279 17.26 6.78 -0.66
N ALA D 280 18.12 5.93 -1.20
CA ALA D 280 19.27 6.36 -1.97
C ALA D 280 18.80 7.13 -3.22
N VAL D 281 17.78 6.60 -3.88
CA VAL D 281 17.23 7.22 -5.07
C VAL D 281 16.67 8.60 -4.74
N ILE D 282 16.02 8.70 -3.58
CA ILE D 282 15.44 9.98 -3.15
C ILE D 282 16.55 10.97 -2.86
N ASP D 283 17.63 10.46 -2.26
CA ASP D 283 18.79 11.27 -1.92
C ASP D 283 19.41 11.79 -3.23
N PHE D 284 19.57 10.89 -4.19
CA PHE D 284 20.14 11.22 -5.49
C PHE D 284 19.32 12.36 -6.11
N LYS D 285 18.00 12.21 -6.13
CA LYS D 285 17.11 13.22 -6.72
C LYS D 285 17.04 14.53 -5.93
N LEU D 286 17.09 14.48 -4.61
CA LEU D 286 17.04 15.74 -3.86
C LEU D 286 18.29 16.55 -4.16
N LYS D 287 19.46 15.91 -4.00
CA LYS D 287 20.73 16.57 -4.26
C LYS D 287 20.79 17.11 -5.68
N HIS D 288 20.37 16.29 -6.64
CA HIS D 288 20.38 16.69 -8.03
C HIS D 288 19.54 17.95 -8.20
N SER D 289 18.53 18.13 -7.35
CA SER D 289 17.68 19.31 -7.46
C SER D 289 18.27 20.48 -6.68
N GLY D 290 19.32 20.24 -5.92
CA GLY D 290 19.93 21.32 -5.15
C GLY D 290 19.77 21.24 -3.64
N TYR D 291 19.39 20.08 -3.12
CA TYR D 291 19.21 19.94 -1.67
C TYR D 291 20.11 18.87 -1.07
N ASN D 292 21.05 19.29 -0.22
CA ASN D 292 21.96 18.35 0.41
C ASN D 292 21.68 18.26 1.92
N SER D 293 21.19 17.11 2.35
CA SER D 293 20.85 16.91 3.76
C SER D 293 22.02 17.19 4.71
N ALA D 294 23.17 16.57 4.44
CA ALA D 294 24.34 16.76 5.28
C ALA D 294 24.68 18.24 5.40
N LEU D 295 24.79 18.92 4.26
CA LEU D 295 25.10 20.34 4.26
C LEU D 295 24.10 21.17 5.03
N ASP D 296 22.83 20.79 4.96
CA ASP D 296 21.79 21.52 5.67
C ASP D 296 21.94 21.26 7.16
N PHE D 297 22.36 20.04 7.50
CA PHE D 297 22.53 19.67 8.90
C PHE D 297 23.66 20.50 9.53
N ILE D 298 24.74 20.67 8.78
CA ILE D 298 25.89 21.43 9.25
C ILE D 298 25.57 22.94 9.34
N GLU D 299 24.90 23.48 8.34
CA GLU D 299 24.54 24.90 8.36
C GLU D 299 23.69 25.19 9.59
N ASN D 300 22.75 24.28 9.88
CA ASN D 300 21.85 24.37 11.03
C ASN D 300 22.65 24.32 12.32
N GLN D 301 23.61 23.39 12.36
CA GLN D 301 24.45 23.22 13.53
C GLN D 301 25.33 24.45 13.74
N LYS D 302 25.67 25.13 12.66
CA LYS D 302 26.49 26.32 12.75
C LYS D 302 25.70 27.50 13.28
N ALA D 303 24.46 27.64 12.81
CA ALA D 303 23.60 28.75 13.24
C ALA D 303 23.36 28.71 14.75
N ILE D 304 23.06 27.53 15.27
CA ILE D 304 22.82 27.34 16.70
C ILE D 304 24.02 27.78 17.53
N LEU D 305 25.23 27.44 17.07
CA LEU D 305 26.45 27.80 17.77
C LEU D 305 26.69 29.31 17.72
N LYS D 306 26.29 29.94 16.62
CA LYS D 306 26.47 31.37 16.46
C LYS D 306 25.51 32.11 17.40
N ARG D 307 25.21 31.48 18.53
CA ARG D 307 24.33 32.07 19.53
C ARG D 307 24.87 31.79 20.93
N MET E 1 16.60 28.29 26.63
CA MET E 1 15.13 28.42 26.36
C MET E 1 14.83 29.65 25.50
N LYS E 2 13.96 29.48 24.51
CA LYS E 2 13.58 30.59 23.63
C LYS E 2 12.97 31.65 24.52
N LYS E 3 13.31 32.91 24.25
CA LYS E 3 12.80 34.03 25.04
C LYS E 3 11.30 34.18 24.87
N LEU E 4 10.59 34.35 25.97
CA LEU E 4 9.14 34.53 25.93
C LEU E 4 8.89 36.04 26.02
N LEU E 5 8.33 36.61 24.96
CA LEU E 5 8.05 38.05 24.93
C LEU E 5 6.57 38.36 25.15
N VAL E 6 6.28 39.52 25.75
CA VAL E 6 4.91 39.93 26.01
C VAL E 6 4.10 39.96 24.71
N LYS E 7 4.67 40.54 23.67
CA LYS E 7 3.94 40.62 22.42
C LYS E 7 3.55 39.24 21.88
N GLU E 8 4.40 38.24 22.11
CA GLU E 8 4.13 36.87 21.68
C GLU E 8 2.90 36.36 22.43
N LEU E 9 2.80 36.77 23.69
CA LEU E 9 1.71 36.37 24.56
C LEU E 9 0.40 36.93 24.05
N ILE E 10 0.41 38.23 23.71
CA ILE E 10 -0.80 38.91 23.21
C ILE E 10 -1.32 38.30 21.94
N GLU E 11 -0.40 37.78 21.13
CA GLU E 11 -0.76 37.16 19.86
C GLU E 11 -1.54 35.86 20.08
N GLN E 12 -1.02 34.99 20.94
CA GLN E 12 -1.68 33.73 21.17
C GLN E 12 -3.05 33.88 21.84
N PHE E 13 -3.39 35.09 22.27
CA PHE E 13 -4.66 35.33 22.93
C PHE E 13 -5.35 36.63 22.53
N GLN E 14 -5.25 37.00 21.27
CA GLN E 14 -5.86 38.22 20.77
C GLN E 14 -7.38 38.18 20.93
N ASP E 15 -7.89 37.01 21.26
CA ASP E 15 -9.32 36.81 21.44
C ASP E 15 -9.84 37.23 22.81
N CYS E 16 -8.98 37.19 23.84
CA CYS E 16 -9.38 37.55 25.20
C CYS E 16 -8.45 38.52 25.93
N VAL E 17 -7.52 39.15 25.22
CA VAL E 17 -6.59 40.09 25.85
C VAL E 17 -6.42 41.34 24.98
N ASN E 18 -6.48 42.52 25.61
CA ASN E 18 -6.33 43.76 24.86
C ASN E 18 -5.29 44.65 25.53
N LEU E 19 -4.21 44.93 24.82
CA LEU E 19 -3.16 45.78 25.35
C LEU E 19 -3.76 47.18 25.51
N ILE E 20 -3.69 47.74 26.72
CA ILE E 20 -4.27 49.05 26.95
C ILE E 20 -3.27 50.12 27.36
N ASP E 21 -2.03 49.72 27.60
CA ASP E 21 -1.02 50.69 27.98
C ASP E 21 0.35 50.03 27.86
N GLY E 22 1.40 50.84 27.92
CA GLY E 22 2.76 50.32 27.80
C GLY E 22 2.99 49.63 26.46
N HIS E 23 2.52 50.24 25.37
CA HIS E 23 2.68 49.65 24.03
C HIS E 23 4.12 49.48 23.55
N THR E 24 4.96 50.49 23.76
CA THR E 24 6.34 50.42 23.28
C THR E 24 7.22 49.40 24.00
N ASN E 25 6.75 48.88 25.13
CA ASN E 25 7.54 47.92 25.89
C ASN E 25 7.10 46.47 25.67
N THR E 26 6.16 46.28 24.76
CA THR E 26 5.63 44.96 24.46
C THR E 26 6.73 43.94 24.14
N SER E 27 7.94 44.44 23.96
CA SER E 27 9.08 43.59 23.65
C SER E 27 9.75 43.08 24.93
N ASN E 28 9.08 43.28 26.06
CA ASN E 28 9.60 42.84 27.36
C ASN E 28 9.73 41.32 27.41
N VAL E 29 10.77 40.84 28.08
CA VAL E 29 11.01 39.41 28.20
C VAL E 29 10.49 38.83 29.51
N ILE E 30 9.62 37.83 29.38
CA ILE E 30 9.03 37.12 30.52
C ILE E 30 9.99 36.03 30.97
N ARG E 31 10.75 36.30 32.03
CA ARG E 31 11.74 35.33 32.51
C ARG E 31 11.25 34.25 33.48
N VAL E 32 10.11 34.48 34.11
CA VAL E 32 9.57 33.54 35.10
C VAL E 32 8.11 33.21 34.79
N PRO E 33 7.72 31.93 34.89
CA PRO E 33 6.37 31.41 34.65
C PRO E 33 5.34 31.79 35.71
N GLY E 34 4.05 31.55 35.42
CA GLY E 34 2.99 31.86 36.35
C GLY E 34 2.41 33.28 36.38
N LEU E 35 1.12 33.39 36.67
CA LEU E 35 0.47 34.70 36.80
C LEU E 35 0.69 35.06 38.28
N LYS E 36 1.77 35.81 38.53
CA LYS E 36 2.19 36.21 39.87
C LYS E 36 1.26 37.10 40.70
N ARG E 37 1.02 36.70 41.95
CA ARG E 37 0.23 37.51 42.85
C ARG E 37 1.31 38.31 43.58
N VAL E 38 1.15 39.62 43.59
CA VAL E 38 2.13 40.52 44.18
C VAL E 38 1.69 41.23 45.46
N VAL E 39 0.99 40.51 46.32
CA VAL E 39 0.52 41.06 47.58
C VAL E 39 1.69 41.52 48.44
N PHE E 40 2.62 40.61 48.71
CA PHE E 40 3.80 40.94 49.51
C PHE E 40 4.46 42.25 49.05
N GLU E 41 4.60 42.44 47.73
CA GLU E 41 5.23 43.66 47.25
C GLU E 41 4.30 44.86 47.30
N MET E 42 3.01 44.64 47.12
CA MET E 42 2.08 45.78 47.20
C MET E 42 2.13 46.37 48.61
N LEU E 43 2.28 45.50 49.61
CA LEU E 43 2.33 45.95 51.00
C LEU E 43 3.74 46.35 51.44
N GLY E 44 4.66 46.46 50.48
CA GLY E 44 6.01 46.83 50.80
C GLY E 44 6.81 45.84 51.64
N LEU E 45 6.41 44.56 51.67
CA LEU E 45 7.13 43.57 52.46
C LEU E 45 8.32 42.94 51.70
N PHE E 46 8.17 42.77 50.38
CA PHE E 46 9.21 42.20 49.54
C PHE E 46 9.55 43.23 48.49
N SER E 47 10.79 43.23 48.04
CA SER E 47 11.22 44.23 47.05
C SER E 47 12.14 43.70 45.96
N SER E 48 12.02 42.43 45.61
CA SER E 48 12.87 41.88 44.56
C SER E 48 12.21 42.15 43.21
N GLN E 49 13.03 42.20 42.16
CA GLN E 49 12.53 42.44 40.81
C GLN E 49 11.55 41.34 40.44
N ILE E 50 10.73 41.62 39.44
CA ILE E 50 9.74 40.66 38.98
C ILE E 50 10.03 40.27 37.54
N GLY E 51 10.04 38.97 37.28
CA GLY E 51 10.33 38.49 35.94
C GLY E 51 9.15 37.77 35.33
N SER E 52 8.05 37.70 36.08
CA SER E 52 6.87 37.02 35.59
C SER E 52 5.74 38.02 35.42
N VAL E 53 4.68 37.62 34.74
CA VAL E 53 3.53 38.48 34.52
C VAL E 53 2.70 38.53 35.80
N ALA E 54 2.51 39.74 36.33
CA ALA E 54 1.74 39.91 37.55
C ALA E 54 0.26 39.99 37.22
N ILE E 55 -0.58 39.58 38.17
CA ILE E 55 -2.02 39.64 37.96
C ILE E 55 -2.74 40.43 39.07
N LEU E 56 -3.75 41.18 38.65
CA LEU E 56 -4.55 42.00 39.54
C LEU E 56 -6.01 41.58 39.24
N GLY E 57 -6.65 40.95 40.22
CA GLY E 57 -8.01 40.50 40.03
C GLY E 57 -8.97 41.07 41.05
N LYS E 58 -10.10 40.38 41.25
CA LYS E 58 -11.09 40.84 42.20
C LYS E 58 -10.40 41.20 43.52
N ARG E 59 -9.77 40.21 44.13
CA ARG E 59 -9.09 40.38 45.41
C ARG E 59 -8.32 41.70 45.49
N GLU E 60 -7.38 41.86 44.56
CA GLU E 60 -6.55 43.06 44.53
C GLU E 60 -7.36 44.33 44.26
N PHE E 61 -8.38 44.24 43.42
CA PHE E 61 -9.17 45.41 43.13
C PHE E 61 -9.96 45.89 44.36
N GLY E 62 -10.41 44.96 45.20
CA GLY E 62 -11.15 45.33 46.38
C GLY E 62 -10.28 45.88 47.50
N PHE E 63 -9.09 45.33 47.64
CA PHE E 63 -8.16 45.78 48.64
C PHE E 63 -7.84 47.22 48.33
N LEU E 64 -7.54 47.51 47.06
CA LEU E 64 -7.20 48.87 46.63
C LEU E 64 -8.39 49.82 46.73
N SER E 65 -9.58 49.31 46.40
CA SER E 65 -10.80 50.10 46.43
C SER E 65 -11.09 50.63 47.83
N GLN E 66 -10.38 50.08 48.81
CA GLN E 66 -10.56 50.49 50.17
C GLN E 66 -9.64 51.66 50.50
N LYS E 67 -8.54 51.78 49.79
CA LYS E 67 -7.57 52.85 50.05
C LYS E 67 -7.86 54.17 49.34
N THR E 68 -7.27 55.25 49.86
CA THR E 68 -7.45 56.57 49.26
C THR E 68 -6.55 56.64 48.04
N LEU E 69 -6.74 57.69 47.24
CA LEU E 69 -5.95 57.86 46.04
C LEU E 69 -4.44 57.76 46.29
N VAL E 70 -3.95 58.54 47.25
CA VAL E 70 -2.51 58.55 47.58
C VAL E 70 -2.02 57.17 48.00
N GLU E 71 -2.85 56.46 48.78
CA GLU E 71 -2.51 55.13 49.23
C GLU E 71 -2.33 54.18 48.04
N GLN E 72 -3.30 54.17 47.11
CA GLN E 72 -3.21 53.33 45.94
C GLN E 72 -1.97 53.69 45.09
N GLN E 73 -1.75 54.97 44.86
CA GLN E 73 -0.58 55.42 44.10
C GLN E 73 0.70 54.91 44.78
N GLN E 74 0.65 54.83 46.11
CA GLN E 74 1.80 54.36 46.89
C GLN E 74 2.01 52.89 46.50
N ILE E 75 0.96 52.10 46.73
CA ILE E 75 0.96 50.67 46.44
C ILE E 75 1.34 50.38 45.00
N LEU E 76 0.66 51.02 44.05
CA LEU E 76 0.93 50.81 42.63
C LEU E 76 2.37 51.16 42.26
N HIS E 77 2.93 52.18 42.88
CA HIS E 77 4.32 52.53 42.60
C HIS E 77 5.24 51.42 43.07
N ASN E 78 4.92 50.83 44.22
CA ASN E 78 5.76 49.76 44.73
C ASN E 78 5.88 48.65 43.71
N LEU E 79 4.75 48.28 43.13
CA LEU E 79 4.70 47.23 42.13
C LEU E 79 5.50 47.60 40.87
N LEU E 80 5.03 48.60 40.12
CA LEU E 80 5.71 49.02 38.90
C LEU E 80 7.21 49.24 39.09
N LYS E 81 7.59 49.62 40.31
CA LYS E 81 8.98 49.89 40.65
C LYS E 81 9.83 48.63 40.54
N LEU E 82 9.21 47.47 40.73
CA LEU E 82 9.94 46.20 40.66
C LEU E 82 10.16 45.75 39.22
N ASN E 83 9.67 46.57 38.29
CA ASN E 83 9.80 46.30 36.87
C ASN E 83 9.28 44.99 36.36
N PRO E 84 7.97 44.76 36.51
CA PRO E 84 7.39 43.50 36.01
C PRO E 84 7.32 43.56 34.48
N PRO E 85 7.50 42.42 33.81
CA PRO E 85 7.44 42.44 32.35
C PRO E 85 6.10 42.92 31.82
N ALA E 86 5.03 42.60 32.56
CA ALA E 86 3.68 43.02 32.19
C ALA E 86 2.75 42.76 33.36
N ILE E 87 1.52 43.24 33.22
CA ILE E 87 0.50 43.10 34.25
C ILE E 87 -0.82 42.84 33.56
N ILE E 88 -1.56 41.84 34.02
CA ILE E 88 -2.85 41.50 33.40
C ILE E 88 -4.00 41.80 34.37
N LEU E 89 -5.06 42.41 33.85
CA LEU E 89 -6.20 42.76 34.69
C LEU E 89 -7.38 41.85 34.40
N THR E 90 -7.91 41.20 35.41
CA THR E 90 -9.03 40.31 35.19
C THR E 90 -10.28 41.14 34.96
N LYS E 91 -11.38 40.48 34.65
CA LYS E 91 -12.63 41.19 34.40
C LYS E 91 -13.12 41.86 35.69
N SER E 92 -12.70 41.33 36.84
CA SER E 92 -13.07 41.87 38.15
C SER E 92 -12.36 43.19 38.49
N PHE E 93 -11.30 43.50 37.76
CA PHE E 93 -10.56 44.75 37.96
C PHE E 93 -11.27 45.71 37.02
N THR E 94 -12.33 46.34 37.52
CA THR E 94 -13.14 47.23 36.71
C THR E 94 -12.67 48.67 36.45
N ASP E 95 -11.82 49.21 37.32
CA ASP E 95 -11.36 50.56 37.08
C ASP E 95 -9.83 50.67 37.19
N PRO E 96 -9.15 50.72 36.02
CA PRO E 96 -7.69 50.82 35.93
C PRO E 96 -7.16 52.26 35.85
N THR E 97 -8.02 53.23 36.10
CA THR E 97 -7.62 54.62 36.01
C THR E 97 -6.38 55.00 36.82
N VAL E 98 -6.38 54.63 38.09
CA VAL E 98 -5.26 54.97 38.96
C VAL E 98 -3.98 54.36 38.46
N LEU E 99 -4.05 53.08 38.10
CA LEU E 99 -2.89 52.35 37.59
C LEU E 99 -2.38 53.08 36.35
N LEU E 100 -3.24 53.21 35.35
CA LEU E 100 -2.84 53.90 34.13
C LEU E 100 -2.13 55.22 34.45
N GLN E 101 -2.64 55.94 35.44
CA GLN E 101 -2.03 57.21 35.83
C GLN E 101 -0.61 57.01 36.35
N VAL E 102 -0.45 56.11 37.31
CA VAL E 102 0.87 55.85 37.90
C VAL E 102 1.83 55.26 36.88
N ASN E 103 1.27 54.59 35.89
CA ASN E 103 2.08 53.94 34.86
C ASN E 103 2.46 54.86 33.69
N GLN E 104 2.08 56.13 33.77
CA GLN E 104 2.40 57.07 32.70
C GLN E 104 3.90 57.24 32.58
N THR E 105 4.62 56.93 33.66
CA THR E 105 6.07 57.04 33.63
C THR E 105 6.74 55.72 33.29
N TYR E 106 6.45 54.69 34.07
CA TYR E 106 7.03 53.37 33.84
C TYR E 106 6.63 52.69 32.52
N GLN E 107 5.42 52.97 32.05
CA GLN E 107 4.95 52.40 30.81
C GLN E 107 5.02 50.87 30.72
N VAL E 108 4.68 50.19 31.81
CA VAL E 108 4.68 48.73 31.82
C VAL E 108 3.49 48.27 30.99
N PRO E 109 3.66 47.21 30.19
CA PRO E 109 2.56 46.71 29.36
C PRO E 109 1.39 46.20 30.19
N ILE E 110 0.24 46.89 30.12
CA ILE E 110 -0.94 46.47 30.87
C ILE E 110 -1.91 45.72 29.96
N LEU E 111 -2.23 44.50 30.35
CA LEU E 111 -3.11 43.66 29.59
C LEU E 111 -4.48 43.57 30.25
N LYS E 112 -5.52 43.73 29.45
CA LYS E 112 -6.89 43.66 29.97
C LYS E 112 -7.58 42.45 29.38
N THR E 113 -8.40 41.78 30.19
CA THR E 113 -9.13 40.61 29.70
C THR E 113 -10.49 40.57 30.33
N ASP E 114 -11.43 39.92 29.67
CA ASP E 114 -12.76 39.79 30.22
C ASP E 114 -12.93 38.42 30.84
N PHE E 115 -11.82 37.69 30.96
CA PHE E 115 -11.81 36.36 31.59
C PHE E 115 -11.66 36.58 33.10
N PHE E 116 -12.16 35.65 33.89
CA PHE E 116 -11.99 35.74 35.34
C PHE E 116 -10.73 34.96 35.64
N SER E 117 -10.08 35.25 36.77
CA SER E 117 -8.84 34.57 37.13
C SER E 117 -8.95 33.05 36.92
N THR E 118 -10.08 32.45 37.28
CA THR E 118 -10.26 31.01 37.15
C THR E 118 -10.18 30.61 35.69
N GLU E 119 -10.77 31.41 34.80
CA GLU E 119 -10.75 31.12 33.37
C GLU E 119 -9.35 31.31 32.79
N LEU E 120 -8.52 32.07 33.49
CA LEU E 120 -7.17 32.30 33.04
C LEU E 120 -6.27 31.12 33.40
N SER E 121 -6.62 30.40 34.46
CA SER E 121 -5.82 29.29 34.93
C SER E 121 -5.52 28.23 33.84
N PHE E 122 -6.53 27.87 33.04
CA PHE E 122 -6.36 26.86 32.01
C PHE E 122 -6.19 27.41 30.60
N THR E 123 -6.03 28.72 30.49
CA THR E 123 -5.83 29.35 29.19
C THR E 123 -4.50 30.09 29.12
N VAL E 124 -4.51 31.37 29.47
CA VAL E 124 -3.32 32.20 29.46
C VAL E 124 -2.19 31.67 30.34
N GLU E 125 -2.50 31.31 31.58
CA GLU E 125 -1.52 30.82 32.53
C GLU E 125 -0.95 29.47 32.13
N THR E 126 -1.81 28.58 31.65
CA THR E 126 -1.35 27.27 31.22
C THR E 126 -0.35 27.41 30.08
N TYR E 127 -0.66 28.28 29.12
CA TYR E 127 0.24 28.54 28.00
C TYR E 127 1.59 29.00 28.49
N ILE E 128 1.60 30.03 29.34
CA ILE E 128 2.85 30.58 29.86
C ILE E 128 3.66 29.54 30.62
N ASN E 129 3.04 28.93 31.62
CA ASN E 129 3.73 27.92 32.44
C ASN E 129 4.44 26.85 31.60
N GLU E 130 3.72 26.28 30.63
CA GLU E 130 4.29 25.23 29.79
C GLU E 130 5.52 25.64 28.99
N GLN E 131 5.71 26.94 28.82
CA GLN E 131 6.86 27.45 28.10
C GLN E 131 8.14 27.31 28.92
N PHE E 132 8.00 27.17 30.23
CA PHE E 132 9.17 27.02 31.10
C PHE E 132 9.36 25.60 31.62
N ALA E 133 8.61 24.64 31.10
CA ALA E 133 8.74 23.27 31.57
C ALA E 133 10.19 22.79 31.53
N THR E 134 10.58 22.03 32.55
CA THR E 134 11.95 21.51 32.63
C THR E 134 12.21 20.47 31.54
N VAL E 135 13.29 20.66 30.80
CA VAL E 135 13.65 19.78 29.69
C VAL E 135 14.90 18.95 29.93
N ALA E 136 14.81 17.64 29.71
CA ALA E 136 15.96 16.74 29.88
C ALA E 136 16.34 16.05 28.56
N GLN E 137 17.62 16.12 28.21
CA GLN E 137 18.12 15.47 27.00
C GLN E 137 18.34 14.00 27.34
N ILE E 138 18.00 13.11 26.42
CA ILE E 138 18.24 11.67 26.62
C ILE E 138 18.56 11.08 25.26
N HIS E 139 18.86 9.79 25.24
CA HIS E 139 19.17 9.13 23.99
C HIS E 139 18.09 8.14 23.63
N GLY E 140 17.62 8.20 22.39
CA GLY E 140 16.59 7.27 21.93
C GLY E 140 15.96 7.76 20.66
N VAL E 141 14.90 7.10 20.22
CA VAL E 141 14.19 7.51 19.00
C VAL E 141 12.72 7.74 19.32
N LEU E 142 12.17 8.83 18.80
CA LEU E 142 10.78 9.19 19.02
C LEU E 142 9.91 9.15 17.79
N LEU E 143 8.79 8.44 17.92
CA LEU E 143 7.84 8.35 16.82
C LEU E 143 6.47 8.29 17.41
N GLU E 144 5.47 8.47 16.56
CA GLU E 144 4.10 8.34 17.00
C GLU E 144 3.53 7.29 16.06
N VAL E 145 3.08 6.17 16.63
CA VAL E 145 2.53 5.07 15.83
C VAL E 145 1.16 4.69 16.34
N PHE E 146 0.21 4.67 15.41
CA PHE E 146 -1.19 4.37 15.72
C PHE E 146 -1.65 5.39 16.77
N GLY E 147 -1.23 6.64 16.58
CA GLY E 147 -1.60 7.71 17.49
C GLY E 147 -1.01 7.61 18.87
N VAL E 148 -0.06 6.70 19.08
CA VAL E 148 0.59 6.50 20.38
C VAL E 148 2.08 6.88 20.37
N GLY E 149 2.45 7.82 21.24
CA GLY E 149 3.81 8.27 21.34
C GLY E 149 4.71 7.14 21.82
N VAL E 150 5.71 6.80 21.01
CA VAL E 150 6.62 5.72 21.34
C VAL E 150 8.08 6.14 21.45
N LEU E 151 8.72 5.78 22.55
CA LEU E 151 10.12 6.07 22.79
C LEU E 151 10.90 4.77 22.62
N LEU E 152 11.90 4.81 21.74
CA LEU E 152 12.75 3.64 21.45
C LEU E 152 14.14 3.78 22.03
N THR E 153 14.51 2.85 22.89
CA THR E 153 15.84 2.88 23.49
C THR E 153 16.63 1.61 23.18
N GLY E 154 17.93 1.68 23.44
CA GLY E 154 18.81 0.55 23.21
C GLY E 154 20.22 1.02 22.93
N ARG E 155 21.18 0.15 23.18
CA ARG E 155 22.59 0.45 22.95
C ARG E 155 22.85 0.63 21.45
N SER E 156 22.29 -0.27 20.65
CA SER E 156 22.43 -0.27 19.20
C SER E 156 21.73 0.91 18.52
N GLY E 157 22.49 1.96 18.22
CA GLY E 157 21.90 3.10 17.55
C GLY E 157 21.47 2.74 16.15
N ILE E 158 22.20 1.81 15.53
CA ILE E 158 21.88 1.35 14.16
C ILE E 158 20.52 0.66 14.14
N GLY E 159 20.32 -0.25 15.10
CA GLY E 159 19.07 -0.96 15.17
C GLY E 159 17.89 -0.02 15.41
N LYS E 160 18.17 1.10 16.07
CA LYS E 160 17.14 2.07 16.35
C LYS E 160 16.78 2.92 15.14
N SER E 161 17.77 3.49 14.47
CA SER E 161 17.51 4.33 13.27
C SER E 161 16.90 3.53 12.12
N GLU E 162 17.32 2.28 11.99
CA GLU E 162 16.83 1.44 10.92
C GLU E 162 15.37 1.11 11.14
N CYS E 163 15.02 0.87 12.40
CA CYS E 163 13.65 0.57 12.78
C CYS E 163 12.82 1.81 12.44
N ALA E 164 13.35 2.97 12.83
CA ALA E 164 12.69 4.24 12.58
C ALA E 164 12.36 4.39 11.10
N LEU E 165 13.35 4.21 10.24
CA LEU E 165 13.10 4.35 8.81
C LEU E 165 12.01 3.37 8.37
N ASP E 166 12.07 2.13 8.84
CA ASP E 166 11.04 1.14 8.48
C ASP E 166 9.65 1.65 8.94
N LEU E 167 9.53 2.14 10.17
CA LEU E 167 8.24 2.63 10.66
C LEU E 167 7.77 3.83 9.82
N ILE E 168 8.73 4.65 9.41
CA ILE E 168 8.40 5.79 8.58
C ILE E 168 7.79 5.31 7.28
N ASN E 169 8.36 4.27 6.69
CA ASN E 169 7.82 3.75 5.47
C ASN E 169 6.46 3.12 5.70
N LYS E 170 6.05 3.02 6.96
CA LYS E 170 4.75 2.46 7.31
C LYS E 170 3.76 3.61 7.57
N ASN E 171 4.21 4.83 7.30
CA ASN E 171 3.38 6.03 7.46
C ASN E 171 3.19 6.51 8.91
N HIS E 172 4.00 5.99 9.81
CA HIS E 172 3.95 6.41 11.20
C HIS E 172 4.65 7.76 11.29
N LEU E 173 4.41 8.51 12.38
CA LEU E 173 5.01 9.85 12.51
C LEU E 173 6.38 9.88 13.17
N PHE E 174 7.32 10.55 12.52
CA PHE E 174 8.68 10.69 13.02
C PHE E 174 8.84 12.02 13.79
N VAL E 175 9.43 11.93 14.98
CA VAL E 175 9.65 13.11 15.78
C VAL E 175 11.11 13.49 15.88
N GLY E 176 11.99 12.52 16.12
CA GLY E 176 13.39 12.84 16.21
C GLY E 176 14.24 11.64 16.50
N ASP E 177 15.51 11.69 16.11
CA ASP E 177 16.40 10.57 16.35
C ASP E 177 17.65 10.94 17.11
N ASP E 178 18.02 10.04 18.01
CA ASP E 178 19.21 10.16 18.83
C ASP E 178 19.25 11.35 19.80
N ALA E 179 19.40 12.56 19.25
CA ALA E 179 19.45 13.76 20.07
C ALA E 179 18.05 14.27 20.39
N ILE E 180 17.41 13.63 21.37
CA ILE E 180 16.07 14.02 21.75
C ILE E 180 15.98 14.55 23.19
N GLU E 181 14.84 15.15 23.51
CA GLU E 181 14.60 15.69 24.84
C GLU E 181 13.15 15.53 25.23
N ILE E 182 12.94 15.22 26.50
CA ILE E 182 11.61 15.03 27.03
C ILE E 182 11.31 16.10 28.08
N TYR E 183 10.04 16.44 28.20
CA TYR E 183 9.61 17.40 29.20
C TYR E 183 8.24 16.97 29.71
N ARG E 184 8.02 17.21 30.99
CA ARG E 184 6.77 16.82 31.63
C ARG E 184 5.80 18.01 31.62
N LEU E 185 4.56 17.74 31.25
CA LEU E 185 3.52 18.76 31.22
C LEU E 185 2.30 18.15 31.91
N GLY E 186 2.00 18.64 33.11
CA GLY E 186 0.88 18.10 33.85
C GLY E 186 1.31 16.74 34.38
N ASN E 187 0.52 15.71 34.09
CA ASN E 187 0.83 14.34 34.51
C ASN E 187 1.12 13.58 33.23
N ARG E 188 1.47 14.30 32.18
CA ARG E 188 1.76 13.70 30.90
C ARG E 188 3.21 13.98 30.48
N LEU E 189 3.83 13.02 29.81
CA LEU E 189 5.22 13.20 29.36
C LEU E 189 5.28 13.42 27.85
N PHE E 190 6.05 14.42 27.44
CA PHE E 190 6.20 14.74 26.03
C PHE E 190 7.63 14.62 25.56
N GLY E 191 7.81 14.55 24.24
CA GLY E 191 9.15 14.45 23.69
C GLY E 191 9.24 15.10 22.32
N ARG E 192 10.44 15.55 21.99
CA ARG E 192 10.67 16.19 20.71
C ARG E 192 12.16 16.14 20.39
N ALA E 193 12.51 16.59 19.20
CA ALA E 193 13.89 16.62 18.76
C ALA E 193 14.57 17.88 19.26
N GLN E 194 15.86 17.76 19.55
CA GLN E 194 16.62 18.92 19.98
C GLN E 194 16.79 19.75 18.72
N GLU E 195 17.15 21.03 18.88
CA GLU E 195 17.32 21.89 17.73
C GLU E 195 18.40 21.37 16.79
N VAL E 196 19.39 20.70 17.33
CA VAL E 196 20.48 20.18 16.52
C VAL E 196 20.08 18.95 15.72
N ALA E 197 19.06 18.24 16.20
CA ALA E 197 18.59 17.03 15.52
C ALA E 197 17.51 17.30 14.47
N LYS E 198 16.54 18.16 14.82
CA LYS E 198 15.43 18.47 13.92
C LYS E 198 14.85 17.16 13.42
N LYS E 199 14.67 17.06 12.12
CA LYS E 199 14.15 15.85 11.52
C LYS E 199 15.27 15.10 10.75
N PHE E 200 16.53 15.39 11.09
CA PHE E 200 17.67 14.74 10.47
C PHE E 200 17.91 13.36 11.09
N MET E 201 18.34 12.40 10.27
CA MET E 201 18.61 11.06 10.79
C MET E 201 19.78 10.41 10.03
N GLU E 202 20.62 9.69 10.78
CA GLU E 202 21.76 9.03 10.17
C GLU E 202 21.45 7.58 9.83
N ILE E 203 21.54 7.25 8.55
CA ILE E 203 21.32 5.92 8.04
C ILE E 203 22.59 5.50 7.29
N ARG E 204 23.18 4.38 7.70
CA ARG E 204 24.39 3.87 7.07
C ARG E 204 24.21 3.71 5.57
N GLY E 205 25.27 4.03 4.82
CA GLY E 205 25.21 3.90 3.38
C GLY E 205 24.71 5.18 2.76
N LEU E 206 24.11 6.03 3.58
CA LEU E 206 23.57 7.29 3.09
C LEU E 206 24.10 8.48 3.87
N GLY E 207 24.35 8.24 5.15
CA GLY E 207 24.83 9.32 6.00
C GLY E 207 23.63 10.00 6.62
N ILE E 208 23.66 11.31 6.70
CA ILE E 208 22.56 12.08 7.28
C ILE E 208 21.48 12.38 6.23
N ILE E 209 20.22 12.09 6.55
CA ILE E 209 19.13 12.38 5.62
C ILE E 209 18.09 13.18 6.38
N ASN E 210 17.39 14.05 5.67
CA ASN E 210 16.36 14.86 6.29
C ASN E 210 15.01 14.19 6.04
N VAL E 211 14.56 13.40 7.02
CA VAL E 211 13.30 12.66 6.97
C VAL E 211 12.16 13.49 6.41
N GLU E 212 12.10 14.74 6.82
CA GLU E 212 11.04 15.61 6.37
C GLU E 212 11.11 15.89 4.87
N ARG E 213 12.28 16.28 4.38
CA ARG E 213 12.43 16.53 2.95
C ARG E 213 12.28 15.24 2.15
N PHE E 214 12.80 14.13 2.69
CA PHE E 214 12.73 12.84 2.00
C PHE E 214 11.32 12.26 1.89
N TYR E 215 10.57 12.26 2.98
CA TYR E 215 9.26 11.65 2.96
C TYR E 215 8.10 12.59 3.23
N GLY E 216 8.38 13.87 3.43
CA GLY E 216 7.31 14.84 3.61
C GLY E 216 6.75 15.06 4.99
N LEU E 217 6.01 16.16 5.13
CA LEU E 217 5.40 16.51 6.40
C LEU E 217 4.36 15.47 6.81
N GLN E 218 3.92 14.65 5.87
CA GLN E 218 2.95 13.60 6.15
C GLN E 218 3.45 12.68 7.26
N ILE E 219 4.77 12.58 7.42
CA ILE E 219 5.33 11.66 8.38
C ILE E 219 6.15 12.22 9.49
N THR E 220 6.04 13.52 9.72
CA THR E 220 6.78 14.12 10.81
C THR E 220 5.80 14.81 11.75
N LYS E 221 6.23 15.02 12.98
CA LYS E 221 5.41 15.69 13.98
C LYS E 221 6.39 16.39 14.92
N GLN E 222 6.04 17.58 15.40
CA GLN E 222 6.91 18.35 16.28
C GLN E 222 7.11 17.73 17.65
N ARG E 223 6.04 17.19 18.22
CA ARG E 223 6.11 16.58 19.54
C ARG E 223 5.13 15.44 19.63
N THR E 224 5.31 14.61 20.63
CA THR E 224 4.42 13.50 20.85
C THR E 224 4.30 13.29 22.36
N GLU E 225 3.18 12.72 22.79
CA GLU E 225 2.99 12.42 24.21
C GLU E 225 3.44 10.99 24.32
N ILE E 226 4.55 10.81 25.03
CA ILE E 226 5.14 9.49 25.22
C ILE E 226 4.29 8.65 26.18
N GLN E 227 3.89 7.46 25.76
CA GLN E 227 3.09 6.59 26.62
C GLN E 227 3.68 5.20 26.71
N LEU E 228 4.48 4.88 25.72
CA LEU E 228 5.08 3.58 25.59
C LEU E 228 6.59 3.71 25.45
N MET E 229 7.31 2.78 26.06
CA MET E 229 8.76 2.78 25.95
C MET E 229 9.17 1.37 25.53
N VAL E 230 9.92 1.26 24.44
CA VAL E 230 10.38 -0.03 23.95
C VAL E 230 11.90 -0.05 23.85
N ASN E 231 12.53 -0.92 24.64
CA ASN E 231 13.98 -1.07 24.64
C ASN E 231 14.36 -2.29 23.80
N LEU E 232 15.16 -2.05 22.76
CA LEU E 232 15.61 -3.11 21.84
C LEU E 232 16.93 -3.74 22.30
N LEU E 233 16.91 -5.05 22.54
CA LEU E 233 18.10 -5.74 22.97
C LEU E 233 18.80 -6.41 21.78
N SER E 234 20.13 -6.39 21.78
CA SER E 234 20.92 -7.00 20.72
C SER E 234 20.73 -8.51 20.73
N LEU E 235 21.17 -9.14 21.82
CA LEU E 235 21.04 -10.59 21.98
C LEU E 235 19.64 -10.93 22.50
N GLU E 236 19.26 -12.20 22.34
CA GLU E 236 17.95 -12.66 22.78
C GLU E 236 18.07 -13.46 24.07
N LYS E 237 18.29 -12.76 25.18
CA LYS E 237 18.42 -13.42 26.49
C LYS E 237 17.04 -13.72 27.09
N GLN E 238 16.84 -14.97 27.51
CA GLN E 238 15.58 -15.39 28.10
C GLN E 238 15.39 -14.85 29.51
N THR E 240 11.74 -16.01 32.32
CA THR E 240 11.64 -17.51 32.28
C THR E 240 10.30 -17.99 32.84
N VAL E 241 9.77 -17.28 33.84
CA VAL E 241 8.49 -17.64 34.46
C VAL E 241 7.37 -17.68 33.40
N THR E 242 6.65 -18.79 33.39
CA THR E 242 5.56 -19.03 32.44
C THR E 242 4.57 -17.86 32.25
N PHE E 243 4.20 -17.17 33.33
CA PHE E 243 3.27 -16.03 33.24
C PHE E 243 3.95 -14.75 32.72
N GLU E 244 5.27 -14.69 32.85
CA GLU E 244 6.05 -13.54 32.40
C GLU E 244 6.33 -13.58 30.89
N ARG E 245 6.59 -14.78 30.37
CA ARG E 245 6.86 -14.91 28.94
C ARG E 245 5.54 -14.87 28.15
N LEU E 246 4.44 -14.91 28.89
CA LEU E 246 3.11 -14.88 28.29
C LEU E 246 2.61 -13.44 28.17
N GLY E 247 3.04 -12.61 29.12
CA GLY E 247 2.64 -11.21 29.12
C GLY E 247 1.37 -10.98 29.91
N THR E 248 1.20 -11.66 31.04
CA THR E 248 -0.02 -11.49 31.81
C THR E 248 -0.21 -10.08 32.35
N GLU E 249 0.85 -9.47 32.88
CA GLU E 249 0.71 -8.11 33.39
C GLU E 249 1.69 -7.16 32.72
N LEU E 250 1.21 -5.94 32.49
CA LEU E 250 2.02 -4.91 31.84
C LEU E 250 3.06 -4.28 32.75
N LYS E 251 4.32 -4.32 32.31
CA LYS E 251 5.43 -3.75 33.06
C LYS E 251 5.50 -2.24 32.82
N LYS E 252 6.15 -1.52 33.72
CA LYS E 252 6.26 -0.07 33.60
C LYS E 252 7.66 0.47 33.86
N GLN E 253 7.82 1.76 33.70
CA GLN E 253 9.09 2.40 33.93
C GLN E 253 8.81 3.88 34.09
N ARG E 254 9.42 4.49 35.09
CA ARG E 254 9.18 5.90 35.34
C ARG E 254 10.27 6.74 34.70
N LEU E 255 9.85 7.72 33.90
CA LEU E 255 10.79 8.59 33.23
C LEU E 255 10.36 10.03 33.48
N LEU E 256 11.21 10.79 34.16
CA LEU E 256 10.92 12.19 34.50
C LEU E 256 9.63 12.30 35.31
N GLY E 257 9.43 11.35 36.24
CA GLY E 257 8.26 11.34 37.09
C GLY E 257 7.02 10.65 36.54
N VAL E 258 6.98 10.45 35.23
CA VAL E 258 5.85 9.83 34.54
C VAL E 258 6.03 8.34 34.29
N ASP E 259 5.03 7.56 34.65
CA ASP E 259 5.06 6.12 34.45
C ASP E 259 4.69 5.73 33.02
N LEU E 260 5.58 5.00 32.36
CA LEU E 260 5.33 4.58 31.00
C LEU E 260 5.27 3.07 30.90
N SER E 261 4.45 2.56 29.99
CA SER E 261 4.37 1.12 29.80
C SER E 261 5.71 0.73 29.20
N PHE E 262 6.24 -0.38 29.66
CA PHE E 262 7.54 -0.84 29.19
C PHE E 262 7.48 -2.16 28.45
N TYR E 263 8.21 -2.21 27.34
CA TYR E 263 8.34 -3.40 26.51
C TYR E 263 9.83 -3.53 26.21
N GLU E 264 10.29 -4.77 26.06
CA GLU E 264 11.69 -5.02 25.72
C GLU E 264 11.68 -6.06 24.64
N ILE E 265 12.21 -5.72 23.46
CA ILE E 265 12.22 -6.71 22.39
C ILE E 265 13.56 -6.81 21.69
N PRO E 266 13.97 -8.03 21.35
CA PRO E 266 15.25 -8.23 20.68
C PRO E 266 15.16 -8.04 19.16
N ILE E 267 16.21 -7.47 18.58
CA ILE E 267 16.27 -7.27 17.12
C ILE E 267 16.64 -8.66 16.61
N SER E 268 16.01 -9.12 15.54
CA SER E 268 16.31 -10.45 15.03
C SER E 268 15.98 -10.68 13.56
N PRO E 269 16.91 -11.32 12.82
CA PRO E 269 16.67 -11.60 11.40
C PRO E 269 15.52 -12.61 11.27
N GLY E 270 14.75 -12.48 10.19
CA GLY E 270 13.63 -13.37 10.00
C GLY E 270 12.35 -12.63 10.40
N ARG E 271 12.53 -11.39 10.80
CA ARG E 271 11.42 -10.53 11.19
C ARG E 271 11.86 -9.09 11.28
N LYS E 272 11.02 -8.19 10.79
CA LYS E 272 11.33 -6.78 10.82
C LYS E 272 10.90 -6.17 12.16
N THR E 273 11.86 -5.53 12.81
CA THR E 273 11.62 -4.90 14.10
C THR E 273 10.38 -4.01 14.09
N SER E 274 10.21 -3.22 13.04
CA SER E 274 9.05 -2.32 12.95
C SER E 274 7.71 -3.04 13.14
N GLU E 275 7.62 -4.30 12.72
CA GLU E 275 6.39 -5.08 12.86
C GLU E 275 6.11 -5.39 14.32
N ILE E 276 7.16 -5.70 15.06
CA ILE E 276 7.02 -6.04 16.48
C ILE E 276 6.63 -4.78 17.28
N ILE E 277 7.13 -3.63 16.86
CA ILE E 277 6.81 -2.37 17.53
C ILE E 277 5.32 -2.11 17.36
N GLU E 278 4.85 -2.25 16.13
CA GLU E 278 3.43 -2.04 15.86
C GLU E 278 2.58 -2.93 16.74
N SER E 279 2.97 -4.20 16.86
CA SER E 279 2.20 -5.13 17.70
C SER E 279 2.18 -4.73 19.17
N ALA E 280 3.28 -4.19 19.65
CA ALA E 280 3.39 -3.77 21.04
C ALA E 280 2.42 -2.64 21.30
N VAL E 281 2.32 -1.75 20.34
CA VAL E 281 1.44 -0.60 20.47
C VAL E 281 -0.01 -1.02 20.55
N ILE E 282 -0.39 -1.96 19.69
CA ILE E 282 -1.74 -2.49 19.66
C ILE E 282 -2.02 -3.25 20.97
N ASP E 283 -0.99 -3.94 21.47
CA ASP E 283 -1.09 -4.69 22.71
C ASP E 283 -1.30 -3.69 23.86
N PHE E 284 -0.50 -2.62 23.86
CA PHE E 284 -0.59 -1.59 24.86
C PHE E 284 -2.02 -1.04 24.88
N LYS E 285 -2.58 -0.73 23.72
CA LYS E 285 -3.92 -0.16 23.68
C LYS E 285 -5.02 -1.11 24.14
N LEU E 286 -4.96 -2.36 23.69
CA LEU E 286 -5.92 -3.37 24.07
C LEU E 286 -5.93 -3.57 25.61
N LYS E 287 -4.75 -3.83 26.17
CA LYS E 287 -4.64 -4.01 27.61
C LYS E 287 -5.16 -2.77 28.34
N HIS E 288 -4.97 -1.59 27.74
CA HIS E 288 -5.44 -0.33 28.32
C HIS E 288 -6.96 -0.25 28.21
N SER E 289 -7.52 -0.91 27.21
CA SER E 289 -8.96 -0.91 27.05
C SER E 289 -9.55 -2.08 27.83
N GLY E 290 -8.68 -2.80 28.54
CA GLY E 290 -9.16 -3.93 29.32
C GLY E 290 -8.96 -5.33 28.78
N TYR E 291 -8.58 -5.49 27.52
CA TYR E 291 -8.37 -6.82 26.95
C TYR E 291 -6.90 -7.24 27.06
N ASN E 292 -6.66 -8.37 27.71
CA ASN E 292 -5.33 -8.93 27.93
C ASN E 292 -5.22 -10.28 27.22
N SER E 293 -4.48 -10.33 26.12
CA SER E 293 -4.34 -11.59 25.38
C SER E 293 -3.89 -12.76 26.25
N ALA E 294 -2.83 -12.55 27.04
CA ALA E 294 -2.31 -13.59 27.93
C ALA E 294 -3.38 -14.16 28.85
N LEU E 295 -4.03 -13.28 29.62
CA LEU E 295 -5.10 -13.71 30.53
C LEU E 295 -6.23 -14.40 29.77
N ASP E 296 -6.53 -13.92 28.57
CA ASP E 296 -7.61 -14.51 27.79
C ASP E 296 -7.18 -15.91 27.33
N PHE E 297 -5.91 -16.05 26.99
CA PHE E 297 -5.36 -17.32 26.53
C PHE E 297 -5.54 -18.33 27.68
N ILE E 298 -5.27 -17.88 28.90
CA ILE E 298 -5.39 -18.74 30.07
C ILE E 298 -6.85 -19.12 30.32
N GLU E 299 -7.76 -18.15 30.18
CA GLU E 299 -9.19 -18.43 30.37
C GLU E 299 -9.65 -19.48 29.37
N ASN E 300 -9.14 -19.38 28.15
CA ASN E 300 -9.49 -20.35 27.11
C ASN E 300 -9.10 -21.75 27.57
N GLN E 301 -7.92 -21.87 28.20
CA GLN E 301 -7.49 -23.17 28.66
C GLN E 301 -8.47 -23.65 29.72
N LYS E 302 -8.75 -22.80 30.70
CA LYS E 302 -9.68 -23.18 31.77
C LYS E 302 -11.03 -23.63 31.19
N ALA E 303 -11.59 -22.84 30.28
CA ALA E 303 -12.88 -23.18 29.71
C ALA E 303 -12.82 -24.54 29.03
N ILE E 304 -11.74 -24.81 28.32
CA ILE E 304 -11.59 -26.08 27.64
C ILE E 304 -11.48 -27.20 28.67
N LEU E 305 -10.65 -26.98 29.69
CA LEU E 305 -10.45 -27.98 30.72
C LEU E 305 -11.74 -28.28 31.49
N LYS E 306 -12.56 -27.26 31.71
CA LYS E 306 -13.81 -27.44 32.43
C LYS E 306 -14.75 -28.40 31.69
N ARG E 307 -15.04 -28.12 30.42
CA ARG E 307 -15.92 -28.97 29.64
C ARG E 307 -15.35 -30.39 29.56
N LYS E 308 -14.03 -30.48 29.48
CA LYS E 308 -13.36 -31.77 29.42
C LYS E 308 -13.57 -32.48 30.77
N LYS E 309 -13.72 -31.68 31.82
CA LYS E 309 -13.94 -32.20 33.17
C LYS E 309 -15.43 -32.25 33.52
N ASP E 310 -16.27 -31.82 32.58
CA ASP E 310 -17.71 -31.84 32.77
C ASP E 310 -18.37 -32.92 31.89
N GLU E 311 -18.10 -34.18 32.22
CA GLU E 311 -18.63 -35.31 31.47
C GLU E 311 -18.16 -35.31 30.02
N MET F 1 -19.50 18.73 35.67
CA MET F 1 -18.06 18.38 35.88
C MET F 1 -17.91 17.32 36.98
N LYS F 2 -16.86 16.51 36.86
CA LYS F 2 -16.57 15.46 37.84
C LYS F 2 -15.77 16.09 38.99
N LYS F 3 -16.10 15.75 40.23
CA LYS F 3 -15.38 16.32 41.37
C LYS F 3 -13.94 15.86 41.49
N LEU F 4 -13.02 16.82 41.66
CA LEU F 4 -11.60 16.52 41.81
C LEU F 4 -11.26 16.43 43.30
N LEU F 5 -11.04 15.21 43.79
CA LEU F 5 -10.72 15.00 45.19
C LEU F 5 -9.21 15.12 45.44
N VAL F 6 -8.87 15.46 46.67
CA VAL F 6 -7.48 15.61 47.06
C VAL F 6 -6.68 14.32 46.84
N LYS F 7 -7.28 13.16 47.16
CA LYS F 7 -6.58 11.90 46.97
C LYS F 7 -6.23 11.67 45.52
N GLU F 8 -7.10 12.14 44.62
CA GLU F 8 -6.86 11.99 43.19
C GLU F 8 -5.54 12.68 42.83
N LEU F 9 -5.30 13.86 43.41
CA LEU F 9 -4.07 14.61 43.15
C LEU F 9 -2.89 13.81 43.66
N ILE F 10 -3.04 13.27 44.87
CA ILE F 10 -1.99 12.48 45.49
C ILE F 10 -1.60 11.35 44.55
N GLU F 11 -2.54 10.44 44.32
CA GLU F 11 -2.33 9.27 43.48
C GLU F 11 -1.70 9.58 42.12
N GLN F 12 -2.09 10.71 41.57
CA GLN F 12 -1.62 11.13 40.26
C GLN F 12 -0.23 11.75 40.26
N PHE F 13 0.33 12.01 41.43
CA PHE F 13 1.67 12.63 41.52
C PHE F 13 2.46 12.06 42.69
N GLN F 14 2.23 10.78 42.96
CA GLN F 14 2.92 10.08 44.04
C GLN F 14 4.44 10.13 43.88
N ASP F 15 4.90 10.65 42.76
CA ASP F 15 6.32 10.73 42.49
C ASP F 15 6.96 12.00 43.03
N CYS F 16 6.16 13.05 43.21
CA CYS F 16 6.73 14.32 43.68
C CYS F 16 5.93 14.94 44.82
N VAL F 17 4.90 14.25 45.28
CA VAL F 17 4.09 14.75 46.37
C VAL F 17 3.96 13.70 47.44
N ASN F 18 4.22 14.10 48.68
CA ASN F 18 4.13 13.17 49.78
C ASN F 18 3.16 13.70 50.83
N LEU F 19 2.22 12.86 51.26
CA LEU F 19 1.24 13.25 52.26
C LEU F 19 1.87 13.09 53.64
N ILE F 20 2.07 14.21 54.34
CA ILE F 20 2.67 14.18 55.67
C ILE F 20 1.74 14.56 56.81
N ASP F 21 0.48 14.88 56.49
CA ASP F 21 -0.46 15.26 57.55
C ASP F 21 -1.89 15.40 57.02
N GLY F 22 -2.85 15.32 57.93
CA GLY F 22 -4.24 15.43 57.54
C GLY F 22 -4.69 14.24 56.74
N HIS F 23 -4.01 13.11 56.94
CA HIS F 23 -4.29 11.86 56.23
C HIS F 23 -5.79 11.50 56.10
N THR F 24 -6.57 11.86 57.11
CA THR F 24 -8.00 11.55 57.14
C THR F 24 -8.91 12.41 56.27
N ASN F 25 -8.44 13.56 55.81
CA ASN F 25 -9.28 14.43 54.99
C ASN F 25 -8.86 14.46 53.53
N THR F 26 -8.10 13.45 53.14
CA THR F 26 -7.62 13.32 51.77
C THR F 26 -8.80 13.22 50.81
N SER F 27 -10.01 13.18 51.36
CA SER F 27 -11.21 13.06 50.54
C SER F 27 -11.80 14.44 50.24
N ASN F 28 -11.16 15.50 50.74
CA ASN F 28 -11.65 16.86 50.50
C ASN F 28 -11.80 17.15 49.02
N VAL F 29 -12.79 17.97 48.68
CA VAL F 29 -13.00 18.33 47.29
C VAL F 29 -12.29 19.62 46.94
N ILE F 30 -11.59 19.60 45.81
CA ILE F 30 -10.90 20.77 45.28
C ILE F 30 -11.97 21.39 44.38
N ARG F 31 -12.51 22.53 44.81
CA ARG F 31 -13.60 23.19 44.08
C ARG F 31 -13.21 24.37 43.20
N VAL F 32 -11.95 24.79 43.28
CA VAL F 32 -11.44 25.92 42.52
C VAL F 32 -10.05 25.57 41.96
N PRO F 33 -9.74 26.03 40.73
CA PRO F 33 -8.45 25.74 40.13
C PRO F 33 -7.30 26.62 40.58
N GLY F 34 -6.09 26.24 40.18
CA GLY F 34 -4.89 26.98 40.51
C GLY F 34 -4.27 26.59 41.84
N LEU F 35 -3.07 27.06 42.08
CA LEU F 35 -2.40 26.83 43.35
C LEU F 35 -2.51 28.20 43.99
N LYS F 36 -3.48 28.33 44.90
CA LYS F 36 -3.78 29.59 45.56
C LYS F 36 -2.72 30.19 46.45
N ARG F 37 -2.38 31.43 46.15
CA ARG F 37 -1.42 32.20 46.94
C ARG F 37 -2.32 32.83 48.01
N VAL F 38 -1.96 32.70 49.27
CA VAL F 38 -2.81 33.23 50.34
C VAL F 38 -2.19 34.23 51.32
N VAL F 39 -1.40 35.17 50.81
CA VAL F 39 -0.76 36.17 51.65
C VAL F 39 -1.82 37.05 52.34
N PHE F 40 -2.89 37.39 51.63
CA PHE F 40 -3.95 38.20 52.21
C PHE F 40 -4.51 37.48 53.42
N GLU F 41 -4.84 36.20 53.26
CA GLU F 41 -5.39 35.39 54.34
C GLU F 41 -4.40 35.32 55.52
N MET F 42 -3.13 35.13 55.21
CA MET F 42 -2.10 35.07 56.25
C MET F 42 -1.97 36.36 57.05
N LEU F 43 -2.14 37.49 56.37
CA LEU F 43 -2.04 38.79 57.02
C LEU F 43 -3.37 39.23 57.66
N GLY F 44 -4.34 38.33 57.64
CA GLY F 44 -5.63 38.62 58.24
C GLY F 44 -6.46 39.70 57.56
N LEU F 45 -6.25 39.93 56.26
CA LEU F 45 -6.99 40.95 55.51
C LEU F 45 -8.23 40.38 54.84
N PHE F 46 -8.15 39.13 54.41
CA PHE F 46 -9.27 38.46 53.78
C PHE F 46 -9.59 37.26 54.63
N SER F 47 -10.84 36.81 54.61
CA SER F 47 -11.22 35.66 55.41
C SER F 47 -12.36 34.83 54.81
N SER F 48 -12.35 34.67 53.49
CA SER F 48 -13.39 33.87 52.84
C SER F 48 -12.89 32.42 52.77
N GLN F 49 -13.82 31.48 52.76
CA GLN F 49 -13.49 30.07 52.68
C GLN F 49 -12.66 29.82 51.44
N ILE F 50 -11.63 29.00 51.58
CA ILE F 50 -10.75 28.69 50.47
C ILE F 50 -11.18 27.38 49.83
N GLY F 51 -11.36 27.40 48.51
CA GLY F 51 -11.79 26.21 47.82
C GLY F 51 -10.78 25.57 46.90
N SER F 52 -9.60 26.17 46.82
CA SER F 52 -8.56 25.64 45.97
C SER F 52 -7.40 25.19 46.82
N VAL F 53 -6.47 24.44 46.23
CA VAL F 53 -5.31 23.98 46.95
C VAL F 53 -4.39 25.18 47.22
N ALA F 54 -4.02 25.38 48.48
CA ALA F 54 -3.16 26.49 48.88
C ALA F 54 -1.67 26.11 48.78
N ILE F 55 -0.81 27.10 48.52
CA ILE F 55 0.62 26.83 48.38
C ILE F 55 1.53 27.74 49.24
N LEU F 56 2.52 27.13 49.89
CA LEU F 56 3.48 27.87 50.71
C LEU F 56 4.85 27.49 50.19
N GLY F 57 5.55 28.49 49.67
CA GLY F 57 6.87 28.26 49.11
C GLY F 57 7.92 29.13 49.75
N LYS F 58 8.94 29.49 48.97
CA LYS F 58 10.04 30.32 49.45
C LYS F 58 9.55 31.61 50.13
N ARG F 59 8.81 32.42 49.39
CA ARG F 59 8.30 33.68 49.92
C ARG F 59 7.58 33.53 51.26
N GLU F 60 6.56 32.67 51.30
CA GLU F 60 5.80 32.46 52.53
C GLU F 60 6.71 32.01 53.67
N PHE F 61 7.62 31.09 53.38
CA PHE F 61 8.54 30.59 54.41
C PHE F 61 9.49 31.67 54.92
N GLY F 62 9.96 32.53 54.02
CA GLY F 62 10.87 33.59 54.41
C GLY F 62 10.18 34.58 55.31
N PHE F 63 8.92 34.88 54.99
CA PHE F 63 8.14 35.82 55.78
C PHE F 63 7.91 35.23 57.17
N LEU F 64 7.50 33.97 57.23
CA LEU F 64 7.25 33.31 58.50
C LEU F 64 8.49 33.16 59.38
N SER F 65 9.64 32.91 58.75
CA SER F 65 10.89 32.72 59.47
C SER F 65 11.39 33.93 60.27
N GLN F 66 10.96 35.13 59.91
CA GLN F 66 11.39 36.34 60.63
C GLN F 66 10.44 36.70 61.76
N LYS F 67 9.41 35.87 61.94
CA LYS F 67 8.45 36.10 63.01
C LYS F 67 8.76 35.09 64.12
N THR F 68 8.18 35.33 65.29
CA THR F 68 8.35 34.47 66.44
C THR F 68 7.47 33.24 66.27
N LEU F 69 7.79 32.17 66.98
CA LEU F 69 7.00 30.96 66.88
C LEU F 69 5.54 31.26 67.20
N VAL F 70 5.32 32.14 68.17
CA VAL F 70 3.95 32.50 68.53
C VAL F 70 3.26 33.20 67.36
N GLU F 71 3.92 34.21 66.79
CA GLU F 71 3.36 34.93 65.66
C GLU F 71 3.03 33.97 64.52
N GLN F 72 4.01 33.14 64.15
CA GLN F 72 3.80 32.17 63.08
C GLN F 72 2.52 31.40 63.34
N GLN F 73 2.33 30.96 64.58
CA GLN F 73 1.13 30.23 64.92
C GLN F 73 -0.14 31.00 64.64
N GLN F 74 -0.14 32.30 64.91
CA GLN F 74 -1.32 33.14 64.67
C GLN F 74 -1.59 33.23 63.18
N ILE F 75 -0.51 33.46 62.44
CA ILE F 75 -0.53 33.57 60.99
C ILE F 75 -1.09 32.30 60.33
N LEU F 76 -0.53 31.15 60.67
CA LEU F 76 -0.96 29.88 60.09
C LEU F 76 -2.36 29.50 60.52
N HIS F 77 -2.80 30.04 61.65
CA HIS F 77 -4.15 29.76 62.13
C HIS F 77 -5.16 30.49 61.25
N ASN F 78 -4.78 31.66 60.76
CA ASN F 78 -5.68 32.42 59.90
C ASN F 78 -5.93 31.64 58.61
N LEU F 79 -4.92 30.91 58.16
CA LEU F 79 -5.01 30.12 56.95
C LEU F 79 -5.84 28.86 57.13
N LEU F 80 -5.44 28.01 58.06
CA LEU F 80 -6.12 26.73 58.31
C LEU F 80 -7.59 26.81 58.69
N LYS F 81 -7.97 27.86 59.42
CA LYS F 81 -9.36 28.00 59.83
C LYS F 81 -10.26 28.33 58.64
N LEU F 82 -9.69 28.45 57.45
CA LEU F 82 -10.51 28.75 56.27
C LEU F 82 -10.84 27.50 55.47
N ASN F 83 -10.47 26.35 56.03
CA ASN F 83 -10.75 25.05 55.43
C ASN F 83 -10.33 24.81 53.99
N PRO F 84 -9.04 25.06 53.67
CA PRO F 84 -8.58 24.84 52.30
C PRO F 84 -8.66 23.34 52.02
N PRO F 85 -8.88 22.95 50.75
CA PRO F 85 -8.98 21.53 50.39
C PRO F 85 -7.71 20.82 50.87
N ALA F 86 -6.58 21.49 50.66
CA ALA F 86 -5.28 20.97 51.05
C ALA F 86 -4.26 22.10 50.95
N ILE F 87 -3.03 21.83 51.37
CA ILE F 87 -1.95 22.81 51.33
C ILE F 87 -0.68 22.10 50.87
N ILE F 88 0.01 22.68 49.90
CA ILE F 88 1.21 22.08 49.39
C ILE F 88 2.44 22.94 49.69
N LEU F 89 3.49 22.31 50.22
CA LEU F 89 4.72 23.00 50.59
C LEU F 89 5.84 22.67 49.62
N THR F 90 6.44 23.70 49.04
CA THR F 90 7.53 23.48 48.10
C THR F 90 8.79 23.05 48.85
N LYS F 91 9.85 22.70 48.12
CA LYS F 91 11.09 22.27 48.75
C LYS F 91 11.69 23.43 49.52
N SER F 92 11.25 24.64 49.21
CA SER F 92 11.75 25.82 49.89
C SER F 92 11.17 25.91 51.30
N PHE F 93 10.00 25.31 51.50
CA PHE F 93 9.39 25.31 52.83
C PHE F 93 10.08 24.21 53.62
N THR F 94 11.30 24.51 54.08
CA THR F 94 12.12 23.55 54.80
C THR F 94 11.61 23.02 56.13
N ASP F 95 11.11 23.88 57.02
CA ASP F 95 10.63 23.40 58.33
C ASP F 95 9.12 23.54 58.50
N PRO F 96 8.37 22.44 58.34
CA PRO F 96 6.91 22.47 58.49
C PRO F 96 6.44 22.21 59.93
N THR F 97 7.38 22.14 60.85
CA THR F 97 7.07 21.87 62.26
C THR F 97 5.92 22.68 62.83
N VAL F 98 6.02 24.01 62.72
CA VAL F 98 5.00 24.90 63.24
C VAL F 98 3.66 24.71 62.56
N LEU F 99 3.72 24.36 61.28
CA LEU F 99 2.49 24.14 60.51
C LEU F 99 1.74 22.92 61.05
N LEU F 100 2.47 21.81 61.17
CA LEU F 100 1.85 20.59 61.68
C LEU F 100 1.30 20.83 63.08
N GLN F 101 2.01 21.66 63.86
CA GLN F 101 1.59 22.01 65.21
C GLN F 101 0.20 22.63 65.13
N VAL F 102 0.10 23.76 64.44
CA VAL F 102 -1.17 24.44 64.28
C VAL F 102 -2.20 23.53 63.62
N ASN F 103 -1.74 22.62 62.76
CA ASN F 103 -2.65 21.73 62.04
C ASN F 103 -3.17 20.52 62.82
N GLN F 104 -2.58 20.27 63.98
CA GLN F 104 -3.03 19.14 64.79
C GLN F 104 -4.56 19.13 64.92
N THR F 105 -5.14 20.30 65.15
CA THR F 105 -6.58 20.42 65.29
C THR F 105 -7.32 20.32 63.96
N TYR F 106 -6.98 21.21 63.03
CA TYR F 106 -7.66 21.24 61.73
C TYR F 106 -7.47 19.94 60.91
N GLN F 107 -6.23 19.45 60.86
CA GLN F 107 -5.93 18.25 60.09
C GLN F 107 -6.21 18.44 58.60
N VAL F 108 -5.79 19.58 58.08
CA VAL F 108 -5.96 19.85 56.67
C VAL F 108 -4.85 19.05 55.96
N PRO F 109 -5.20 18.32 54.90
CA PRO F 109 -4.21 17.53 54.15
C PRO F 109 -3.01 18.40 53.76
N ILE F 110 -1.83 18.03 54.24
CA ILE F 110 -0.62 18.79 53.93
C ILE F 110 0.23 17.93 53.00
N LEU F 111 0.61 18.50 51.85
CA LEU F 111 1.41 17.78 50.88
C LEU F 111 2.80 18.39 50.72
N LYS F 112 3.82 17.60 50.95
CA LYS F 112 5.20 18.06 50.84
C LYS F 112 5.76 17.68 49.46
N THR F 113 6.66 18.50 48.91
CA THR F 113 7.28 18.25 47.60
C THR F 113 8.70 18.80 47.55
N ASP F 114 9.51 18.28 46.63
CA ASP F 114 10.88 18.74 46.47
C ASP F 114 10.99 19.60 45.22
N PHE F 115 9.85 20.10 44.76
CA PHE F 115 9.77 20.97 43.59
C PHE F 115 9.68 22.41 44.05
N PHE F 116 10.14 23.32 43.22
CA PHE F 116 10.07 24.75 43.54
C PHE F 116 8.73 25.21 43.01
N SER F 117 8.35 26.44 43.37
CA SER F 117 7.07 26.99 42.91
C SER F 117 7.02 26.88 41.39
N THR F 118 8.12 27.27 40.74
CA THR F 118 8.20 27.24 39.29
C THR F 118 7.95 25.84 38.72
N GLU F 119 8.53 24.81 39.33
CA GLU F 119 8.35 23.46 38.80
C GLU F 119 6.92 22.96 39.00
N LEU F 120 6.28 23.41 40.06
CA LEU F 120 4.91 22.97 40.29
C LEU F 120 3.95 23.68 39.31
N SER F 121 4.39 24.81 38.76
CA SER F 121 3.55 25.57 37.84
C SER F 121 3.14 24.81 36.58
N PHE F 122 4.05 24.04 35.99
CA PHE F 122 3.71 23.30 34.78
C PHE F 122 3.46 21.81 35.03
N THR F 123 3.32 21.41 36.29
CA THR F 123 3.04 20.01 36.62
C THR F 123 1.75 19.86 37.42
N VAL F 124 1.86 19.87 38.74
CA VAL F 124 0.72 19.75 39.62
C VAL F 124 -0.35 20.79 39.31
N GLU F 125 0.09 22.02 39.09
CA GLU F 125 -0.84 23.11 38.83
C GLU F 125 -1.61 22.93 37.50
N THR F 126 -0.86 22.81 36.42
CA THR F 126 -1.42 22.61 35.08
C THR F 126 -2.44 21.47 35.08
N TYR F 127 -2.15 20.42 35.85
CA TYR F 127 -3.06 19.30 35.93
C TYR F 127 -4.39 19.74 36.53
N ILE F 128 -4.32 20.42 37.66
CA ILE F 128 -5.54 20.89 38.35
C ILE F 128 -6.35 21.82 37.45
N ASN F 129 -5.67 22.75 36.79
CA ASN F 129 -6.37 23.70 35.93
C ASN F 129 -7.16 23.07 34.78
N GLU F 130 -6.60 22.05 34.15
CA GLU F 130 -7.30 21.44 33.03
C GLU F 130 -8.56 20.69 33.45
N GLN F 131 -8.64 20.24 34.69
CA GLN F 131 -9.85 19.54 35.13
C GLN F 131 -11.05 20.50 35.10
N PHE F 132 -10.80 21.81 35.21
CA PHE F 132 -11.87 22.79 35.22
C PHE F 132 -12.09 23.46 33.88
N ALA F 133 -11.26 23.14 32.90
CA ALA F 133 -11.38 23.74 31.57
C ALA F 133 -12.78 23.61 31.01
N THR F 134 -13.29 24.70 30.46
CA THR F 134 -14.60 24.73 29.86
C THR F 134 -14.65 23.79 28.66
N VAL F 135 -15.68 22.96 28.59
CA VAL F 135 -15.86 22.05 27.47
C VAL F 135 -17.25 22.26 26.85
N ALA F 136 -17.30 22.31 25.52
CA ALA F 136 -18.53 22.54 24.77
C ALA F 136 -18.83 21.38 23.82
N GLN F 137 -20.11 21.09 23.61
CA GLN F 137 -20.49 20.02 22.69
C GLN F 137 -20.76 20.62 21.32
N ILE F 138 -20.31 19.95 20.26
CA ILE F 138 -20.55 20.43 18.91
C ILE F 138 -20.76 19.23 17.98
N HIS F 139 -21.11 19.49 16.72
CA HIS F 139 -21.34 18.44 15.74
C HIS F 139 -20.19 18.40 14.75
N GLY F 140 -20.09 17.28 14.04
CA GLY F 140 -19.02 17.11 13.07
C GLY F 140 -18.28 15.82 13.32
N VAL F 141 -17.21 15.60 12.55
CA VAL F 141 -16.42 14.38 12.68
C VAL F 141 -14.95 14.71 12.93
N LEU F 142 -14.37 14.13 13.98
CA LEU F 142 -12.98 14.36 14.33
C LEU F 142 -12.05 13.22 14.00
N LEU F 143 -10.94 13.56 13.38
CA LEU F 143 -9.91 12.57 13.06
C LEU F 143 -8.57 13.27 13.20
N GLU F 144 -7.53 12.48 13.34
CA GLU F 144 -6.21 13.06 13.37
C GLU F 144 -5.63 12.52 12.08
N VAL F 145 -5.17 13.42 11.23
CA VAL F 145 -4.63 13.02 9.94
C VAL F 145 -3.22 13.59 9.86
N PHE F 146 -2.26 12.72 9.56
CA PHE F 146 -0.87 13.13 9.47
C PHE F 146 -0.46 13.85 10.78
N GLY F 147 -0.95 13.34 11.91
CA GLY F 147 -0.65 13.92 13.21
C GLY F 147 -1.27 15.29 13.41
N VAL F 148 -2.23 15.64 12.56
CA VAL F 148 -2.91 16.94 12.66
C VAL F 148 -4.41 16.74 12.89
N GLY F 149 -4.90 17.25 14.01
CA GLY F 149 -6.31 17.14 14.36
C GLY F 149 -7.18 17.91 13.38
N VAL F 150 -8.10 17.17 12.74
CA VAL F 150 -9.02 17.73 11.76
C VAL F 150 -10.50 17.56 12.15
N LEU F 151 -11.26 18.65 12.01
CA LEU F 151 -12.69 18.65 12.31
C LEU F 151 -13.45 18.77 10.99
N LEU F 152 -14.17 17.69 10.64
CA LEU F 152 -14.93 17.61 9.41
C LEU F 152 -16.32 18.18 9.57
N THR F 153 -16.62 19.23 8.81
CA THR F 153 -17.95 19.84 8.86
C THR F 153 -18.63 19.77 7.52
N GLY F 154 -19.89 20.18 7.49
CA GLY F 154 -20.65 20.17 6.25
C GLY F 154 -22.14 20.02 6.53
N ARG F 155 -22.90 19.75 5.48
CA ARG F 155 -24.34 19.59 5.63
C ARG F 155 -24.83 18.19 5.27
N SER F 156 -24.06 17.47 4.45
CA SER F 156 -24.43 16.11 4.03
C SER F 156 -24.74 15.23 5.24
N GLY F 157 -24.04 15.47 6.34
CA GLY F 157 -24.26 14.68 7.54
C GLY F 157 -23.61 13.32 7.46
N ILE F 158 -24.37 12.34 6.97
CA ILE F 158 -23.84 10.98 6.85
C ILE F 158 -22.69 11.00 5.83
N GLY F 159 -22.69 12.02 4.96
CA GLY F 159 -21.64 12.14 3.98
C GLY F 159 -20.29 12.30 4.66
N LYS F 160 -20.28 13.09 5.72
CA LYS F 160 -19.06 13.31 6.49
C LYS F 160 -18.61 11.99 7.10
N SER F 161 -19.54 11.26 7.70
CA SER F 161 -19.21 9.98 8.31
C SER F 161 -18.56 9.00 7.33
N GLU F 162 -19.11 8.93 6.13
CA GLU F 162 -18.58 8.05 5.09
C GLU F 162 -17.19 8.50 4.68
N CYS F 163 -16.95 9.78 4.80
CA CYS F 163 -15.65 10.33 4.45
C CYS F 163 -14.63 9.98 5.54
N ALA F 164 -15.09 9.89 6.79
CA ALA F 164 -14.19 9.53 7.87
C ALA F 164 -13.85 8.05 7.71
N LEU F 165 -14.77 7.29 7.14
CA LEU F 165 -14.52 5.89 6.92
C LEU F 165 -13.41 5.78 5.88
N ASP F 166 -13.46 6.62 4.85
CA ASP F 166 -12.41 6.60 3.81
C ASP F 166 -11.01 6.83 4.39
N LEU F 167 -10.90 7.85 5.25
CA LEU F 167 -9.63 8.19 5.89
C LEU F 167 -9.16 7.09 6.82
N ILE F 168 -10.11 6.41 7.45
CA ILE F 168 -9.79 5.31 8.35
C ILE F 168 -9.13 4.21 7.54
N ASN F 169 -9.66 3.91 6.36
CA ASN F 169 -9.05 2.88 5.52
C ASN F 169 -7.69 3.33 5.03
N LYS F 170 -7.38 4.60 5.23
CA LYS F 170 -6.08 5.13 4.86
C LYS F 170 -5.21 5.22 6.12
N ASN F 171 -5.63 4.51 7.16
CA ASN F 171 -4.93 4.41 8.44
C ASN F 171 -4.84 5.66 9.30
N HIS F 172 -5.75 6.61 9.09
CA HIS F 172 -5.76 7.82 9.89
C HIS F 172 -6.52 7.56 11.19
N LEU F 173 -6.31 8.39 12.19
CA LEU F 173 -6.97 8.18 13.47
C LEU F 173 -8.35 8.81 13.59
N PHE F 174 -9.32 7.99 14.01
CA PHE F 174 -10.69 8.41 14.22
C PHE F 174 -10.89 8.72 15.70
N VAL F 175 -11.48 9.87 16.00
CA VAL F 175 -11.72 10.27 17.38
C VAL F 175 -13.19 10.14 17.69
N GLY F 176 -14.05 10.72 16.85
CA GLY F 176 -15.49 10.65 17.09
C GLY F 176 -16.39 11.24 16.01
N ASP F 177 -17.62 10.75 15.97
CA ASP F 177 -18.61 11.20 14.99
C ASP F 177 -19.87 11.81 15.60
N ASP F 178 -20.24 12.98 15.08
CA ASP F 178 -21.47 13.67 15.49
C ASP F 178 -21.53 14.24 16.89
N ALA F 179 -21.56 13.37 17.89
CA ALA F 179 -21.64 13.83 19.26
C ALA F 179 -20.24 13.95 19.86
N ILE F 180 -19.59 15.06 19.55
CA ILE F 180 -18.25 15.30 20.04
C ILE F 180 -18.23 16.52 20.95
N GLU F 181 -17.10 16.73 21.62
CA GLU F 181 -16.96 17.87 22.50
C GLU F 181 -15.53 18.38 22.47
N ILE F 182 -15.40 19.69 22.64
CA ILE F 182 -14.11 20.34 22.62
C ILE F 182 -13.82 21.12 23.90
N TYR F 183 -12.57 21.52 24.05
CA TYR F 183 -12.14 22.26 25.20
C TYR F 183 -10.80 22.90 24.90
N ARG F 184 -10.62 24.12 25.41
CA ARG F 184 -9.39 24.86 25.20
C ARG F 184 -8.42 24.74 26.37
N LEU F 185 -7.18 24.35 26.05
CA LEU F 185 -6.12 24.24 27.05
C LEU F 185 -5.00 25.11 26.52
N GLY F 186 -4.68 26.17 27.28
CA GLY F 186 -3.63 27.06 26.80
C GLY F 186 -4.16 27.65 25.52
N ASN F 187 -3.28 27.73 24.52
CA ASN F 187 -3.63 28.29 23.21
C ASN F 187 -4.00 27.19 22.20
N ARG F 188 -4.30 25.99 22.73
CA ARG F 188 -4.67 24.87 21.89
C ARG F 188 -6.11 24.45 22.11
N LEU F 189 -6.74 23.92 21.08
CA LEU F 189 -8.10 23.44 21.20
C LEU F 189 -8.04 21.90 21.07
N PHE F 190 -8.80 21.20 21.92
CA PHE F 190 -8.83 19.73 21.90
C PHE F 190 -10.25 19.20 21.75
N GLY F 191 -10.38 18.07 21.07
CA GLY F 191 -11.68 17.45 20.85
C GLY F 191 -11.58 15.96 21.16
N ARG F 192 -12.69 15.38 21.56
CA ARG F 192 -12.79 13.96 21.87
C ARG F 192 -14.27 13.63 21.74
N ALA F 193 -14.59 12.34 21.69
CA ALA F 193 -15.97 11.90 21.57
C ALA F 193 -16.70 11.94 22.91
N GLN F 194 -17.99 12.20 22.85
CA GLN F 194 -18.81 12.20 24.05
C GLN F 194 -19.00 10.72 24.35
N GLU F 195 -19.36 10.38 25.59
CA GLU F 195 -19.55 8.97 25.98
C GLU F 195 -20.57 8.21 25.15
N VAL F 196 -21.62 8.91 24.73
CA VAL F 196 -22.67 8.32 23.92
C VAL F 196 -22.16 7.92 22.54
N ALA F 197 -21.22 8.70 22.01
CA ALA F 197 -20.66 8.45 20.69
C ALA F 197 -19.55 7.42 20.72
N LYS F 198 -18.55 7.66 21.55
CA LYS F 198 -17.44 6.73 21.65
C LYS F 198 -16.79 6.51 20.27
N LYS F 199 -16.89 5.30 19.74
CA LYS F 199 -16.31 5.02 18.44
C LYS F 199 -17.33 4.42 17.48
N PHE F 200 -18.60 4.71 17.72
CA PHE F 200 -19.66 4.22 16.86
C PHE F 200 -19.83 5.21 15.74
N MET F 201 -20.32 4.75 14.60
CA MET F 201 -20.51 5.64 13.47
C MET F 201 -21.56 5.08 12.52
N GLU F 202 -22.44 5.94 12.02
CA GLU F 202 -23.49 5.49 11.10
C GLU F 202 -23.06 5.57 9.63
N ILE F 203 -23.22 4.46 8.93
CA ILE F 203 -22.88 4.39 7.51
C ILE F 203 -24.11 3.91 6.75
N ARG F 204 -24.55 4.69 5.77
CA ARG F 204 -25.72 4.32 4.98
C ARG F 204 -25.62 2.90 4.46
N GLY F 205 -26.65 2.09 4.71
CA GLY F 205 -26.64 0.72 4.22
C GLY F 205 -26.07 -0.27 5.21
N LEU F 206 -25.41 0.25 6.24
CA LEU F 206 -24.81 -0.60 7.25
C LEU F 206 -25.37 -0.26 8.63
N GLY F 207 -25.80 0.98 8.79
CA GLY F 207 -26.33 1.40 10.08
C GLY F 207 -25.20 1.82 11.01
N ILE F 208 -25.38 1.54 12.31
CA ILE F 208 -24.38 1.87 13.29
C ILE F 208 -23.32 0.80 13.39
N ILE F 209 -22.07 1.17 13.11
CA ILE F 209 -20.97 0.22 13.20
C ILE F 209 -19.99 0.71 14.24
N ASN F 210 -19.24 -0.22 14.80
CA ASN F 210 -18.24 0.11 15.81
C ASN F 210 -16.89 0.10 15.08
N VAL F 211 -16.42 1.29 14.74
CA VAL F 211 -15.15 1.46 14.04
C VAL F 211 -14.02 0.65 14.67
N GLU F 212 -13.94 0.64 15.99
CA GLU F 212 -12.90 -0.11 16.67
C GLU F 212 -12.97 -1.62 16.49
N ARG F 213 -14.18 -2.18 16.58
CA ARG F 213 -14.33 -3.62 16.41
C ARG F 213 -14.09 -4.02 14.97
N PHE F 214 -14.34 -3.09 14.06
CA PHE F 214 -14.14 -3.39 12.65
C PHE F 214 -12.68 -3.34 12.24
N TYR F 215 -12.01 -2.23 12.54
CA TYR F 215 -10.64 -2.10 12.11
C TYR F 215 -9.56 -2.05 13.16
N GLY F 216 -9.92 -2.36 14.41
CA GLY F 216 -8.94 -2.37 15.50
C GLY F 216 -8.62 -1.03 16.14
N LEU F 217 -8.08 -1.12 17.36
CA LEU F 217 -7.70 0.04 18.13
C LEU F 217 -6.59 0.85 17.48
N GLN F 218 -5.97 0.31 16.42
CA GLN F 218 -4.91 1.06 15.75
C GLN F 218 -5.43 2.24 14.92
N ILE F 219 -6.75 2.33 14.71
CA ILE F 219 -7.27 3.46 13.95
C ILE F 219 -8.15 4.44 14.74
N THR F 220 -8.07 4.40 16.07
CA THR F 220 -8.82 5.31 16.92
C THR F 220 -7.88 6.02 17.86
N LYS F 221 -8.37 7.11 18.45
CA LYS F 221 -7.58 7.89 19.39
C LYS F 221 -8.57 8.56 20.37
N GLN F 222 -8.16 8.68 21.62
CA GLN F 222 -9.01 9.28 22.65
C GLN F 222 -9.30 10.75 22.41
N ARG F 223 -8.28 11.52 22.01
CA ARG F 223 -8.43 12.94 21.76
C ARG F 223 -7.43 13.40 20.73
N THR F 224 -7.56 14.66 20.32
CA THR F 224 -6.66 15.24 19.33
C THR F 224 -6.66 16.77 19.44
N GLU F 225 -5.58 17.42 19.05
CA GLU F 225 -5.56 18.88 19.09
C GLU F 225 -6.10 19.31 17.74
N ILE F 226 -7.27 19.95 17.76
CA ILE F 226 -7.90 20.42 16.54
C ILE F 226 -7.10 21.64 16.06
N GLN F 227 -6.68 21.62 14.80
CA GLN F 227 -5.89 22.72 14.24
C GLN F 227 -6.37 23.03 12.84
N LEU F 228 -7.29 22.22 12.36
CA LEU F 228 -7.80 22.36 11.01
C LEU F 228 -9.29 22.10 10.91
N MET F 229 -9.98 22.89 10.10
CA MET F 229 -11.40 22.70 9.91
C MET F 229 -11.68 22.55 8.41
N VAL F 230 -12.25 21.41 8.02
CA VAL F 230 -12.56 21.13 6.62
C VAL F 230 -14.06 21.08 6.40
N ASN F 231 -14.55 21.94 5.51
CA ASN F 231 -15.97 22.00 5.20
C ASN F 231 -16.27 21.33 3.86
N LEU F 232 -17.00 20.21 3.91
CA LEU F 232 -17.37 19.48 2.70
C LEU F 232 -18.60 20.10 2.07
N LEU F 233 -18.45 20.54 0.82
CA LEU F 233 -19.54 21.16 0.07
C LEU F 233 -20.19 20.21 -0.92
N SER F 234 -21.37 20.14 -0.99
CA SER F 234 -22.29 19.13 -1.60
C SER F 234 -22.29 19.37 -3.08
N LEU F 235 -23.09 18.72 -3.89
CA LEU F 235 -23.14 19.05 -5.29
C LEU F 235 -23.62 20.39 -5.72
N GLU F 236 -24.53 21.03 -5.07
CA GLU F 236 -25.00 22.42 -5.05
C GLU F 236 -24.00 23.34 -4.45
N LYS F 237 -22.79 22.87 -4.23
CA LYS F 237 -21.53 23.67 -4.66
C LYS F 237 -20.65 22.50 -5.18
N THR F 239 -23.42 25.75 -6.73
CA THR F 239 -22.79 26.54 -7.82
C THR F 239 -22.86 28.03 -7.52
N THR F 240 -22.60 28.31 -6.24
CA THR F 240 -22.63 29.67 -5.70
C THR F 240 -21.18 30.00 -5.35
N VAL F 241 -20.40 28.94 -5.22
CA VAL F 241 -18.99 29.03 -4.85
C VAL F 241 -18.05 29.03 -6.06
N THR F 242 -17.06 29.91 -5.98
CA THR F 242 -16.02 30.02 -6.99
C THR F 242 -14.83 29.56 -6.17
N PHE F 243 -13.87 28.89 -6.79
CA PHE F 243 -12.73 28.42 -6.02
C PHE F 243 -11.44 29.18 -6.22
N GLU F 244 -10.76 29.41 -5.11
CA GLU F 244 -9.50 30.14 -5.08
C GLU F 244 -8.45 29.58 -6.04
N ARG F 245 -7.97 30.46 -6.91
CA ARG F 245 -6.94 30.14 -7.90
C ARG F 245 -5.59 30.18 -7.20
N LEU F 246 -5.34 31.27 -6.48
CA LEU F 246 -4.10 31.43 -5.75
C LEU F 246 -4.37 31.55 -4.26
N GLY F 247 -4.20 30.44 -3.54
CA GLY F 247 -4.42 30.44 -2.11
C GLY F 247 -3.22 31.02 -1.38
N THR F 248 -2.90 32.28 -1.69
CA THR F 248 -1.76 32.98 -1.09
C THR F 248 -1.97 33.22 0.40
N GLU F 249 -3.18 33.59 0.78
CA GLU F 249 -3.51 33.85 2.18
C GLU F 249 -3.93 32.57 2.90
N LEU F 250 -4.56 32.73 4.06
CA LEU F 250 -5.02 31.58 4.84
C LEU F 250 -6.26 31.92 5.66
N LYS F 251 -7.41 31.42 5.20
CA LYS F 251 -8.68 31.67 5.86
C LYS F 251 -8.71 31.00 7.23
N LYS F 252 -9.40 31.63 8.18
CA LYS F 252 -9.51 31.12 9.56
C LYS F 252 -10.94 31.19 10.11
N GLN F 253 -11.16 30.46 11.20
CA GLN F 253 -12.45 30.42 11.86
C GLN F 253 -12.14 30.14 13.34
N ARG F 254 -12.74 30.95 14.21
CA ARG F 254 -12.51 30.84 15.64
C ARG F 254 -13.53 29.93 16.32
N LEU F 255 -13.03 28.93 17.04
CA LEU F 255 -13.90 28.00 17.74
C LEU F 255 -13.52 27.98 19.22
N LEU F 256 -14.46 28.34 20.08
CA LEU F 256 -14.23 28.36 21.52
C LEU F 256 -12.97 29.15 21.88
N GLY F 257 -12.75 30.26 21.18
CA GLY F 257 -11.60 31.11 21.45
C GLY F 257 -10.36 30.86 20.61
N VAL F 258 -10.20 29.65 20.09
CA VAL F 258 -9.03 29.32 19.28
C VAL F 258 -9.27 29.42 17.78
N ASP F 259 -8.36 30.10 17.08
CA ASP F 259 -8.46 30.25 15.64
C ASP F 259 -8.01 28.97 14.95
N LEU F 260 -8.83 28.48 14.02
CA LEU F 260 -8.57 27.26 13.27
C LEU F 260 -8.50 27.53 11.77
N SER F 261 -7.49 27.00 11.08
CA SER F 261 -7.38 27.21 9.64
C SER F 261 -8.60 26.58 8.96
N PHE F 262 -9.17 27.32 8.00
CA PHE F 262 -10.37 26.87 7.31
C PHE F 262 -10.16 26.51 5.84
N TYR F 263 -10.72 25.38 5.44
CA TYR F 263 -10.66 24.88 4.07
C TYR F 263 -12.05 24.48 3.63
N GLU F 264 -12.39 24.77 2.38
CA GLU F 264 -13.70 24.42 1.84
C GLU F 264 -13.45 23.54 0.62
N ILE F 265 -13.75 22.25 0.75
CA ILE F 265 -13.55 21.30 -0.33
C ILE F 265 -14.86 20.86 -0.97
N PRO F 266 -14.85 20.64 -2.30
CA PRO F 266 -16.03 20.20 -3.04
C PRO F 266 -16.02 18.71 -3.35
N ILE F 267 -17.15 18.05 -3.11
CA ILE F 267 -17.27 16.64 -3.41
C ILE F 267 -17.39 16.54 -4.92
N SER F 268 -16.40 15.92 -5.57
CA SER F 268 -16.42 15.78 -7.02
C SER F 268 -16.37 14.32 -7.49
N PRO F 269 -17.35 13.92 -8.32
CA PRO F 269 -17.39 12.55 -8.84
C PRO F 269 -16.14 12.24 -9.67
N GLY F 270 -15.61 11.02 -9.53
CA GLY F 270 -14.45 10.63 -10.32
C GLY F 270 -13.15 10.53 -9.54
N ARG F 271 -13.05 11.24 -8.43
CA ARG F 271 -11.84 11.24 -7.61
C ARG F 271 -12.13 10.92 -6.15
N LYS F 272 -11.09 10.62 -5.38
CA LYS F 272 -11.26 10.27 -3.97
C LYS F 272 -11.27 11.49 -3.06
N THR F 273 -12.39 11.67 -2.35
CA THR F 273 -12.54 12.77 -1.40
C THR F 273 -11.53 12.66 -0.27
N SER F 274 -11.33 11.43 0.22
CA SER F 274 -10.40 11.21 1.32
C SER F 274 -9.06 11.82 1.03
N GLU F 275 -8.59 11.71 -0.21
CA GLU F 275 -7.29 12.25 -0.57
C GLU F 275 -7.24 13.75 -0.81
N ILE F 276 -8.39 14.39 -1.02
CA ILE F 276 -8.35 15.83 -1.21
C ILE F 276 -8.26 16.44 0.20
N ILE F 277 -8.77 15.72 1.19
CA ILE F 277 -8.68 16.23 2.55
C ILE F 277 -7.23 16.13 2.99
N GLU F 278 -6.58 15.01 2.66
CA GLU F 278 -5.17 14.77 2.98
C GLU F 278 -4.30 15.90 2.44
N SER F 279 -4.58 16.32 1.21
CA SER F 279 -3.84 17.39 0.56
C SER F 279 -3.99 18.71 1.37
N ALA F 280 -5.20 18.97 1.86
CA ALA F 280 -5.45 20.18 2.65
C ALA F 280 -4.55 20.18 3.89
N VAL F 281 -4.51 19.05 4.57
CA VAL F 281 -3.68 18.90 5.76
C VAL F 281 -2.22 19.15 5.36
N ILE F 282 -1.81 18.55 4.24
CA ILE F 282 -0.45 18.75 3.77
C ILE F 282 -0.25 20.22 3.48
N ASP F 283 -1.26 20.87 2.91
CA ASP F 283 -1.15 22.30 2.63
C ASP F 283 -0.82 22.99 3.94
N PHE F 284 -1.71 22.79 4.92
CA PHE F 284 -1.57 23.37 6.26
C PHE F 284 -0.18 23.18 6.89
N LYS F 285 0.30 21.94 6.98
CA LYS F 285 1.61 21.69 7.60
C LYS F 285 2.73 22.40 6.85
N LEU F 286 2.62 22.39 5.53
CA LEU F 286 3.60 23.03 4.67
C LEU F 286 3.62 24.55 4.94
N LYS F 287 2.46 25.19 4.89
CA LYS F 287 2.39 26.64 5.13
C LYS F 287 2.91 26.95 6.52
N HIS F 288 2.57 26.11 7.49
CA HIS F 288 3.02 26.33 8.85
C HIS F 288 4.55 26.25 8.94
N SER F 289 5.18 25.45 8.09
CA SER F 289 6.62 25.34 8.11
C SER F 289 7.25 26.52 7.38
N GLY F 290 6.42 27.33 6.73
CA GLY F 290 6.92 28.50 6.02
C GLY F 290 6.98 28.39 4.52
N TYR F 291 6.12 27.57 3.92
CA TYR F 291 6.13 27.42 2.48
C TYR F 291 4.72 27.56 1.91
N ASN F 292 4.59 28.44 0.93
CA ASN F 292 3.31 28.70 0.31
C ASN F 292 3.44 28.40 -1.18
N SER F 293 2.70 27.41 -1.66
CA SER F 293 2.76 27.06 -3.08
C SER F 293 2.40 28.26 -3.94
N ALA F 294 1.23 28.85 -3.71
CA ALA F 294 0.79 30.00 -4.50
C ALA F 294 1.88 31.08 -4.62
N LEU F 295 2.35 31.58 -3.49
CA LEU F 295 3.38 32.60 -3.49
C LEU F 295 4.57 32.20 -4.35
N ASP F 296 5.08 31.00 -4.10
CA ASP F 296 6.21 30.47 -4.84
C ASP F 296 5.93 30.48 -6.32
N PHE F 297 4.68 30.20 -6.69
CA PHE F 297 4.26 30.17 -8.08
C PHE F 297 4.39 31.55 -8.70
N ILE F 298 3.86 32.55 -8.02
CA ILE F 298 3.92 33.93 -8.50
C ILE F 298 5.37 34.40 -8.65
N GLU F 299 6.23 34.07 -7.67
CA GLU F 299 7.63 34.45 -7.74
C GLU F 299 8.28 33.81 -8.95
N ASN F 300 7.79 32.63 -9.31
CA ASN F 300 8.33 31.90 -10.46
C ASN F 300 7.95 32.65 -11.74
N GLN F 301 6.72 33.18 -11.80
CA GLN F 301 6.28 33.93 -12.97
C GLN F 301 7.17 35.13 -13.22
N LYS F 302 7.37 35.92 -12.16
CA LYS F 302 8.21 37.10 -12.25
C LYS F 302 9.64 36.76 -12.68
N ALA F 303 10.23 35.75 -12.04
CA ALA F 303 11.59 35.33 -12.38
C ALA F 303 11.71 35.06 -13.87
N ILE F 304 10.69 34.41 -14.44
CA ILE F 304 10.66 34.10 -15.86
C ILE F 304 10.49 35.37 -16.69
N LEU F 305 9.69 36.30 -16.18
CA LEU F 305 9.45 37.56 -16.87
C LEU F 305 10.66 38.49 -16.78
N LYS F 306 11.38 38.61 -17.89
CA LYS F 306 12.56 39.45 -17.94
C LYS F 306 12.99 39.61 -19.39
N ARG F 307 12.58 40.73 -20.00
CA ARG F 307 12.90 41.02 -21.39
C ARG F 307 14.38 41.36 -21.56
#